data_4AP6
#
_entry.id   4AP6
#
_cell.length_a   153.010
_cell.length_b   153.010
_cell.length_c   185.680
_cell.angle_alpha   90.00
_cell.angle_beta   90.00
_cell.angle_gamma   120.00
#
_symmetry.space_group_name_H-M   'P 32 2 1'
#
loop_
_entity.id
_entity.type
_entity.pdbx_description
1 polymer 'GDP-FUCOSE PROTEIN O-FUCOSYLTRANSFERASE 2'
2 non-polymer "GUANOSINE-5'-DIPHOSPHATE-BETA-L-FUCOPYRANOSE"
3 non-polymer 2-acetamido-2-deoxy-beta-D-glucopyranose
4 non-polymer 'CHLORIDE ION'
5 water water
#
_entity_poly.entity_id   1
_entity_poly.type   'polypeptide(L)'
_entity_poly.pdbx_seq_one_letter_code
;SMASHHHHHHSSGDYKDDDDKLEVLFQGPSGAASRRRYLLYDVNPPAGFNLRRDVYIRIASLLKTLLKTEEWVLVLPPWG
RLYHWQSPDIHQVRIPWSEFFDLPSLNKNIPVIEYEQFIAESGGPFIDQVYVLQSYAEGWKEGTWEEKVDERPCIDQLLY
SQDKHEYYRGWFWGYEETRGLNVSCLSVQGSASIVAPLLLRNTSARSVMLDRAENLLHDHYGGKEYWDTRRSMVFARHLR
EVGDEFRSRHLNSTDDADRIPFQEDWMKMKVKLGSALGGPYLGVHLRRKDFIWGHRQDVPSLEGAVRKIRSLMKTHRLDK
VFVATDAVRKEYEELKKLLPEMVRFEPTWEELELYKDGGVAIIDQWICAHARFFIGTSVSTFSFRIHEEREILGLDPKTT
YNRFCGDQEKACEQPTHWKITY
;
_entity_poly.pdbx_strand_id   A,B,C,D
#
loop_
_chem_comp.id
_chem_comp.type
_chem_comp.name
_chem_comp.formula
CL non-polymer 'CHLORIDE ION' 'Cl -1'
GFB non-polymer GUANOSINE-5'-DIPHOSPHATE-BETA-L-FUCOPYRANOSE 'C16 H25 N5 O15 P2'
NAG D-saccharide, beta linking 2-acetamido-2-deoxy-beta-D-glucopyranose 'C8 H15 N O6'
#
# COMPACT_ATOMS: atom_id res chain seq x y z
N SER A 34 36.66 -61.70 36.98
CA SER A 34 37.21 -63.06 36.98
C SER A 34 37.45 -63.54 35.56
N ARG A 35 36.66 -64.52 35.14
CA ARG A 35 36.82 -65.11 33.83
C ARG A 35 36.41 -64.17 32.71
N ARG A 36 35.70 -63.09 33.03
CA ARG A 36 35.03 -62.32 31.98
C ARG A 36 35.65 -60.96 31.74
N ARG A 37 35.51 -60.49 30.51
CA ARG A 37 36.02 -59.18 30.08
C ARG A 37 34.90 -58.16 29.93
N TYR A 38 35.24 -56.90 30.24
CA TYR A 38 34.25 -55.85 30.31
C TYR A 38 34.32 -54.90 29.13
N LEU A 39 33.16 -54.51 28.62
CA LEU A 39 33.09 -53.54 27.52
C LEU A 39 32.37 -52.27 27.96
N LEU A 40 32.97 -51.11 27.66
CA LEU A 40 32.39 -49.83 28.02
C LEU A 40 32.53 -48.86 26.86
N TYR A 41 31.66 -47.86 26.84
CA TYR A 41 31.73 -46.93 25.72
C TYR A 41 31.15 -45.59 26.12
N ASP A 42 31.48 -44.58 25.35
CA ASP A 42 30.85 -43.28 25.50
C ASP A 42 30.66 -42.74 24.09
N VAL A 43 29.85 -41.70 23.99
CA VAL A 43 29.52 -41.13 22.71
C VAL A 43 29.90 -39.68 22.70
N ASN A 44 30.00 -39.12 21.51
CA ASN A 44 30.26 -37.70 21.37
C ASN A 44 29.29 -36.89 22.27
N PRO A 45 29.81 -35.88 22.97
CA PRO A 45 29.07 -35.07 23.95
C PRO A 45 27.80 -34.39 23.42
N PRO A 46 27.80 -33.99 22.15
CA PRO A 46 26.55 -33.38 21.70
C PRO A 46 25.37 -34.39 21.59
N ALA A 47 25.66 -35.69 21.61
CA ALA A 47 24.67 -36.70 21.23
C ALA A 47 23.47 -36.61 22.13
N GLY A 48 22.29 -36.74 21.53
CA GLY A 48 21.04 -36.71 22.26
C GLY A 48 20.71 -38.02 22.95
N PHE A 49 19.82 -37.96 23.91
CA PHE A 49 19.31 -39.15 24.59
C PHE A 49 18.91 -40.25 23.60
N ASN A 50 18.14 -39.86 22.59
CA ASN A 50 17.56 -40.79 21.64
C ASN A 50 18.59 -41.40 20.67
N LEU A 51 19.68 -40.70 20.49
CA LEU A 51 20.75 -41.23 19.67
C LEU A 51 21.61 -42.19 20.47
N ARG A 52 21.86 -41.84 21.70
CA ARG A 52 22.65 -42.73 22.54
C ARG A 52 21.98 -44.08 22.60
N ARG A 53 20.67 -44.08 22.42
CA ARG A 53 19.91 -45.31 22.43
C ARG A 53 20.21 -46.11 21.17
N ASP A 54 20.32 -45.45 20.03
CA ASP A 54 20.67 -46.17 18.82
C ASP A 54 22.06 -46.76 18.94
N VAL A 55 22.97 -45.98 19.49
CA VAL A 55 24.34 -46.45 19.62
C VAL A 55 24.42 -47.69 20.51
N TYR A 56 23.62 -47.72 21.58
CA TYR A 56 23.60 -48.90 22.45
C TYR A 56 23.34 -50.18 21.66
N ILE A 57 22.38 -50.15 20.76
CA ILE A 57 22.13 -51.27 19.87
C ILE A 57 23.38 -51.63 19.07
N ARG A 58 24.04 -50.61 18.51
CA ARG A 58 25.28 -50.83 17.80
C ARG A 58 26.31 -51.54 18.67
N ILE A 59 26.44 -51.17 19.92
CA ILE A 59 27.45 -51.82 20.73
C ILE A 59 26.99 -53.24 21.00
N ALA A 60 25.70 -53.41 21.25
CA ALA A 60 25.16 -54.74 21.49
C ALA A 60 25.63 -55.62 20.35
N SER A 61 25.34 -55.18 19.12
CA SER A 61 25.74 -55.92 17.92
C SER A 61 27.18 -56.41 18.07
N LEU A 62 28.08 -55.52 18.49
CA LEU A 62 29.46 -55.91 18.62
C LEU A 62 29.62 -56.95 19.70
N LEU A 63 29.07 -56.69 20.87
CA LEU A 63 29.29 -57.59 22.02
C LEU A 63 28.88 -59.00 21.67
N LYS A 64 27.73 -59.10 21.02
CA LYS A 64 27.20 -60.38 20.63
C LYS A 64 28.25 -61.14 19.86
N THR A 65 28.90 -60.44 18.93
CA THR A 65 29.92 -61.03 18.11
C THR A 65 31.13 -61.44 18.95
N LEU A 66 31.40 -60.68 20.00
CA LEU A 66 32.49 -60.97 20.91
C LEU A 66 32.19 -62.23 21.72
N LEU A 67 30.93 -62.35 22.12
CA LEU A 67 30.50 -63.45 22.95
C LEU A 67 30.61 -64.78 22.23
N LYS A 68 30.70 -64.75 20.92
CA LYS A 68 30.82 -65.98 20.16
C LYS A 68 32.15 -66.66 20.46
N THR A 69 33.08 -65.90 21.03
CA THR A 69 34.44 -66.37 21.23
C THR A 69 34.77 -66.46 22.71
N GLU A 70 34.71 -65.34 23.40
CA GLU A 70 35.02 -65.30 24.83
C GLU A 70 33.86 -64.89 25.69
N GLU A 71 34.13 -64.77 26.98
CA GLU A 71 33.16 -64.38 27.98
C GLU A 71 33.19 -62.86 28.08
N TRP A 72 32.13 -62.18 27.65
CA TRP A 72 32.06 -60.72 27.74
C TRP A 72 30.80 -60.20 28.41
N VAL A 73 30.85 -58.97 28.91
CA VAL A 73 29.65 -58.33 29.41
C VAL A 73 29.68 -56.85 29.10
N LEU A 74 28.55 -56.30 28.66
CA LEU A 74 28.48 -54.85 28.39
C LEU A 74 28.26 -54.09 29.68
N VAL A 75 28.96 -52.97 29.85
CA VAL A 75 28.79 -52.15 31.04
C VAL A 75 28.06 -50.90 30.64
N LEU A 76 26.83 -50.78 31.11
CA LEU A 76 25.94 -49.67 30.75
C LEU A 76 26.42 -48.31 31.19
N PRO A 77 26.70 -47.43 30.21
CA PRO A 77 27.26 -46.11 30.49
C PRO A 77 26.25 -45.24 31.20
N PRO A 78 26.61 -44.67 32.37
CA PRO A 78 25.68 -43.86 33.14
C PRO A 78 25.15 -42.73 32.29
N TRP A 79 23.85 -42.47 32.40
CA TRP A 79 23.22 -41.37 31.71
C TRP A 79 23.58 -40.08 32.38
N GLY A 80 23.38 -38.98 31.68
CA GLY A 80 23.84 -37.67 32.12
C GLY A 80 25.00 -37.27 31.24
N ARG A 81 25.17 -35.97 31.06
CA ARG A 81 26.03 -35.50 29.99
C ARG A 81 26.98 -34.35 30.31
N LEU A 82 28.12 -34.32 29.63
CA LEU A 82 29.11 -33.29 29.87
C LEU A 82 28.53 -31.89 29.75
N TYR A 83 27.75 -31.63 28.70
CA TYR A 83 27.21 -30.30 28.54
C TYR A 83 25.87 -30.33 29.24
N HIS A 84 25.84 -29.81 30.46
CA HIS A 84 24.77 -30.11 31.40
C HIS A 84 23.71 -29.07 31.22
N TRP A 85 24.00 -28.13 30.33
CA TRP A 85 23.08 -27.06 30.06
C TRP A 85 22.31 -27.43 28.81
N GLN A 86 22.66 -28.55 28.21
CA GLN A 86 21.86 -29.09 27.13
C GLN A 86 20.50 -29.45 27.73
N SER A 87 20.54 -30.25 28.79
CA SER A 87 19.34 -30.65 29.50
C SER A 87 18.94 -29.63 30.57
N PRO A 88 17.64 -29.35 30.68
CA PRO A 88 17.37 -28.55 31.87
C PRO A 88 17.70 -29.36 33.12
N ASP A 89 17.03 -30.51 33.21
CA ASP A 89 17.05 -31.33 34.41
C ASP A 89 17.04 -30.36 35.59
N ILE A 90 17.81 -30.69 36.61
CA ILE A 90 18.60 -29.68 37.27
C ILE A 90 19.93 -30.38 37.42
N HIS A 91 20.88 -30.09 36.55
CA HIS A 91 22.16 -30.75 36.65
C HIS A 91 22.02 -32.22 37.08
N GLN A 92 21.48 -33.06 36.20
CA GLN A 92 21.40 -34.50 36.49
C GLN A 92 22.45 -35.39 35.80
N VAL A 93 23.05 -36.27 36.61
CA VAL A 93 24.30 -36.92 36.29
C VAL A 93 24.44 -38.28 36.98
N ARG A 94 25.19 -39.18 36.35
CA ARG A 94 25.45 -40.52 36.87
C ARG A 94 24.20 -41.36 37.04
N ILE A 95 23.15 -41.00 36.30
CA ILE A 95 21.92 -41.75 36.30
C ILE A 95 22.12 -43.15 35.73
N PRO A 96 21.74 -44.18 36.50
CA PRO A 96 21.84 -45.59 36.11
C PRO A 96 20.72 -45.96 35.14
N TRP A 97 20.96 -46.92 34.27
CA TRP A 97 19.96 -47.27 33.28
C TRP A 97 18.69 -47.77 33.93
N SER A 98 18.81 -48.19 35.19
CA SER A 98 17.67 -48.70 35.95
C SER A 98 16.50 -47.72 35.89
N GLU A 99 16.82 -46.43 35.77
CA GLU A 99 15.82 -45.37 35.84
C GLU A 99 15.06 -45.19 34.54
N PHE A 100 15.58 -45.77 33.46
CA PHE A 100 15.01 -45.61 32.12
C PHE A 100 14.48 -46.93 31.57
N PHE A 101 15.32 -47.95 31.48
CA PHE A 101 14.86 -49.24 31.01
C PHE A 101 14.72 -50.32 32.09
N ASP A 102 14.21 -51.48 31.67
CA ASP A 102 14.07 -52.63 32.56
C ASP A 102 15.25 -53.57 32.35
N LEU A 103 16.12 -53.64 33.34
CA LEU A 103 17.39 -54.34 33.19
C LEU A 103 17.28 -55.83 32.85
N PRO A 104 16.43 -56.55 33.57
CA PRO A 104 16.24 -57.96 33.27
C PRO A 104 15.89 -58.17 31.81
N SER A 105 15.13 -57.23 31.26
CA SER A 105 14.70 -57.27 29.87
C SER A 105 15.89 -57.10 28.96
N LEU A 106 16.67 -56.08 29.23
CA LEU A 106 17.87 -55.82 28.48
C LEU A 106 18.75 -57.04 28.47
N ASN A 107 18.74 -57.76 29.59
CA ASN A 107 19.72 -58.80 29.85
C ASN A 107 19.41 -60.08 29.11
N LYS A 108 18.13 -60.32 28.90
CA LYS A 108 17.69 -61.43 28.05
C LYS A 108 18.28 -61.35 26.63
N ASN A 109 18.76 -60.17 26.23
CA ASN A 109 19.36 -59.94 24.90
C ASN A 109 20.86 -60.20 24.94
N ILE A 110 21.55 -59.46 25.80
CA ILE A 110 22.97 -59.68 26.03
C ILE A 110 23.26 -59.53 27.52
N PRO A 111 24.34 -60.16 28.00
CA PRO A 111 24.70 -59.96 29.40
C PRO A 111 25.12 -58.53 29.58
N VAL A 112 24.57 -57.88 30.58
CA VAL A 112 24.75 -56.46 30.71
C VAL A 112 24.79 -56.10 32.19
N ILE A 113 25.64 -55.15 32.57
CA ILE A 113 25.66 -54.71 33.95
C ILE A 113 25.78 -53.21 34.09
N GLU A 114 25.31 -52.71 35.23
CA GLU A 114 25.34 -51.28 35.49
C GLU A 114 26.74 -50.88 35.93
N TYR A 115 27.12 -49.63 35.65
CA TYR A 115 28.49 -49.21 35.92
C TYR A 115 28.87 -49.32 37.38
N GLU A 116 27.99 -48.87 38.27
CA GLU A 116 28.26 -48.92 39.70
C GLU A 116 28.64 -50.35 40.09
N GLN A 117 28.07 -51.33 39.40
CA GLN A 117 28.37 -52.72 39.71
C GLN A 117 29.68 -53.16 39.09
N PHE A 118 30.04 -52.56 37.95
CA PHE A 118 31.35 -52.79 37.37
C PHE A 118 32.46 -52.40 38.34
N ILE A 119 32.27 -51.29 39.04
CA ILE A 119 33.21 -50.87 40.07
C ILE A 119 33.21 -51.90 41.17
N ALA A 120 32.06 -52.51 41.43
CA ALA A 120 31.97 -53.53 42.45
C ALA A 120 32.80 -54.77 42.06
N GLU A 121 32.51 -55.31 40.88
CA GLU A 121 33.20 -56.50 40.38
C GLU A 121 34.71 -56.34 40.22
N SER A 122 35.13 -55.47 39.30
CA SER A 122 36.56 -55.16 39.17
C SER A 122 37.00 -54.39 40.40
N GLY A 123 38.30 -54.33 40.67
CA GLY A 123 38.73 -53.83 41.95
C GLY A 123 38.24 -52.43 42.27
N GLY A 124 38.65 -51.46 41.46
CA GLY A 124 38.16 -50.09 41.57
C GLY A 124 37.34 -49.68 40.37
N PRO A 125 37.27 -48.36 40.14
CA PRO A 125 36.82 -47.73 38.90
C PRO A 125 38.00 -47.54 37.97
N PHE A 126 38.62 -48.63 37.56
CA PHE A 126 39.75 -48.59 36.65
C PHE A 126 39.41 -49.23 35.32
N ILE A 127 39.89 -48.64 34.24
CA ILE A 127 39.70 -49.23 32.91
C ILE A 127 41.05 -49.51 32.30
N ASP A 128 41.22 -50.70 31.74
CA ASP A 128 42.53 -51.11 31.26
C ASP A 128 42.93 -50.40 29.98
N GLN A 129 42.03 -50.37 29.01
CA GLN A 129 42.32 -49.74 27.74
C GLN A 129 41.17 -48.87 27.30
N VAL A 130 41.48 -47.65 26.93
CA VAL A 130 40.50 -46.76 26.31
C VAL A 130 40.92 -46.54 24.87
N TYR A 131 40.04 -46.85 23.93
CA TYR A 131 40.31 -46.53 22.54
C TYR A 131 39.40 -45.38 22.11
N VAL A 132 39.97 -44.30 21.62
CA VAL A 132 39.12 -43.27 21.07
C VAL A 132 38.93 -43.51 19.59
N LEU A 133 37.67 -43.63 19.18
CA LEU A 133 37.34 -43.92 17.78
C LEU A 133 37.38 -42.65 16.94
N GLN A 134 37.97 -42.74 15.76
CA GLN A 134 38.04 -41.60 14.87
C GLN A 134 37.95 -42.07 13.45
N SER A 135 37.67 -41.15 12.54
CA SER A 135 37.68 -41.51 11.12
C SER A 135 39.13 -41.68 10.66
N TYR A 136 39.31 -41.97 9.38
CA TYR A 136 40.65 -42.19 8.87
C TYR A 136 41.28 -40.89 8.46
N ALA A 137 42.52 -40.68 8.88
CA ALA A 137 43.20 -39.44 8.55
C ALA A 137 43.08 -39.17 7.05
N GLU A 138 43.51 -40.14 6.26
CA GLU A 138 43.59 -40.01 4.82
C GLU A 138 42.23 -39.87 4.19
N GLY A 139 41.18 -39.99 4.98
CA GLY A 139 39.83 -39.95 4.43
C GLY A 139 39.62 -41.06 3.41
N TRP A 140 38.86 -40.81 2.37
CA TRP A 140 38.77 -41.80 1.30
C TRP A 140 38.49 -41.16 -0.04
N LYS A 141 39.10 -41.70 -1.10
CA LYS A 141 38.73 -41.33 -2.46
C LYS A 141 37.51 -42.17 -2.75
N GLU A 142 37.03 -42.15 -3.99
CA GLU A 142 35.90 -43.02 -4.32
C GLU A 142 36.42 -44.34 -4.89
N GLY A 143 35.77 -45.43 -4.51
CA GLY A 143 36.27 -46.79 -4.73
C GLY A 143 36.92 -47.28 -3.44
N THR A 144 37.22 -46.32 -2.58
CA THR A 144 38.07 -46.56 -1.43
C THR A 144 37.27 -47.16 -0.28
N TRP A 145 36.00 -47.49 -0.51
CA TRP A 145 35.21 -48.00 0.60
C TRP A 145 35.56 -49.44 0.97
N GLU A 146 36.02 -49.58 2.21
CA GLU A 146 36.46 -50.83 2.78
C GLU A 146 36.19 -50.79 4.28
N GLU A 147 35.72 -51.89 4.84
CA GLU A 147 35.51 -51.96 6.28
C GLU A 147 36.83 -52.26 6.92
N LYS A 148 37.21 -51.49 7.94
CA LYS A 148 38.55 -51.66 8.50
C LYS A 148 38.78 -50.82 9.73
N VAL A 149 39.76 -51.21 10.53
CA VAL A 149 40.11 -50.47 11.72
C VAL A 149 41.60 -50.55 11.98
N ASP A 150 42.23 -49.40 12.29
CA ASP A 150 43.66 -49.36 12.57
C ASP A 150 44.05 -48.47 13.79
N GLU A 151 45.05 -48.93 14.52
CA GLU A 151 45.77 -48.07 15.44
C GLU A 151 46.23 -46.88 14.62
N ARG A 152 45.88 -45.68 15.05
CA ARG A 152 46.34 -44.50 14.33
C ARG A 152 46.63 -43.37 15.30
N PRO A 153 47.58 -42.51 14.91
CA PRO A 153 47.80 -41.26 15.63
C PRO A 153 46.48 -40.50 15.78
N CYS A 154 46.34 -39.77 16.89
CA CYS A 154 45.07 -39.10 17.19
C CYS A 154 44.83 -37.97 16.24
N ILE A 155 43.72 -38.04 15.53
CA ILE A 155 43.39 -36.98 14.59
C ILE A 155 43.06 -35.72 15.34
N ASP A 156 42.34 -35.89 16.44
CA ASP A 156 41.95 -34.78 17.27
C ASP A 156 42.68 -34.81 18.61
N GLN A 157 42.88 -33.64 19.21
CA GLN A 157 43.59 -33.57 20.48
C GLN A 157 42.85 -34.39 21.53
N LEU A 158 43.59 -35.28 22.18
CA LEU A 158 43.00 -36.21 23.15
C LEU A 158 42.46 -35.46 24.32
N LEU A 159 41.35 -35.90 24.87
CA LEU A 159 40.81 -35.20 26.04
C LEU A 159 41.29 -35.70 27.40
N TYR A 160 41.92 -36.87 27.43
CA TYR A 160 42.38 -37.46 28.70
C TYR A 160 43.71 -36.85 29.14
N SER A 161 43.78 -36.46 30.40
CA SER A 161 45.04 -35.97 30.96
C SER A 161 45.59 -37.01 31.93
N GLN A 162 46.91 -37.10 32.03
CA GLN A 162 47.53 -37.98 33.02
C GLN A 162 47.63 -37.34 34.42
N ASP A 163 47.42 -38.12 35.48
CA ASP A 163 47.59 -37.59 36.83
C ASP A 163 49.03 -37.79 37.34
N LYS A 164 49.33 -37.34 38.55
CA LYS A 164 50.68 -37.51 39.03
C LYS A 164 51.08 -38.98 39.10
N HIS A 165 50.09 -39.87 39.10
CA HIS A 165 50.32 -41.31 39.12
C HIS A 165 50.27 -42.00 37.76
N GLU A 166 50.18 -41.23 36.68
CA GLU A 166 50.22 -41.79 35.33
C GLU A 166 48.90 -42.40 34.86
N TYR A 167 47.91 -42.47 35.74
CA TYR A 167 46.57 -42.90 35.33
C TYR A 167 45.98 -41.84 34.42
N TYR A 168 45.10 -42.22 33.51
CA TYR A 168 44.45 -41.22 32.65
C TYR A 168 43.11 -40.77 33.23
N ARG A 169 43.04 -39.52 33.65
CA ARG A 169 41.80 -38.94 34.15
C ARG A 169 41.00 -38.48 32.96
N GLY A 170 39.68 -38.50 33.09
CA GLY A 170 38.82 -38.08 32.00
C GLY A 170 37.41 -37.74 32.47
N TRP A 171 36.48 -37.60 31.52
CA TRP A 171 35.10 -37.30 31.88
C TRP A 171 34.39 -38.53 32.46
N PHE A 172 34.58 -39.67 31.82
CA PHE A 172 34.12 -40.94 32.38
C PHE A 172 32.71 -40.88 32.96
N TRP A 173 31.76 -40.40 32.17
CA TRP A 173 30.34 -40.40 32.54
C TRP A 173 30.11 -39.69 33.87
N GLY A 174 31.03 -38.81 34.22
CA GLY A 174 30.85 -37.99 35.40
C GLY A 174 31.37 -38.67 36.63
N TYR A 175 31.97 -39.85 36.46
CA TYR A 175 32.46 -40.57 37.63
C TYR A 175 33.89 -40.14 37.87
N GLU A 176 34.06 -39.26 38.86
CA GLU A 176 35.24 -38.42 38.90
C GLU A 176 36.48 -39.23 39.20
N GLU A 177 36.28 -40.35 39.89
CA GLU A 177 37.39 -41.13 40.39
C GLU A 177 37.84 -42.18 39.41
N THR A 178 37.19 -42.27 38.26
CA THR A 178 37.58 -43.25 37.26
C THR A 178 38.96 -42.90 36.75
N ARG A 179 39.83 -43.89 36.69
CA ARG A 179 41.15 -43.74 36.09
C ARG A 179 41.36 -44.85 35.06
N GLY A 180 41.77 -44.46 33.85
CA GLY A 180 42.19 -45.40 32.81
C GLY A 180 43.68 -45.69 32.72
N LEU A 181 44.03 -46.91 32.29
CA LEU A 181 45.42 -47.35 32.23
C LEU A 181 46.19 -46.94 30.98
N ASN A 182 45.56 -47.01 29.82
CA ASN A 182 46.19 -46.65 28.57
C ASN A 182 45.16 -46.08 27.58
N VAL A 183 45.58 -45.08 26.79
CA VAL A 183 44.66 -44.46 25.84
C VAL A 183 45.32 -44.35 24.50
N SER A 184 44.61 -44.75 23.44
CA SER A 184 45.10 -44.67 22.06
C SER A 184 43.92 -44.26 21.21
N CYS A 185 44.18 -43.96 19.95
CA CYS A 185 43.11 -43.69 19.02
C CYS A 185 42.99 -44.81 18.02
N LEU A 186 41.78 -45.03 17.52
CA LEU A 186 41.54 -46.03 16.48
C LEU A 186 40.79 -45.42 15.32
N SER A 187 41.43 -45.36 14.15
CA SER A 187 40.71 -45.01 12.93
C SER A 187 39.82 -46.21 12.60
N VAL A 188 38.59 -45.97 12.18
CA VAL A 188 37.64 -47.07 11.98
C VAL A 188 36.63 -46.75 10.89
N GLN A 189 36.20 -47.77 10.15
CA GLN A 189 35.27 -47.53 9.04
C GLN A 189 33.91 -48.23 9.09
N GLY A 190 33.88 -49.57 9.13
CA GLY A 190 32.61 -50.28 8.96
C GLY A 190 31.64 -50.41 10.15
N SER A 191 30.96 -51.56 10.22
CA SER A 191 30.00 -51.83 11.26
C SER A 191 30.70 -52.03 12.58
N ALA A 192 29.93 -52.22 13.63
CA ALA A 192 30.47 -52.25 14.99
C ALA A 192 31.34 -53.48 15.20
N SER A 193 30.91 -54.60 14.67
CA SER A 193 31.63 -55.85 14.89
C SER A 193 32.99 -55.85 14.22
N ILE A 194 33.23 -54.88 13.35
CA ILE A 194 34.52 -54.79 12.66
C ILE A 194 35.67 -54.73 13.67
N VAL A 195 35.33 -54.29 14.86
CA VAL A 195 36.25 -54.11 15.94
C VAL A 195 36.58 -55.41 16.69
N ALA A 196 35.67 -56.36 16.64
CA ALA A 196 35.72 -57.54 17.51
C ALA A 196 37.06 -58.26 17.54
N PRO A 197 37.60 -58.59 16.36
CA PRO A 197 38.84 -59.37 16.37
C PRO A 197 39.93 -58.64 17.12
N LEU A 198 40.10 -57.36 16.83
CA LEU A 198 41.12 -56.57 17.49
C LEU A 198 41.03 -56.71 19.01
N LEU A 199 39.82 -56.62 19.52
CA LEU A 199 39.57 -56.80 20.94
C LEU A 199 39.86 -58.22 21.41
N LEU A 200 39.58 -59.20 20.54
CA LEU A 200 39.76 -60.59 20.92
C LEU A 200 41.21 -61.01 20.88
N ARG A 201 41.92 -60.63 19.83
CA ARG A 201 43.26 -61.09 19.58
C ARG A 201 44.33 -60.08 19.96
N ASN A 202 44.23 -58.89 19.35
CA ASN A 202 45.23 -57.84 19.51
C ASN A 202 45.30 -57.10 20.86
N THR A 203 44.41 -57.39 21.80
CA THR A 203 44.58 -56.87 23.17
C THR A 203 44.26 -57.88 24.31
N SER A 204 44.97 -57.71 25.44
CA SER A 204 44.84 -58.56 26.63
C SER A 204 43.96 -57.96 27.74
N ALA A 205 43.45 -56.75 27.53
CA ALA A 205 42.83 -55.98 28.60
C ALA A 205 41.55 -56.58 29.16
N ARG A 206 41.43 -56.59 30.49
CA ARG A 206 40.24 -57.11 31.19
C ARG A 206 39.02 -56.24 30.88
N SER A 207 39.27 -54.96 30.69
CA SER A 207 38.22 -53.98 30.45
C SER A 207 38.66 -53.00 29.37
N VAL A 208 37.78 -52.77 28.40
CA VAL A 208 38.09 -51.92 27.27
C VAL A 208 36.98 -50.93 27.04
N MET A 209 37.34 -49.66 26.87
CA MET A 209 36.34 -48.64 26.59
C MET A 209 36.46 -48.03 25.21
N LEU A 210 35.33 -47.88 24.53
CA LEU A 210 35.33 -47.27 23.22
C LEU A 210 34.72 -45.88 23.27
N ASP A 211 35.55 -44.86 23.21
CA ASP A 211 35.06 -43.51 23.15
C ASP A 211 34.68 -43.12 21.73
N ARG A 212 33.79 -42.13 21.60
CA ARG A 212 33.34 -41.70 20.28
C ARG A 212 32.73 -42.86 19.52
N ALA A 213 31.98 -43.67 20.27
CA ALA A 213 31.46 -44.92 19.76
C ALA A 213 30.55 -44.72 18.57
N GLU A 214 29.93 -43.56 18.47
CA GLU A 214 29.00 -43.31 17.37
C GLU A 214 29.70 -43.43 16.04
N ASN A 215 31.03 -43.46 16.05
CA ASN A 215 31.80 -43.71 14.85
C ASN A 215 31.46 -45.07 14.23
N LEU A 216 30.96 -45.98 15.06
CA LEU A 216 30.67 -47.34 14.64
C LEU A 216 29.33 -47.38 13.97
N LEU A 217 29.19 -48.27 13.00
CA LEU A 217 27.94 -48.35 12.26
C LEU A 217 27.12 -49.54 12.69
N HIS A 218 25.88 -49.63 12.22
CA HIS A 218 25.06 -50.77 12.60
C HIS A 218 25.56 -52.00 11.85
N ASP A 219 25.49 -53.16 12.49
CA ASP A 219 25.98 -54.33 11.80
C ASP A 219 25.14 -54.54 10.57
N HIS A 220 23.88 -54.92 10.76
CA HIS A 220 22.93 -54.95 9.68
C HIS A 220 21.66 -54.35 10.28
N TYR A 221 21.27 -53.15 9.83
CA TYR A 221 20.26 -52.39 10.57
C TYR A 221 18.89 -53.02 10.75
N GLY A 222 18.11 -53.17 9.70
CA GLY A 222 16.77 -53.67 9.92
C GLY A 222 16.77 -55.13 10.34
N GLY A 223 17.97 -55.65 10.54
CA GLY A 223 18.19 -57.07 10.73
C GLY A 223 17.49 -57.67 11.91
N LYS A 224 17.37 -58.99 11.89
CA LYS A 224 16.85 -59.77 12.99
C LYS A 224 17.73 -59.63 14.24
N GLU A 225 19.05 -59.61 14.08
CA GLU A 225 19.90 -59.39 15.24
C GLU A 225 19.55 -58.07 15.88
N TYR A 226 19.38 -57.05 15.03
CA TYR A 226 19.08 -55.71 15.49
C TYR A 226 17.83 -55.70 16.33
N TRP A 227 16.74 -56.16 15.72
CA TRP A 227 15.43 -56.08 16.35
C TRP A 227 15.40 -56.78 17.69
N ASP A 228 16.24 -57.79 17.85
CA ASP A 228 16.35 -58.48 19.12
C ASP A 228 16.76 -57.46 20.17
N THR A 229 17.80 -56.73 19.85
CA THR A 229 18.34 -55.74 20.76
C THR A 229 17.30 -54.65 21.02
N ARG A 230 16.72 -54.12 19.95
CA ARG A 230 15.77 -53.02 20.08
C ARG A 230 14.55 -53.38 20.92
N ARG A 231 14.07 -54.61 20.76
CA ARG A 231 12.94 -55.11 21.55
C ARG A 231 13.33 -55.34 22.99
N SER A 232 14.62 -55.52 23.21
CA SER A 232 15.07 -55.84 24.54
C SER A 232 14.98 -54.61 25.41
N MET A 233 14.97 -53.44 24.80
CA MET A 233 15.03 -52.24 25.63
C MET A 233 13.62 -51.88 25.91
N VAL A 234 13.14 -52.26 27.09
CA VAL A 234 11.76 -52.01 27.44
C VAL A 234 11.79 -50.99 28.56
N PHE A 235 10.87 -50.06 28.51
CA PHE A 235 10.91 -48.95 29.43
C PHE A 235 10.78 -49.43 30.87
N ALA A 236 11.42 -48.69 31.76
CA ALA A 236 11.32 -48.94 33.18
C ALA A 236 9.84 -49.02 33.51
N ARG A 237 9.45 -50.02 34.31
CA ARG A 237 8.03 -50.22 34.57
C ARG A 237 7.42 -48.94 35.07
N HIS A 238 8.09 -48.31 36.02
CA HIS A 238 7.51 -47.16 36.66
C HIS A 238 7.06 -46.13 35.63
N LEU A 239 7.80 -46.03 34.55
CA LEU A 239 7.56 -45.03 33.51
C LEU A 239 6.32 -45.33 32.69
N ARG A 240 6.21 -46.57 32.25
CA ARG A 240 5.08 -46.93 31.42
C ARG A 240 3.80 -46.73 32.24
N GLU A 241 3.84 -47.17 33.50
CA GLU A 241 2.69 -46.99 34.39
C GLU A 241 2.18 -45.56 34.36
N VAL A 242 3.11 -44.61 34.38
CA VAL A 242 2.76 -43.20 34.30
C VAL A 242 2.09 -42.82 33.00
N GLY A 243 2.63 -43.33 31.89
CA GLY A 243 2.04 -43.08 30.59
C GLY A 243 0.69 -43.75 30.49
N ASP A 244 0.60 -44.95 31.04
CA ASP A 244 -0.64 -45.68 31.01
C ASP A 244 -1.68 -44.95 31.85
N GLU A 245 -1.23 -44.39 32.95
CA GLU A 245 -2.07 -43.55 33.80
C GLU A 245 -2.66 -42.45 32.94
N PHE A 246 -1.78 -41.78 32.20
CA PHE A 246 -2.17 -40.63 31.41
C PHE A 246 -3.18 -41.01 30.34
N ARG A 247 -2.85 -42.05 29.56
CA ARG A 247 -3.72 -42.56 28.52
C ARG A 247 -5.12 -42.88 29.05
N SER A 248 -5.19 -43.55 30.19
CA SER A 248 -6.48 -43.87 30.79
C SER A 248 -7.22 -42.61 31.20
N ARG A 249 -6.54 -41.70 31.89
CA ARG A 249 -7.21 -40.51 32.43
C ARG A 249 -7.65 -39.51 31.35
N HIS A 250 -6.69 -38.90 30.65
CA HIS A 250 -7.00 -37.87 29.63
C HIS A 250 -7.24 -38.33 28.18
N LEU A 251 -6.78 -39.51 27.84
CA LEU A 251 -6.95 -40.02 26.48
C LEU A 251 -8.03 -41.08 26.21
N ASN A 252 -8.76 -41.50 27.23
CA ASN A 252 -9.72 -42.57 27.04
C ASN A 252 -9.05 -43.76 26.35
N SER A 253 -7.83 -44.07 26.76
CA SER A 253 -7.07 -45.16 26.16
C SER A 253 -6.41 -46.11 27.16
N THR A 254 -6.64 -47.40 26.96
CA THR A 254 -6.07 -48.43 27.81
C THR A 254 -5.68 -49.55 26.86
N ASP A 255 -4.82 -50.47 27.31
CA ASP A 255 -4.30 -51.46 26.39
C ASP A 255 -5.36 -52.36 25.73
N ASP A 256 -6.37 -52.76 26.49
CA ASP A 256 -7.44 -53.61 25.94
C ASP A 256 -8.31 -52.88 24.92
N ALA A 257 -8.66 -51.64 25.24
CA ALA A 257 -9.52 -50.82 24.39
C ALA A 257 -8.80 -50.39 23.14
N ASP A 258 -7.48 -50.43 23.19
CA ASP A 258 -6.65 -50.10 22.05
C ASP A 258 -6.29 -51.34 21.27
N ARG A 259 -6.87 -52.47 21.68
CA ARG A 259 -6.66 -53.74 21.01
C ARG A 259 -5.16 -54.06 20.88
N ILE A 260 -4.40 -53.86 21.95
CA ILE A 260 -2.99 -54.19 21.99
C ILE A 260 -2.67 -55.12 23.15
N PRO A 261 -2.70 -56.44 22.93
CA PRO A 261 -2.42 -57.31 24.06
C PRO A 261 -0.97 -57.11 24.47
N PHE A 262 -0.72 -57.09 25.78
CA PHE A 262 0.66 -56.91 26.24
C PHE A 262 1.16 -58.11 27.01
N GLN A 263 2.48 -58.22 26.99
CA GLN A 263 3.21 -59.32 27.55
C GLN A 263 4.46 -58.69 28.21
N GLU A 264 4.78 -59.09 29.44
CA GLU A 264 5.92 -58.52 30.14
C GLU A 264 7.24 -58.99 29.52
N ASP A 265 7.29 -60.28 29.15
CA ASP A 265 8.48 -60.84 28.56
C ASP A 265 8.49 -60.41 27.11
N TRP A 266 9.45 -59.58 26.73
CA TRP A 266 9.45 -59.00 25.39
C TRP A 266 9.64 -60.08 24.35
N MET A 267 10.22 -61.20 24.77
CA MET A 267 10.51 -62.31 23.91
C MET A 267 9.21 -63.02 23.56
N LYS A 268 8.30 -63.09 24.52
CA LYS A 268 7.06 -63.82 24.35
C LYS A 268 6.05 -63.00 23.58
N MET A 269 6.43 -61.79 23.18
CA MET A 269 5.51 -60.96 22.45
C MET A 269 5.89 -60.74 20.99
N LYS A 270 5.20 -61.46 20.10
CA LYS A 270 5.29 -61.32 18.65
C LYS A 270 3.88 -60.99 18.19
N VAL A 271 3.75 -60.08 17.22
CA VAL A 271 2.45 -59.50 16.90
C VAL A 271 2.20 -59.39 15.42
N LYS A 272 1.11 -59.98 14.93
CA LYS A 272 0.74 -59.87 13.51
C LYS A 272 0.65 -58.41 13.15
N LEU A 273 1.31 -58.01 12.06
CA LEU A 273 1.46 -56.59 11.77
C LEU A 273 0.15 -55.92 11.39
N GLY A 274 -0.22 -54.87 12.12
CA GLY A 274 -1.44 -54.13 11.84
C GLY A 274 -2.65 -54.65 12.59
N SER A 275 -2.39 -55.46 13.62
CA SER A 275 -3.43 -55.96 14.50
C SER A 275 -3.80 -54.92 15.56
N ALA A 276 -2.78 -54.25 16.09
CA ALA A 276 -2.98 -53.26 17.14
C ALA A 276 -3.73 -52.05 16.64
N LEU A 277 -4.74 -51.64 17.40
CA LEU A 277 -5.63 -50.55 17.00
C LEU A 277 -5.11 -49.15 17.35
N GLY A 278 -4.89 -48.91 18.64
CA GLY A 278 -4.49 -47.61 19.15
C GLY A 278 -5.58 -46.91 19.93
N GLY A 279 -5.22 -45.84 20.63
CA GLY A 279 -6.17 -45.06 21.39
C GLY A 279 -6.95 -44.09 20.52
N PRO A 280 -8.15 -43.73 20.98
CA PRO A 280 -8.98 -42.73 20.30
C PRO A 280 -8.36 -41.37 20.36
N TYR A 281 -7.13 -41.25 19.88
CA TYR A 281 -6.46 -39.95 19.82
C TYR A 281 -5.34 -39.90 18.78
N LEU A 282 -5.00 -38.69 18.34
CA LEU A 282 -3.93 -38.54 17.37
C LEU A 282 -2.63 -38.21 18.08
N GLY A 283 -1.60 -39.02 17.90
CA GLY A 283 -0.30 -38.67 18.47
C GLY A 283 0.60 -37.81 17.61
N VAL A 284 1.23 -36.81 18.20
CA VAL A 284 2.04 -35.88 17.42
C VAL A 284 3.29 -35.43 18.16
N HIS A 285 4.39 -35.39 17.44
CA HIS A 285 5.62 -34.98 18.05
C HIS A 285 6.23 -33.85 17.26
N LEU A 286 6.28 -32.68 17.88
CA LEU A 286 6.77 -31.47 17.21
C LEU A 286 8.11 -31.09 17.77
N ARG A 287 9.17 -31.25 16.98
CA ARG A 287 10.49 -30.98 17.49
C ARG A 287 10.94 -29.59 17.05
N ARG A 288 10.92 -28.65 17.98
CA ARG A 288 11.13 -27.25 17.63
C ARG A 288 12.40 -26.49 18.03
N LYS A 289 13.28 -27.01 18.90
CA LYS A 289 14.38 -26.16 19.45
C LYS A 289 15.63 -25.98 18.52
N ASP A 290 15.55 -26.62 17.36
CA ASP A 290 16.52 -26.48 16.27
C ASP A 290 16.24 -25.25 15.41
N PHE A 291 15.03 -24.71 15.53
CA PHE A 291 14.47 -23.80 14.53
C PHE A 291 15.18 -22.47 14.51
N ILE A 292 15.95 -22.20 15.56
CA ILE A 292 16.63 -20.92 15.63
C ILE A 292 17.60 -20.85 14.46
N TRP A 293 17.72 -21.98 13.76
CA TRP A 293 18.38 -22.03 12.48
C TRP A 293 17.63 -21.11 11.51
N GLY A 294 18.37 -20.31 10.77
CA GLY A 294 17.77 -19.31 9.90
C GLY A 294 16.67 -19.90 9.06
N HIS A 295 16.99 -20.95 8.33
CA HIS A 295 15.95 -21.67 7.64
C HIS A 295 16.19 -23.17 7.56
N ARG A 296 15.10 -23.91 7.75
CA ARG A 296 15.05 -25.35 7.60
C ARG A 296 13.78 -25.71 6.83
N GLN A 297 13.95 -26.35 5.67
CA GLN A 297 12.86 -26.57 4.73
C GLN A 297 11.81 -27.55 5.23
N ASP A 298 12.22 -28.44 6.14
CA ASP A 298 11.38 -29.56 6.52
C ASP A 298 10.57 -29.38 7.80
N VAL A 299 10.59 -28.21 8.40
CA VAL A 299 9.70 -28.05 9.54
C VAL A 299 8.61 -27.02 9.25
N PRO A 300 7.39 -27.30 9.74
CA PRO A 300 6.19 -26.51 9.53
C PRO A 300 6.06 -25.31 10.49
N SER A 301 5.29 -24.31 10.06
CA SER A 301 4.87 -23.22 10.92
C SER A 301 3.82 -23.74 11.87
N LEU A 302 3.57 -22.99 12.94
CA LEU A 302 2.50 -23.40 13.83
C LEU A 302 1.17 -23.50 13.11
N GLU A 303 0.81 -22.49 12.32
CA GLU A 303 -0.46 -22.58 11.59
C GLU A 303 -0.44 -23.74 10.63
N GLY A 304 0.67 -23.90 9.95
CA GLY A 304 0.79 -24.95 8.95
C GLY A 304 0.70 -26.32 9.56
N ALA A 305 1.21 -26.47 10.76
CA ALA A 305 1.19 -27.76 11.42
C ALA A 305 -0.21 -28.01 12.02
N VAL A 306 -0.81 -26.95 12.53
CA VAL A 306 -2.12 -27.05 13.14
C VAL A 306 -3.11 -27.47 12.10
N ARG A 307 -2.90 -27.04 10.86
CA ARG A 307 -3.77 -27.43 9.75
C ARG A 307 -3.68 -28.91 9.49
N LYS A 308 -2.46 -29.44 9.45
CA LYS A 308 -2.29 -30.87 9.32
C LYS A 308 -3.00 -31.61 10.45
N ILE A 309 -2.77 -31.18 11.68
CA ILE A 309 -3.41 -31.83 12.81
C ILE A 309 -4.91 -31.97 12.56
N ARG A 310 -5.60 -30.86 12.31
CA ARG A 310 -7.05 -30.90 12.13
C ARG A 310 -7.43 -31.80 10.96
N SER A 311 -6.66 -31.73 9.87
CA SER A 311 -6.94 -32.52 8.68
C SER A 311 -6.94 -33.97 9.07
N LEU A 312 -5.98 -34.31 9.91
CA LEU A 312 -5.83 -35.67 10.38
C LEU A 312 -6.91 -36.06 11.37
N MET A 313 -7.25 -35.16 12.27
CA MET A 313 -8.26 -35.51 13.23
C MET A 313 -9.55 -35.83 12.51
N LYS A 314 -9.95 -34.96 11.60
CA LYS A 314 -11.20 -35.11 10.89
C LYS A 314 -11.20 -36.32 9.99
N THR A 315 -10.02 -36.69 9.50
CA THR A 315 -9.97 -37.80 8.58
C THR A 315 -10.15 -39.13 9.25
N HIS A 316 -9.39 -39.36 10.30
CA HIS A 316 -9.46 -40.62 11.05
C HIS A 316 -10.48 -40.61 12.21
N ARG A 317 -11.29 -39.56 12.26
CA ARG A 317 -12.38 -39.49 13.21
C ARG A 317 -11.77 -39.53 14.59
N LEU A 318 -10.81 -38.66 14.84
CA LEU A 318 -10.12 -38.64 16.14
C LEU A 318 -10.59 -37.49 17.03
N ASP A 319 -10.86 -37.80 18.29
CA ASP A 319 -11.40 -36.82 19.23
C ASP A 319 -10.39 -35.87 19.86
N LYS A 320 -9.30 -36.45 20.34
CA LYS A 320 -8.35 -35.72 21.14
C LYS A 320 -7.01 -35.78 20.41
N VAL A 321 -6.09 -34.91 20.79
CA VAL A 321 -4.78 -34.96 20.19
C VAL A 321 -3.72 -34.77 21.26
N PHE A 322 -2.81 -35.73 21.39
CA PHE A 322 -1.70 -35.63 22.32
C PHE A 322 -0.44 -35.10 21.66
N VAL A 323 0.17 -34.09 22.27
CA VAL A 323 1.36 -33.50 21.69
C VAL A 323 2.63 -33.69 22.54
N ALA A 324 3.67 -34.24 21.91
CA ALA A 324 4.99 -34.27 22.48
C ALA A 324 5.79 -33.20 21.77
N THR A 325 6.25 -32.20 22.51
CA THR A 325 6.94 -31.08 21.90
C THR A 325 7.99 -30.51 22.83
N ASP A 326 9.12 -30.10 22.23
CA ASP A 326 10.18 -29.43 22.98
C ASP A 326 10.06 -27.90 22.88
N ALA A 327 8.93 -27.44 22.37
CA ALA A 327 8.72 -26.02 22.14
C ALA A 327 8.95 -25.12 23.33
N VAL A 328 9.37 -23.91 22.96
CA VAL A 328 9.56 -22.81 23.88
C VAL A 328 8.23 -22.38 24.45
N ARG A 329 8.24 -21.70 25.58
CA ARG A 329 7.00 -21.31 26.21
C ARG A 329 6.25 -20.43 25.26
N LYS A 330 6.95 -19.53 24.57
CA LYS A 330 6.30 -18.62 23.63
C LYS A 330 5.52 -19.39 22.55
N GLU A 331 6.12 -20.45 22.05
CA GLU A 331 5.49 -21.23 20.99
C GLU A 331 4.39 -22.12 21.54
N TYR A 332 4.58 -22.67 22.73
CA TYR A 332 3.56 -23.53 23.30
C TYR A 332 2.30 -22.74 23.56
N GLU A 333 2.42 -21.53 24.10
CA GLU A 333 1.27 -20.66 24.35
C GLU A 333 0.51 -20.44 23.05
N GLU A 334 1.24 -20.32 21.96
CA GLU A 334 0.64 -20.09 20.66
C GLU A 334 -0.11 -21.32 20.20
N LEU A 335 0.50 -22.47 20.35
CA LEU A 335 -0.16 -23.72 19.98
C LEU A 335 -1.46 -23.85 20.74
N LYS A 336 -1.38 -23.69 22.06
CA LYS A 336 -2.53 -23.87 22.94
C LYS A 336 -3.68 -22.96 22.51
N LYS A 337 -3.35 -21.84 21.90
CA LYS A 337 -4.37 -20.94 21.38
C LYS A 337 -5.05 -21.62 20.21
N LEU A 338 -4.25 -22.06 19.26
CA LEU A 338 -4.76 -22.61 18.02
C LEU A 338 -5.41 -23.99 18.17
N LEU A 339 -5.16 -24.63 19.29
CA LEU A 339 -5.56 -26.03 19.46
C LEU A 339 -6.02 -26.33 20.86
N PRO A 340 -7.14 -25.74 21.28
CA PRO A 340 -7.60 -25.90 22.67
C PRO A 340 -7.83 -27.36 23.07
N GLU A 341 -8.18 -28.19 22.11
CA GLU A 341 -8.46 -29.61 22.36
C GLU A 341 -7.19 -30.41 22.64
N MET A 342 -6.03 -29.74 22.57
CA MET A 342 -4.74 -30.39 22.75
C MET A 342 -4.55 -30.89 24.16
N VAL A 343 -3.88 -32.02 24.27
CA VAL A 343 -3.47 -32.58 25.55
C VAL A 343 -1.96 -32.71 25.51
N ARG A 344 -1.33 -32.37 26.62
CA ARG A 344 0.12 -32.46 26.69
C ARG A 344 0.47 -33.04 28.04
N PHE A 345 1.59 -33.75 28.13
CA PHE A 345 2.04 -34.20 29.44
C PHE A 345 3.01 -33.20 29.99
N GLU A 346 2.59 -32.48 31.03
CA GLU A 346 3.47 -31.51 31.64
C GLU A 346 3.85 -31.99 33.03
N PRO A 347 5.13 -32.33 33.21
CA PRO A 347 5.65 -32.86 34.47
C PRO A 347 5.82 -31.76 35.51
N THR A 348 5.53 -32.07 36.76
CA THR A 348 5.84 -31.15 37.83
C THR A 348 7.36 -31.13 38.04
N TRP A 349 7.85 -30.13 38.75
CA TRP A 349 9.27 -30.09 39.02
C TRP A 349 9.68 -31.43 39.62
N GLU A 350 9.05 -31.78 40.73
CA GLU A 350 9.38 -33.03 41.40
C GLU A 350 9.40 -34.19 40.42
N GLU A 351 8.42 -34.19 39.53
CA GLU A 351 8.24 -35.29 38.61
C GLU A 351 9.42 -35.40 37.65
N LEU A 352 9.94 -34.25 37.24
CA LEU A 352 11.06 -34.19 36.33
C LEU A 352 12.37 -34.48 37.06
N GLU A 353 12.52 -33.88 38.23
CA GLU A 353 13.71 -34.13 39.03
C GLU A 353 13.77 -35.63 39.28
N LEU A 354 12.60 -36.26 39.26
CA LEU A 354 12.47 -37.69 39.55
C LEU A 354 12.82 -38.59 38.38
N TYR A 355 12.05 -38.42 37.30
CA TYR A 355 12.11 -39.26 36.10
C TYR A 355 13.22 -38.80 35.16
N LYS A 356 13.91 -37.74 35.57
CA LYS A 356 14.87 -37.00 34.76
C LYS A 356 14.37 -36.56 33.36
N ASP A 357 15.30 -36.32 32.44
CA ASP A 357 14.88 -35.71 31.21
C ASP A 357 14.40 -36.80 30.29
N GLY A 358 15.17 -37.87 30.24
CA GLY A 358 14.87 -38.97 29.34
C GLY A 358 13.68 -39.72 29.87
N GLY A 359 13.36 -39.53 31.14
CA GLY A 359 12.22 -40.18 31.75
C GLY A 359 10.95 -39.56 31.20
N VAL A 360 10.88 -38.24 31.26
CA VAL A 360 9.77 -37.52 30.67
C VAL A 360 9.78 -37.75 29.18
N ALA A 361 10.95 -37.72 28.58
CA ALA A 361 11.10 -38.00 27.17
C ALA A 361 10.44 -39.34 26.83
N ILE A 362 10.69 -40.34 27.66
CA ILE A 362 10.19 -41.67 27.40
C ILE A 362 8.69 -41.73 27.53
N ILE A 363 8.17 -41.16 28.62
CA ILE A 363 6.73 -41.04 28.77
C ILE A 363 6.10 -40.41 27.53
N ASP A 364 6.59 -39.24 27.14
CA ASP A 364 6.07 -38.57 25.96
C ASP A 364 6.05 -39.54 24.77
N GLN A 365 7.10 -40.32 24.59
CA GLN A 365 7.15 -41.26 23.47
C GLN A 365 6.11 -42.36 23.64
N TRP A 366 6.15 -43.01 24.79
CA TRP A 366 5.25 -44.11 25.05
C TRP A 366 3.81 -43.77 24.67
N ILE A 367 3.35 -42.58 25.07
CA ILE A 367 1.99 -42.15 24.78
C ILE A 367 1.73 -42.01 23.29
N CYS A 368 2.67 -41.42 22.56
CA CYS A 368 2.53 -41.29 21.12
C CYS A 368 2.47 -42.66 20.48
N ALA A 369 3.28 -43.57 20.97
CA ALA A 369 3.34 -44.92 20.41
C ALA A 369 1.97 -45.58 20.39
N HIS A 370 1.18 -45.31 21.42
CA HIS A 370 -0.12 -45.94 21.60
C HIS A 370 -1.29 -45.24 20.93
N ALA A 371 -1.07 -44.13 20.25
CA ALA A 371 -2.15 -43.42 19.58
C ALA A 371 -2.57 -44.17 18.31
N ARG A 372 -3.86 -44.11 17.97
CA ARG A 372 -4.37 -44.82 16.80
C ARG A 372 -3.55 -44.45 15.58
N PHE A 373 -3.11 -43.19 15.53
CA PHE A 373 -2.38 -42.66 14.37
C PHE A 373 -1.39 -41.60 14.83
N PHE A 374 -0.23 -41.56 14.18
CA PHE A 374 0.90 -40.77 14.64
C PHE A 374 1.61 -39.98 13.54
N ILE A 375 1.95 -38.74 13.86
CA ILE A 375 2.74 -37.97 12.93
C ILE A 375 3.85 -37.27 13.71
N GLY A 376 5.08 -37.47 13.25
CA GLY A 376 6.24 -36.86 13.86
C GLY A 376 6.91 -35.79 13.04
N THR A 377 8.12 -35.42 13.49
CA THR A 377 8.90 -34.35 12.89
C THR A 377 10.04 -34.88 12.02
N SER A 378 10.34 -34.20 10.92
CA SER A 378 11.35 -34.69 9.98
C SER A 378 12.70 -34.93 10.66
N VAL A 379 13.25 -36.10 10.41
CA VAL A 379 14.61 -36.45 10.85
C VAL A 379 14.93 -36.16 12.29
N SER A 380 13.98 -36.42 13.16
CA SER A 380 14.15 -36.24 14.60
C SER A 380 14.29 -37.60 15.23
N THR A 381 15.45 -37.87 15.80
CA THR A 381 15.68 -39.22 16.29
C THR A 381 14.74 -39.60 17.44
N PHE A 382 14.07 -38.60 18.02
CA PHE A 382 12.95 -38.82 18.96
C PHE A 382 11.81 -39.54 18.26
N SER A 383 11.34 -38.95 17.16
CA SER A 383 10.29 -39.53 16.34
C SER A 383 10.71 -40.93 15.84
N PHE A 384 11.99 -41.08 15.50
CA PHE A 384 12.49 -42.37 15.07
C PHE A 384 12.18 -43.41 16.12
N ARG A 385 12.51 -43.13 17.38
CA ARG A 385 12.28 -44.11 18.44
C ARG A 385 10.80 -44.50 18.54
N ILE A 386 9.94 -43.56 18.20
CA ILE A 386 8.51 -43.81 18.30
C ILE A 386 8.13 -44.77 17.18
N HIS A 387 8.59 -44.49 15.96
CA HIS A 387 8.35 -45.39 14.84
C HIS A 387 8.64 -46.81 15.34
N GLU A 388 9.80 -46.96 15.95
CA GLU A 388 10.24 -48.27 16.40
C GLU A 388 9.30 -48.88 17.42
N GLU A 389 8.81 -48.05 18.36
CA GLU A 389 7.87 -48.54 19.35
C GLU A 389 6.55 -49.00 18.70
N ARG A 390 5.95 -48.16 17.85
CA ARG A 390 4.70 -48.56 17.23
C ARG A 390 4.87 -49.85 16.44
N GLU A 391 6.05 -50.01 15.83
CA GLU A 391 6.27 -51.17 14.98
C GLU A 391 6.33 -52.44 15.85
N ILE A 392 6.72 -52.26 17.12
CA ILE A 392 6.77 -53.35 18.08
C ILE A 392 5.39 -53.72 18.64
N LEU A 393 4.54 -52.71 18.82
CA LEU A 393 3.18 -52.91 19.33
C LEU A 393 2.24 -53.50 18.28
N GLY A 394 2.60 -53.36 17.01
CA GLY A 394 1.82 -53.97 15.95
C GLY A 394 0.92 -53.00 15.23
N LEU A 395 1.14 -51.70 15.43
CA LEU A 395 0.32 -50.71 14.75
C LEU A 395 0.62 -50.63 13.25
N ASP A 396 -0.46 -50.63 12.47
CA ASP A 396 -0.33 -50.54 11.03
C ASP A 396 0.60 -49.38 10.70
N PRO A 397 1.59 -49.66 9.86
CA PRO A 397 2.65 -48.75 9.39
C PRO A 397 2.08 -47.46 8.86
N LYS A 398 0.97 -47.52 8.12
CA LYS A 398 0.41 -46.31 7.53
C LYS A 398 0.09 -45.27 8.61
N THR A 399 -0.09 -45.73 9.84
CA THR A 399 -0.36 -44.82 10.95
C THR A 399 0.91 -44.52 11.73
N THR A 400 2.03 -45.13 11.32
CA THR A 400 3.31 -44.92 12.00
C THR A 400 4.16 -43.91 11.26
N TYR A 401 4.59 -44.20 10.03
CA TYR A 401 5.65 -43.42 9.45
C TYR A 401 5.11 -42.21 8.72
N ASN A 402 5.14 -41.09 9.40
CA ASN A 402 4.44 -39.89 8.99
C ASN A 402 5.12 -38.67 9.52
N ARG A 403 5.19 -37.62 8.72
CA ARG A 403 6.00 -36.48 9.08
C ARG A 403 5.41 -35.20 8.58
N PHE A 404 5.55 -34.15 9.38
CA PHE A 404 5.09 -32.84 8.98
C PHE A 404 6.00 -32.29 7.89
N CYS A 405 5.37 -31.59 6.94
CA CYS A 405 6.10 -30.97 5.83
C CYS A 405 6.31 -29.48 6.00
N GLY A 406 7.44 -29.00 5.50
CA GLY A 406 7.65 -27.58 5.41
C GLY A 406 6.57 -26.98 4.55
N ASP A 407 6.13 -25.76 4.90
CA ASP A 407 5.01 -25.16 4.23
C ASP A 407 5.29 -25.02 2.73
N GLN A 408 6.54 -24.66 2.40
CA GLN A 408 6.95 -24.62 1.02
C GLN A 408 7.81 -25.78 0.48
N GLU A 409 8.10 -26.79 1.30
CA GLU A 409 9.02 -27.83 0.84
C GLU A 409 8.40 -28.78 -0.20
N LYS A 410 8.98 -28.85 -1.39
CA LYS A 410 8.35 -29.52 -2.53
C LYS A 410 8.44 -31.03 -2.47
N ALA A 411 9.66 -31.55 -2.42
CA ALA A 411 9.79 -33.01 -2.32
C ALA A 411 9.79 -33.40 -0.85
N CYS A 412 8.70 -34.00 -0.41
CA CYS A 412 8.59 -34.24 1.01
C CYS A 412 8.53 -35.74 1.22
N GLU A 413 9.67 -36.34 1.57
CA GLU A 413 9.77 -37.79 1.58
C GLU A 413 9.42 -38.29 2.96
N GLN A 414 8.43 -39.17 3.04
CA GLN A 414 8.05 -39.73 4.34
C GLN A 414 9.16 -40.66 4.86
N PRO A 415 9.16 -40.92 6.18
CA PRO A 415 10.15 -41.84 6.79
C PRO A 415 10.00 -43.26 6.27
N THR A 416 11.11 -43.98 6.18
CA THR A 416 11.10 -45.36 5.71
C THR A 416 10.53 -46.36 6.71
N HIS A 417 9.67 -47.24 6.22
CA HIS A 417 9.10 -48.29 7.05
C HIS A 417 10.11 -49.42 7.20
N TRP A 418 10.53 -49.71 8.42
CA TRP A 418 11.43 -50.86 8.67
C TRP A 418 10.68 -51.92 9.45
N LYS A 419 10.37 -53.04 8.78
CA LYS A 419 9.54 -54.11 9.37
C LYS A 419 10.35 -54.98 10.30
N ILE A 420 9.74 -55.36 11.41
CA ILE A 420 10.44 -56.19 12.37
C ILE A 420 10.75 -57.53 11.77
N THR A 421 11.88 -58.13 12.12
CA THR A 421 12.10 -59.52 11.79
C THR A 421 12.28 -60.25 13.10
N TYR A 422 11.41 -61.24 13.33
CA TYR A 422 11.43 -61.97 14.58
C TYR A 422 12.38 -63.16 14.49
N SER B 34 -28.02 -57.72 -15.91
CA SER B 34 -27.69 -56.33 -15.60
C SER B 34 -26.70 -55.76 -16.62
N ARG B 35 -27.01 -55.97 -17.90
CA ARG B 35 -26.12 -55.51 -18.96
C ARG B 35 -26.47 -54.12 -19.41
N ARG B 36 -25.58 -53.22 -19.05
CA ARG B 36 -25.76 -51.79 -19.16
C ARG B 36 -24.72 -51.23 -20.10
N ARG B 37 -24.99 -50.03 -20.60
CA ARG B 37 -24.14 -49.36 -21.59
C ARG B 37 -23.44 -48.22 -20.93
N TYR B 38 -22.24 -47.94 -21.39
CA TYR B 38 -21.42 -46.93 -20.75
C TYR B 38 -21.29 -45.61 -21.55
N LEU B 39 -21.33 -44.48 -20.87
CA LEU B 39 -21.16 -43.18 -21.50
C LEU B 39 -19.92 -42.50 -20.96
N LEU B 40 -19.07 -42.02 -21.86
CA LEU B 40 -17.87 -41.28 -21.45
C LEU B 40 -17.67 -40.04 -22.32
N TYR B 41 -16.95 -39.07 -21.80
CA TYR B 41 -16.81 -37.86 -22.56
C TYR B 41 -15.50 -37.18 -22.23
N ASP B 42 -15.09 -36.25 -23.08
CA ASP B 42 -14.00 -35.36 -22.74
C ASP B 42 -14.38 -34.00 -23.29
N VAL B 43 -13.60 -33.01 -22.91
CA VAL B 43 -13.85 -31.64 -23.33
C VAL B 43 -12.63 -31.08 -23.99
N ASN B 44 -12.84 -30.00 -24.73
CA ASN B 44 -11.74 -29.28 -25.34
C ASN B 44 -10.66 -28.99 -24.30
N PRO B 45 -9.39 -29.27 -24.65
CA PRO B 45 -8.23 -29.14 -23.79
C PRO B 45 -8.10 -27.81 -23.07
N PRO B 46 -8.50 -26.72 -23.73
CA PRO B 46 -8.32 -25.45 -23.00
C PRO B 46 -9.27 -25.31 -21.81
N ALA B 47 -10.32 -26.13 -21.76
CA ALA B 47 -11.39 -25.93 -20.79
C ALA B 47 -10.93 -25.93 -19.33
N GLY B 48 -11.45 -24.96 -18.57
CA GLY B 48 -11.11 -24.79 -17.17
C GLY B 48 -11.78 -25.81 -16.29
N PHE B 49 -11.24 -26.01 -15.11
CA PHE B 49 -11.89 -26.85 -14.11
C PHE B 49 -13.37 -26.52 -13.94
N ASN B 50 -13.66 -25.23 -13.82
CA ASN B 50 -15.01 -24.79 -13.50
C ASN B 50 -15.98 -24.94 -14.65
N LEU B 51 -15.45 -24.98 -15.86
CA LEU B 51 -16.27 -25.23 -17.03
C LEU B 51 -16.55 -26.71 -17.20
N ARG B 52 -15.53 -27.53 -17.01
CA ARG B 52 -15.75 -28.95 -17.10
C ARG B 52 -16.90 -29.36 -16.17
N ARG B 53 -17.08 -28.57 -15.11
CA ARG B 53 -18.12 -28.86 -14.16
C ARG B 53 -19.50 -28.53 -14.74
N ASP B 54 -19.60 -27.48 -15.53
CA ASP B 54 -20.87 -27.18 -16.20
C ASP B 54 -21.18 -28.26 -17.23
N VAL B 55 -20.15 -28.68 -17.95
CA VAL B 55 -20.34 -29.71 -18.96
C VAL B 55 -20.81 -31.04 -18.34
N TYR B 56 -20.27 -31.38 -17.19
CA TYR B 56 -20.78 -32.56 -16.51
C TYR B 56 -22.33 -32.51 -16.35
N ILE B 57 -22.86 -31.37 -15.93
CA ILE B 57 -24.30 -31.22 -15.84
C ILE B 57 -24.97 -31.48 -17.20
N ARG B 58 -24.40 -30.92 -18.26
CA ARG B 58 -24.89 -31.14 -19.61
C ARG B 58 -24.93 -32.62 -19.98
N ILE B 59 -23.89 -33.35 -19.62
CA ILE B 59 -23.94 -34.75 -19.97
C ILE B 59 -24.99 -35.44 -19.10
N ALA B 60 -25.07 -35.06 -17.84
CA ALA B 60 -26.07 -35.66 -16.97
C ALA B 60 -27.42 -35.58 -17.67
N SER B 61 -27.79 -34.35 -18.07
CA SER B 61 -29.04 -34.07 -18.75
C SER B 61 -29.25 -35.13 -19.83
N LEU B 62 -28.22 -35.42 -20.60
CA LEU B 62 -28.34 -36.42 -21.67
C LEU B 62 -28.60 -37.82 -21.12
N LEU B 63 -27.73 -38.26 -20.22
CA LEU B 63 -27.84 -39.60 -19.66
C LEU B 63 -29.22 -39.84 -19.11
N LYS B 64 -29.75 -38.87 -18.38
CA LYS B 64 -31.07 -38.99 -17.79
C LYS B 64 -32.06 -39.37 -18.85
N THR B 65 -31.92 -38.73 -20.00
CA THR B 65 -32.79 -38.95 -21.14
C THR B 65 -32.59 -40.35 -21.74
N LEU B 66 -31.33 -40.81 -21.73
CA LEU B 66 -31.00 -42.16 -22.14
C LEU B 66 -31.63 -43.19 -21.21
N LEU B 67 -31.59 -42.92 -19.92
CA LEU B 67 -32.05 -43.85 -18.93
C LEU B 67 -33.53 -44.08 -19.04
N LYS B 68 -34.21 -43.20 -19.74
CA LYS B 68 -35.63 -43.35 -19.88
C LYS B 68 -35.98 -44.58 -20.74
N THR B 69 -34.98 -45.05 -21.47
CA THR B 69 -35.15 -46.11 -22.45
C THR B 69 -34.39 -47.37 -22.08
N GLU B 70 -33.07 -47.25 -21.98
CA GLU B 70 -32.21 -48.37 -21.61
C GLU B 70 -31.47 -48.18 -20.30
N GLU B 71 -30.62 -49.14 -20.00
CA GLU B 71 -29.80 -49.15 -18.81
C GLU B 71 -28.48 -48.45 -19.14
N TRP B 72 -28.26 -47.27 -18.58
CA TRP B 72 -26.99 -46.55 -18.81
C TRP B 72 -26.28 -46.12 -17.52
N VAL B 73 -25.00 -45.82 -17.63
CA VAL B 73 -24.27 -45.28 -16.51
C VAL B 73 -23.22 -44.33 -17.02
N LEU B 74 -23.06 -43.19 -16.35
CA LEU B 74 -22.03 -42.23 -16.73
C LEU B 74 -20.69 -42.66 -16.17
N VAL B 75 -19.62 -42.56 -16.95
CA VAL B 75 -18.27 -42.85 -16.48
C VAL B 75 -17.51 -41.54 -16.28
N LEU B 76 -17.27 -41.19 -15.02
CA LEU B 76 -16.64 -39.92 -14.72
C LEU B 76 -15.23 -39.80 -15.27
N PRO B 77 -15.04 -38.82 -16.17
CA PRO B 77 -13.73 -38.56 -16.79
C PRO B 77 -12.67 -38.10 -15.80
N PRO B 78 -11.53 -38.79 -15.76
CA PRO B 78 -10.52 -38.44 -14.77
C PRO B 78 -10.13 -37.01 -14.96
N TRP B 79 -9.97 -36.28 -13.85
CA TRP B 79 -9.49 -34.91 -13.89
C TRP B 79 -8.01 -34.89 -14.21
N GLY B 80 -7.53 -33.73 -14.61
CA GLY B 80 -6.15 -33.59 -15.05
C GLY B 80 -6.20 -33.33 -16.54
N ARG B 81 -5.21 -32.62 -17.05
CA ARG B 81 -5.36 -32.06 -18.40
C ARG B 81 -4.19 -32.15 -19.35
N LEU B 82 -4.50 -32.22 -20.63
CA LEU B 82 -3.44 -32.38 -21.61
C LEU B 82 -2.38 -31.29 -21.47
N TYR B 83 -2.81 -30.04 -21.34
CA TYR B 83 -1.85 -28.98 -21.25
C TYR B 83 -1.58 -28.81 -19.76
N HIS B 84 -0.47 -29.34 -19.26
CA HIS B 84 -0.32 -29.40 -17.82
C HIS B 84 0.39 -28.21 -17.32
N TRP B 85 0.93 -27.42 -18.23
CA TRP B 85 1.69 -26.25 -17.85
C TRP B 85 0.67 -25.17 -17.48
N GLN B 86 -0.59 -25.51 -17.68
CA GLN B 86 -1.58 -24.57 -17.25
C GLN B 86 -1.86 -24.71 -15.77
N SER B 87 -1.28 -25.73 -15.13
CA SER B 87 -1.29 -25.76 -13.67
C SER B 87 -0.02 -26.35 -13.07
N PRO B 88 1.10 -25.64 -13.21
CA PRO B 88 2.27 -26.11 -12.45
C PRO B 88 1.97 -25.95 -10.94
N ASP B 89 2.95 -26.17 -10.04
CA ASP B 89 4.25 -26.81 -10.30
C ASP B 89 4.20 -28.33 -9.97
N ILE B 90 3.01 -28.83 -9.63
CA ILE B 90 2.75 -30.27 -9.52
C ILE B 90 2.13 -30.83 -10.80
N HIS B 91 2.48 -32.08 -11.11
CA HIS B 91 1.83 -32.76 -12.22
C HIS B 91 0.61 -33.54 -11.71
N GLN B 92 -0.55 -33.05 -12.11
CA GLN B 92 -1.83 -33.55 -11.65
C GLN B 92 -2.44 -34.27 -12.82
N VAL B 93 -2.53 -35.59 -12.72
CA VAL B 93 -3.12 -36.38 -13.80
C VAL B 93 -3.86 -37.65 -13.31
N ARG B 94 -4.89 -38.03 -14.05
CA ARG B 94 -5.65 -39.20 -13.70
C ARG B 94 -6.33 -39.13 -12.34
N ILE B 95 -6.51 -37.92 -11.81
CA ILE B 95 -7.25 -37.70 -10.58
C ILE B 95 -8.70 -38.12 -10.70
N PRO B 96 -9.14 -39.02 -9.81
CA PRO B 96 -10.50 -39.52 -9.74
C PRO B 96 -11.43 -38.49 -9.10
N TRP B 97 -12.68 -38.44 -9.51
CA TRP B 97 -13.66 -37.49 -8.95
C TRP B 97 -13.80 -37.59 -7.43
N SER B 98 -13.45 -38.75 -6.90
CA SER B 98 -13.49 -38.99 -5.48
C SER B 98 -12.80 -37.87 -4.76
N GLU B 99 -11.77 -37.29 -5.38
CA GLU B 99 -10.93 -36.27 -4.76
C GLU B 99 -11.58 -34.88 -4.68
N PHE B 100 -12.62 -34.67 -5.47
CA PHE B 100 -13.29 -33.38 -5.58
C PHE B 100 -14.72 -33.43 -5.04
N PHE B 101 -15.54 -34.33 -5.56
CA PHE B 101 -16.89 -34.39 -5.05
C PHE B 101 -17.18 -35.64 -4.27
N ASP B 102 -18.38 -35.72 -3.70
CA ASP B 102 -18.81 -36.89 -2.93
C ASP B 102 -19.61 -37.80 -3.86
N LEU B 103 -19.04 -38.95 -4.16
CA LEU B 103 -19.64 -39.83 -5.14
C LEU B 103 -21.07 -40.30 -4.83
N PRO B 104 -21.31 -40.79 -3.62
CA PRO B 104 -22.69 -41.17 -3.25
C PRO B 104 -23.70 -40.08 -3.54
N SER B 105 -23.29 -38.83 -3.31
CA SER B 105 -24.14 -37.68 -3.56
C SER B 105 -24.43 -37.55 -5.04
N LEU B 106 -23.37 -37.58 -5.84
CA LEU B 106 -23.50 -37.53 -7.29
C LEU B 106 -24.46 -38.58 -7.77
N ASN B 107 -24.40 -39.76 -7.13
CA ASN B 107 -25.05 -40.96 -7.61
C ASN B 107 -26.57 -40.93 -7.34
N LYS B 108 -26.97 -40.25 -6.28
CA LYS B 108 -28.38 -40.05 -6.04
C LYS B 108 -29.05 -39.31 -7.21
N ASN B 109 -28.28 -38.72 -8.10
CA ASN B 109 -28.82 -37.96 -9.22
C ASN B 109 -28.91 -38.83 -10.45
N ILE B 110 -27.77 -39.38 -10.85
CA ILE B 110 -27.72 -40.34 -11.93
C ILE B 110 -26.73 -41.42 -11.57
N PRO B 111 -26.92 -42.63 -12.10
CA PRO B 111 -25.95 -43.68 -11.85
C PRO B 111 -24.63 -43.28 -12.49
N VAL B 112 -23.57 -43.35 -11.72
CA VAL B 112 -22.30 -42.80 -12.13
C VAL B 112 -21.15 -43.67 -11.59
N ILE B 113 -20.12 -43.90 -12.39
CA ILE B 113 -18.99 -44.66 -11.89
C ILE B 113 -17.67 -44.03 -12.28
N GLU B 114 -16.64 -44.36 -11.52
CA GLU B 114 -15.33 -43.78 -11.72
C GLU B 114 -14.67 -44.52 -12.86
N TYR B 115 -13.73 -43.88 -13.56
CA TYR B 115 -13.11 -44.53 -14.73
C TYR B 115 -12.34 -45.82 -14.43
N GLU B 116 -11.57 -45.80 -13.36
CA GLU B 116 -10.79 -46.96 -12.97
C GLU B 116 -11.74 -48.16 -12.78
N GLN B 117 -12.97 -47.90 -12.37
CA GLN B 117 -13.94 -48.98 -12.18
C GLN B 117 -14.58 -49.40 -13.48
N PHE B 118 -14.68 -48.48 -14.43
CA PHE B 118 -15.11 -48.84 -15.78
C PHE B 118 -14.16 -49.84 -16.39
N ILE B 119 -12.87 -49.66 -16.18
CA ILE B 119 -11.87 -50.64 -16.61
C ILE B 119 -12.08 -51.97 -15.88
N ALA B 120 -12.49 -51.90 -14.63
CA ALA B 120 -12.79 -53.10 -13.87
C ALA B 120 -13.95 -53.88 -14.50
N GLU B 121 -15.10 -53.20 -14.67
CA GLU B 121 -16.33 -53.82 -15.19
C GLU B 121 -16.24 -54.34 -16.63
N SER B 122 -15.96 -53.46 -17.59
CA SER B 122 -15.70 -53.91 -18.96
C SER B 122 -14.35 -54.60 -18.97
N GLY B 123 -14.06 -55.41 -19.97
CA GLY B 123 -12.87 -56.23 -19.87
C GLY B 123 -11.55 -55.49 -19.65
N GLY B 124 -11.19 -54.61 -20.57
CA GLY B 124 -10.06 -53.71 -20.42
C GLY B 124 -10.45 -52.25 -20.36
N PRO B 125 -9.50 -51.37 -20.69
CA PRO B 125 -9.72 -49.95 -20.99
C PRO B 125 -10.00 -49.82 -22.47
N PHE B 126 -11.12 -50.38 -22.93
CA PHE B 126 -11.53 -50.30 -24.33
C PHE B 126 -12.84 -49.56 -24.48
N ILE B 127 -12.93 -48.71 -25.49
CA ILE B 127 -14.17 -47.99 -25.77
C ILE B 127 -14.63 -48.34 -27.16
N ASP B 128 -15.92 -48.63 -27.32
CA ASP B 128 -16.41 -49.20 -28.57
C ASP B 128 -16.52 -48.12 -29.63
N GLN B 129 -17.12 -47.01 -29.27
CA GLN B 129 -17.30 -45.94 -30.22
C GLN B 129 -16.93 -44.60 -29.62
N VAL B 130 -16.09 -43.86 -30.35
CA VAL B 130 -15.76 -42.49 -29.99
C VAL B 130 -16.33 -41.59 -31.05
N TYR B 131 -17.16 -40.65 -30.62
CA TYR B 131 -17.68 -39.63 -31.51
C TYR B 131 -17.02 -38.31 -31.14
N VAL B 132 -16.34 -37.68 -32.09
CA VAL B 132 -15.88 -36.31 -31.84
C VAL B 132 -16.95 -35.31 -32.28
N LEU B 133 -17.40 -34.50 -31.34
CA LEU B 133 -18.44 -33.54 -31.64
C LEU B 133 -17.87 -32.29 -32.34
N GLN B 134 -18.56 -31.83 -33.38
CA GLN B 134 -18.13 -30.62 -34.09
C GLN B 134 -19.33 -29.79 -34.51
N SER B 135 -19.11 -28.54 -34.87
CA SER B 135 -20.19 -27.75 -35.43
C SER B 135 -20.47 -28.24 -36.84
N TYR B 136 -21.43 -27.60 -37.50
CA TYR B 136 -21.78 -28.02 -38.85
C TYR B 136 -20.91 -27.35 -39.88
N ALA B 137 -20.42 -28.15 -40.81
CA ALA B 137 -19.54 -27.63 -41.85
C ALA B 137 -20.15 -26.39 -42.50
N GLU B 138 -21.37 -26.54 -42.99
CA GLU B 138 -22.08 -25.48 -43.71
C GLU B 138 -22.42 -24.29 -42.82
N GLY B 139 -22.16 -24.39 -41.53
CA GLY B 139 -22.51 -23.32 -40.60
C GLY B 139 -24.01 -23.11 -40.60
N TRP B 140 -24.46 -21.86 -40.46
CA TRP B 140 -25.87 -21.59 -40.64
C TRP B 140 -26.12 -20.18 -41.14
N LYS B 141 -27.12 -20.02 -42.01
CA LYS B 141 -27.61 -18.70 -42.37
C LYS B 141 -28.55 -18.33 -41.24
N GLU B 142 -29.26 -17.21 -41.37
CA GLU B 142 -30.23 -16.88 -40.35
C GLU B 142 -31.61 -17.41 -40.73
N GLY B 143 -32.32 -17.93 -39.74
CA GLY B 143 -33.53 -18.71 -39.94
C GLY B 143 -33.17 -20.18 -39.84
N THR B 144 -31.88 -20.44 -39.95
CA THR B 144 -31.38 -21.79 -40.12
C THR B 144 -31.27 -22.52 -38.79
N TRP B 145 -31.75 -21.89 -37.72
CA TRP B 145 -31.59 -22.55 -36.43
C TRP B 145 -32.54 -23.72 -36.25
N GLU B 146 -31.92 -24.88 -36.08
CA GLU B 146 -32.61 -26.14 -35.90
C GLU B 146 -31.77 -27.05 -35.01
N GLU B 147 -32.40 -27.76 -34.09
CA GLU B 147 -31.68 -28.70 -33.25
C GLU B 147 -31.47 -29.95 -34.04
N LYS B 148 -30.21 -30.37 -34.22
CA LYS B 148 -29.92 -31.53 -35.06
C LYS B 148 -28.54 -32.13 -34.85
N VAL B 149 -28.36 -33.38 -35.25
CA VAL B 149 -27.04 -34.00 -35.20
C VAL B 149 -26.84 -34.98 -36.34
N ASP B 150 -25.68 -34.92 -37.00
CA ASP B 150 -25.41 -35.76 -38.16
C ASP B 150 -23.98 -36.33 -38.21
N GLU B 151 -23.86 -37.58 -38.65
CA GLU B 151 -22.58 -38.13 -39.03
C GLU B 151 -22.05 -37.14 -40.05
N ARG B 152 -20.85 -36.65 -39.84
CA ARG B 152 -20.24 -35.79 -40.85
C ARG B 152 -18.75 -36.05 -40.94
N PRO B 153 -18.20 -35.82 -42.13
CA PRO B 153 -16.74 -35.80 -42.28
C PRO B 153 -16.13 -34.85 -41.25
N CYS B 154 -14.91 -35.17 -40.81
CA CYS B 154 -14.26 -34.40 -39.76
C CYS B 154 -13.90 -33.00 -40.23
N ILE B 155 -14.41 -32.00 -39.55
CA ILE B 155 -14.10 -30.63 -39.92
C ILE B 155 -12.68 -30.35 -39.54
N ASP B 156 -12.26 -30.89 -38.40
CA ASP B 156 -10.92 -30.69 -37.96
C ASP B 156 -10.13 -31.99 -38.01
N GLN B 157 -8.82 -31.91 -38.22
CA GLN B 157 -8.00 -33.12 -38.27
C GLN B 157 -8.15 -33.88 -36.97
N LEU B 158 -8.43 -35.16 -37.10
CA LEU B 158 -8.70 -36.03 -35.98
C LEU B 158 -7.45 -36.19 -35.14
N LEU B 159 -7.59 -36.26 -33.83
CA LEU B 159 -6.40 -36.45 -33.01
C LEU B 159 -6.02 -37.89 -32.71
N TYR B 160 -6.92 -38.82 -32.97
CA TYR B 160 -6.65 -40.21 -32.72
C TYR B 160 -5.77 -40.90 -33.81
N SER B 161 -4.73 -41.63 -33.41
CA SER B 161 -3.92 -42.37 -34.36
C SER B 161 -4.24 -43.83 -34.16
N GLN B 162 -4.15 -44.64 -35.23
CA GLN B 162 -4.29 -46.10 -35.12
C GLN B 162 -2.98 -46.81 -34.76
N ASP B 163 -3.04 -47.85 -33.93
CA ASP B 163 -1.82 -48.58 -33.60
C ASP B 163 -1.58 -49.72 -34.56
N LYS B 164 -0.54 -50.51 -34.36
CA LYS B 164 -0.29 -51.59 -35.31
C LYS B 164 -1.44 -52.60 -35.29
N HIS B 165 -2.24 -52.57 -34.25
CA HIS B 165 -3.40 -53.46 -34.12
C HIS B 165 -4.73 -52.82 -34.51
N GLU B 166 -4.71 -51.63 -35.08
CA GLU B 166 -5.95 -51.02 -35.58
C GLU B 166 -6.80 -50.36 -34.50
N TYR B 167 -6.45 -50.54 -33.23
CA TYR B 167 -7.09 -49.78 -32.16
C TYR B 167 -6.76 -48.27 -32.28
N TYR B 168 -7.67 -47.40 -31.85
CA TYR B 168 -7.35 -45.99 -31.91
C TYR B 168 -6.75 -45.55 -30.61
N ARG B 169 -5.49 -45.15 -30.61
CA ARG B 169 -4.84 -44.58 -29.44
C ARG B 169 -5.15 -43.09 -29.36
N GLY B 170 -5.19 -42.52 -28.16
CA GLY B 170 -5.49 -41.10 -28.00
C GLY B 170 -5.08 -40.56 -26.67
N TRP B 171 -5.59 -39.38 -26.30
CA TRP B 171 -5.24 -38.79 -25.02
C TRP B 171 -5.95 -39.46 -23.87
N PHE B 172 -7.24 -39.70 -24.04
CA PHE B 172 -8.00 -40.53 -23.10
C PHE B 172 -7.72 -40.22 -21.64
N TRP B 173 -7.82 -38.95 -21.28
CA TRP B 173 -7.68 -38.52 -19.90
C TRP B 173 -6.38 -38.98 -19.29
N GLY B 174 -5.39 -39.20 -20.13
CA GLY B 174 -4.08 -39.53 -19.62
C GLY B 174 -3.91 -41.00 -19.35
N TYR B 175 -4.93 -41.78 -19.67
CA TYR B 175 -4.82 -43.21 -19.42
C TYR B 175 -4.24 -43.90 -20.64
N GLU B 176 -2.94 -44.19 -20.56
CA GLU B 176 -2.15 -44.36 -21.77
C GLU B 176 -2.59 -45.59 -22.53
N GLU B 177 -3.19 -46.53 -21.81
CA GLU B 177 -3.43 -47.86 -22.35
C GLU B 177 -4.80 -47.96 -22.95
N THR B 178 -5.56 -46.88 -22.87
CA THR B 178 -6.90 -46.91 -23.41
C THR B 178 -6.78 -47.04 -24.91
N ARG B 179 -7.59 -47.91 -25.47
CA ARG B 179 -7.70 -48.06 -26.92
C ARG B 179 -9.16 -48.02 -27.31
N GLY B 180 -9.49 -47.21 -28.30
CA GLY B 180 -10.84 -47.19 -28.85
C GLY B 180 -11.05 -48.03 -30.10
N LEU B 181 -12.28 -48.49 -30.32
CA LEU B 181 -12.58 -49.34 -31.46
C LEU B 181 -12.87 -48.62 -32.76
N ASN B 182 -13.66 -47.56 -32.70
CA ASN B 182 -14.00 -46.80 -33.91
C ASN B 182 -14.16 -45.31 -33.61
N VAL B 183 -13.74 -44.46 -34.55
CA VAL B 183 -13.84 -43.03 -34.34
C VAL B 183 -14.47 -42.34 -35.52
N SER B 184 -15.46 -41.47 -35.27
CA SER B 184 -16.12 -40.71 -36.33
C SER B 184 -16.36 -39.33 -35.79
N CYS B 185 -16.79 -38.40 -36.64
CA CYS B 185 -17.16 -37.07 -36.15
C CYS B 185 -18.65 -36.92 -36.21
N LEU B 186 -19.20 -36.08 -35.35
CA LEU B 186 -20.62 -35.73 -35.36
C LEU B 186 -20.80 -34.24 -35.36
N SER B 187 -21.37 -33.69 -36.43
CA SER B 187 -21.84 -32.31 -36.44
C SER B 187 -23.08 -32.26 -35.54
N VAL B 188 -23.21 -31.22 -34.72
CA VAL B 188 -24.30 -31.23 -33.75
C VAL B 188 -24.73 -29.80 -33.44
N GLN B 189 -26.00 -29.60 -33.14
CA GLN B 189 -26.47 -28.24 -32.87
C GLN B 189 -27.11 -27.97 -31.50
N GLY B 190 -28.20 -28.65 -31.16
CA GLY B 190 -28.95 -28.27 -29.97
C GLY B 190 -28.44 -28.70 -28.58
N SER B 191 -29.39 -29.02 -27.69
CA SER B 191 -29.09 -29.41 -26.33
C SER B 191 -28.40 -30.75 -26.30
N ALA B 192 -28.03 -31.22 -25.12
CA ALA B 192 -27.30 -32.46 -25.00
C ALA B 192 -28.15 -33.68 -25.34
N SER B 193 -29.40 -33.67 -24.93
CA SER B 193 -30.23 -34.82 -25.21
C SER B 193 -30.47 -35.03 -26.71
N ILE B 194 -30.13 -34.04 -27.52
CA ILE B 194 -30.42 -34.12 -28.94
C ILE B 194 -29.78 -35.37 -29.50
N VAL B 195 -28.78 -35.81 -28.77
CA VAL B 195 -27.92 -36.92 -29.16
C VAL B 195 -28.50 -38.30 -28.82
N ALA B 196 -29.41 -38.33 -27.85
CA ALA B 196 -29.86 -39.58 -27.23
C ALA B 196 -30.38 -40.62 -28.20
N PRO B 197 -31.24 -40.21 -29.14
CA PRO B 197 -31.81 -41.24 -30.01
C PRO B 197 -30.72 -41.95 -30.80
N LEU B 198 -29.85 -41.17 -31.40
CA LEU B 198 -28.77 -41.74 -32.18
C LEU B 198 -28.04 -42.81 -31.37
N LEU B 199 -27.76 -42.53 -30.10
CA LEU B 199 -27.09 -43.50 -29.24
C LEU B 199 -28.00 -44.69 -28.95
N LEU B 200 -29.29 -44.43 -28.84
CA LEU B 200 -30.22 -45.49 -28.53
C LEU B 200 -30.46 -46.38 -29.70
N ARG B 201 -30.74 -45.80 -30.86
CA ARG B 201 -31.17 -46.54 -32.04
C ARG B 201 -30.05 -46.82 -33.04
N ASN B 202 -29.42 -45.74 -33.50
CA ASN B 202 -28.38 -45.79 -34.52
C ASN B 202 -27.00 -46.41 -34.16
N THR B 203 -26.78 -46.78 -32.90
CA THR B 203 -25.56 -47.55 -32.58
C THR B 203 -25.76 -48.70 -31.56
N SER B 204 -24.94 -49.74 -31.70
CA SER B 204 -24.98 -50.94 -30.86
C SER B 204 -23.94 -51.01 -29.75
N ALA B 205 -23.06 -50.01 -29.70
CA ALA B 205 -21.85 -50.06 -28.88
C ALA B 205 -22.12 -50.11 -27.38
N ARG B 206 -21.36 -50.98 -26.68
CA ARG B 206 -21.50 -51.16 -25.24
C ARG B 206 -21.06 -49.89 -24.52
N SER B 207 -20.09 -49.19 -25.13
CA SER B 207 -19.49 -47.99 -24.54
C SER B 207 -19.25 -46.94 -25.58
N VAL B 208 -19.70 -45.73 -25.33
CA VAL B 208 -19.60 -44.65 -26.31
C VAL B 208 -19.00 -43.40 -25.66
N MET B 209 -18.05 -42.76 -26.34
CA MET B 209 -17.42 -41.60 -25.78
C MET B 209 -17.69 -40.39 -26.63
N LEU B 210 -18.01 -39.28 -26.01
CA LEU B 210 -18.26 -38.05 -26.73
C LEU B 210 -17.13 -37.05 -26.49
N ASP B 211 -16.28 -36.87 -27.49
CA ASP B 211 -15.21 -35.88 -27.40
C ASP B 211 -15.71 -34.52 -27.79
N ARG B 212 -15.02 -33.47 -27.34
CA ARG B 212 -15.42 -32.08 -27.60
C ARG B 212 -16.86 -31.87 -27.12
N ALA B 213 -17.17 -32.46 -25.96
CA ALA B 213 -18.54 -32.51 -25.45
C ALA B 213 -19.12 -31.13 -25.25
N GLU B 214 -18.26 -30.15 -25.01
CA GLU B 214 -18.74 -28.81 -24.70
C GLU B 214 -19.56 -28.31 -25.87
N ASN B 215 -19.45 -28.98 -27.02
CA ASN B 215 -20.27 -28.64 -28.19
C ASN B 215 -21.76 -28.73 -27.88
N LEU B 216 -22.08 -29.52 -26.87
CA LEU B 216 -23.48 -29.76 -26.45
C LEU B 216 -23.98 -28.64 -25.55
N LEU B 217 -25.26 -28.32 -25.68
CA LEU B 217 -25.81 -27.25 -24.90
C LEU B 217 -26.58 -27.79 -23.72
N HIS B 218 -27.00 -26.93 -22.82
CA HIS B 218 -27.80 -27.38 -21.68
C HIS B 218 -29.21 -27.74 -22.15
N ASP B 219 -29.81 -28.75 -21.55
CA ASP B 219 -31.12 -29.09 -22.02
C ASP B 219 -32.05 -27.91 -21.79
N HIS B 220 -32.32 -27.64 -20.51
CA HIS B 220 -33.05 -26.44 -20.13
C HIS B 220 -32.32 -25.93 -18.90
N TYR B 221 -31.62 -24.79 -19.02
CA TYR B 221 -30.63 -24.40 -18.03
C TYR B 221 -31.10 -24.15 -16.61
N GLY B 222 -31.85 -23.10 -16.37
CA GLY B 222 -32.22 -22.86 -14.98
C GLY B 222 -33.21 -23.91 -14.45
N GLY B 223 -33.40 -24.96 -15.26
CA GLY B 223 -34.45 -25.93 -15.08
C GLY B 223 -34.34 -26.74 -13.82
N LYS B 224 -35.46 -27.34 -13.42
CA LYS B 224 -35.52 -28.26 -12.30
C LYS B 224 -34.66 -29.50 -12.54
N GLU B 225 -34.63 -29.99 -13.78
CA GLU B 225 -33.77 -31.12 -14.08
C GLU B 225 -32.35 -30.74 -13.79
N TYR B 226 -31.98 -29.55 -14.26
CA TYR B 226 -30.64 -29.02 -14.08
C TYR B 226 -30.24 -28.97 -12.63
N TRP B 227 -31.06 -28.28 -11.85
CA TRP B 227 -30.75 -28.01 -10.48
C TRP B 227 -30.59 -29.27 -9.69
N ASP B 228 -31.30 -30.31 -10.10
CA ASP B 228 -31.11 -31.61 -9.48
C ASP B 228 -29.65 -32.02 -9.64
N THR B 229 -29.17 -31.97 -10.86
CA THR B 229 -27.81 -32.32 -11.13
C THR B 229 -26.87 -31.43 -10.34
N ARG B 230 -27.05 -30.12 -10.44
CA ARG B 230 -26.09 -29.20 -9.82
C ARG B 230 -25.99 -29.39 -8.32
N ARG B 231 -27.12 -29.66 -7.67
CA ARG B 231 -27.16 -29.89 -6.24
C ARG B 231 -26.50 -31.20 -5.88
N SER B 232 -26.45 -32.10 -6.85
CA SER B 232 -25.91 -33.43 -6.59
C SER B 232 -24.42 -33.34 -6.39
N MET B 233 -23.79 -32.29 -6.91
CA MET B 233 -22.34 -32.29 -6.89
C MET B 233 -21.93 -31.60 -5.64
N VAL B 234 -21.65 -32.39 -4.61
CA VAL B 234 -21.35 -31.82 -3.34
C VAL B 234 -19.89 -32.09 -3.14
N PHE B 235 -19.20 -31.10 -2.60
CA PHE B 235 -17.78 -31.21 -2.45
C PHE B 235 -17.35 -32.40 -1.57
N ALA B 236 -16.21 -32.97 -1.91
CA ALA B 236 -15.63 -34.02 -1.12
C ALA B 236 -15.63 -33.55 0.31
N ARG B 237 -16.07 -34.42 1.22
CA ARG B 237 -16.16 -34.04 2.63
C ARG B 237 -14.86 -33.41 3.08
N HIS B 238 -13.77 -34.10 2.81
CA HIS B 238 -12.48 -33.65 3.31
C HIS B 238 -12.22 -32.19 2.99
N LEU B 239 -12.66 -31.76 1.82
CA LEU B 239 -12.48 -30.37 1.37
C LEU B 239 -13.30 -29.35 2.14
N ARG B 240 -14.58 -29.63 2.36
CA ARG B 240 -15.42 -28.69 3.09
C ARG B 240 -14.89 -28.53 4.48
N GLU B 241 -14.50 -29.65 5.10
CA GLU B 241 -13.95 -29.61 6.46
C GLU B 241 -12.83 -28.59 6.53
N VAL B 242 -11.98 -28.56 5.50
CA VAL B 242 -10.89 -27.61 5.45
C VAL B 242 -11.36 -26.18 5.41
N GLY B 243 -12.35 -25.91 4.59
CA GLY B 243 -12.85 -24.55 4.49
C GLY B 243 -13.58 -24.16 5.75
N ASP B 244 -14.27 -25.13 6.34
CA ASP B 244 -15.01 -24.90 7.55
C ASP B 244 -14.02 -24.63 8.67
N GLU B 245 -12.88 -25.32 8.62
CA GLU B 245 -11.78 -25.07 9.54
C GLU B 245 -11.38 -23.61 9.42
N PHE B 246 -11.15 -23.17 8.19
CA PHE B 246 -10.68 -21.82 7.92
C PHE B 246 -11.66 -20.78 8.41
N ARG B 247 -12.92 -20.91 7.98
CA ARG B 247 -14.02 -20.04 8.42
C ARG B 247 -14.07 -19.89 9.95
N SER B 248 -14.02 -21.00 10.66
CA SER B 248 -14.04 -20.95 12.09
C SER B 248 -12.83 -20.22 12.59
N ARG B 249 -11.64 -20.64 12.18
CA ARG B 249 -10.40 -20.02 12.67
C ARG B 249 -10.26 -18.52 12.35
N HIS B 250 -10.07 -18.19 11.08
CA HIS B 250 -9.78 -16.81 10.68
C HIS B 250 -10.98 -15.91 10.38
N LEU B 251 -12.12 -16.50 10.09
CA LEU B 251 -13.30 -15.73 9.71
C LEU B 251 -14.40 -15.56 10.75
N ASN B 252 -14.22 -16.13 11.93
CA ASN B 252 -15.25 -16.10 12.97
C ASN B 252 -16.59 -16.56 12.43
N SER B 253 -16.54 -17.60 11.58
CA SER B 253 -17.71 -18.13 10.86
C SER B 253 -17.90 -19.66 10.96
N THR B 254 -19.08 -20.06 11.38
CA THR B 254 -19.45 -21.46 11.50
C THR B 254 -20.89 -21.56 11.03
N ASP B 255 -21.34 -22.77 10.68
CA ASP B 255 -22.64 -22.89 10.02
C ASP B 255 -23.82 -22.38 10.85
N ASP B 256 -23.79 -22.63 12.16
CA ASP B 256 -24.86 -22.16 13.04
C ASP B 256 -24.87 -20.64 13.15
N ALA B 257 -23.69 -20.06 13.34
CA ALA B 257 -23.57 -18.62 13.54
C ALA B 257 -23.89 -17.89 12.25
N ASP B 258 -23.77 -18.59 11.14
CA ASP B 258 -24.08 -18.04 9.83
C ASP B 258 -25.54 -18.32 9.45
N ARG B 259 -26.28 -18.91 10.39
CA ARG B 259 -27.69 -19.18 10.23
C ARG B 259 -27.93 -20.00 8.96
N ILE B 260 -27.10 -21.02 8.77
CA ILE B 260 -27.22 -21.90 7.61
C ILE B 260 -27.32 -23.35 8.04
N PRO B 261 -28.53 -23.86 8.29
CA PRO B 261 -28.61 -25.25 8.73
C PRO B 261 -28.10 -26.14 7.61
N PHE B 262 -27.34 -27.17 7.97
CA PHE B 262 -26.85 -28.05 6.93
C PHE B 262 -27.34 -29.48 7.11
N GLN B 263 -27.35 -30.19 5.98
CA GLN B 263 -27.90 -31.50 5.85
C GLN B 263 -26.92 -32.24 4.93
N GLU B 264 -26.57 -33.47 5.27
CA GLU B 264 -25.63 -34.23 4.44
C GLU B 264 -26.28 -34.69 3.13
N ASP B 265 -27.53 -35.13 3.22
CA ASP B 265 -28.26 -35.58 2.04
C ASP B 265 -28.73 -34.34 1.31
N TRP B 266 -28.21 -34.11 0.10
CA TRP B 266 -28.47 -32.87 -0.62
C TRP B 266 -29.91 -32.81 -1.02
N MET B 267 -30.55 -33.97 -1.07
CA MET B 267 -31.95 -34.07 -1.44
C MET B 267 -32.81 -33.57 -0.30
N LYS B 268 -32.38 -33.85 0.93
CA LYS B 268 -33.15 -33.49 2.09
C LYS B 268 -32.97 -32.01 2.43
N MET B 269 -32.18 -31.31 1.65
CA MET B 269 -31.99 -29.92 1.96
C MET B 269 -32.62 -28.97 0.93
N LYS B 270 -33.78 -28.41 1.31
CA LYS B 270 -34.46 -27.36 0.56
C LYS B 270 -34.50 -26.15 1.50
N VAL B 271 -34.33 -24.95 0.97
CA VAL B 271 -34.12 -23.77 1.81
C VAL B 271 -34.88 -22.56 1.33
N LYS B 272 -35.71 -21.96 2.21
CA LYS B 272 -36.43 -20.74 1.89
C LYS B 272 -35.42 -19.68 1.47
N LEU B 273 -35.65 -19.07 0.32
CA LEU B 273 -34.64 -18.19 -0.25
C LEU B 273 -34.40 -16.96 0.60
N GLY B 274 -33.15 -16.75 0.99
CA GLY B 274 -32.79 -15.56 1.74
C GLY B 274 -32.89 -15.76 3.23
N SER B 275 -32.95 -17.02 3.64
CA SER B 275 -32.94 -17.38 5.06
C SER B 275 -31.53 -17.40 5.61
N ALA B 276 -30.60 -17.89 4.80
CA ALA B 276 -29.20 -18.01 5.19
C ALA B 276 -28.55 -16.66 5.35
N LEU B 277 -27.85 -16.48 6.47
CA LEU B 277 -27.20 -15.20 6.84
C LEU B 277 -25.82 -14.96 6.23
N GLY B 278 -24.88 -15.85 6.55
CA GLY B 278 -23.52 -15.75 6.07
C GLY B 278 -22.56 -15.38 7.19
N GLY B 279 -21.27 -15.48 6.92
CA GLY B 279 -20.27 -15.16 7.92
C GLY B 279 -20.03 -13.67 8.03
N PRO B 280 -19.53 -13.21 9.19
CA PRO B 280 -19.17 -11.80 9.40
C PRO B 280 -17.96 -11.40 8.55
N TYR B 281 -18.04 -11.61 7.24
CA TYR B 281 -16.96 -11.24 6.35
C TYR B 281 -17.44 -11.08 4.91
N LEU B 282 -16.66 -10.34 4.13
CA LEU B 282 -16.99 -10.10 2.74
C LEU B 282 -16.22 -11.08 1.90
N GLY B 283 -16.93 -11.86 1.09
CA GLY B 283 -16.23 -12.70 0.15
C GLY B 283 -15.96 -12.06 -1.18
N VAL B 284 -14.75 -12.28 -1.71
CA VAL B 284 -14.37 -11.68 -2.99
C VAL B 284 -13.54 -12.60 -3.87
N HIS B 285 -13.89 -12.63 -5.14
CA HIS B 285 -13.10 -13.40 -6.09
C HIS B 285 -12.55 -12.52 -7.26
N LEU B 286 -11.22 -12.36 -7.29
CA LEU B 286 -10.56 -11.53 -8.29
C LEU B 286 -9.82 -12.40 -9.27
N ARG B 287 -10.31 -12.47 -10.48
CA ARG B 287 -9.73 -13.37 -11.44
C ARG B 287 -8.83 -12.53 -12.33
N ARG B 288 -7.52 -12.66 -12.10
CA ARG B 288 -6.56 -11.83 -12.77
C ARG B 288 -5.67 -12.35 -13.89
N LYS B 289 -5.47 -13.66 -14.05
CA LYS B 289 -4.36 -14.11 -14.91
C LYS B 289 -4.70 -13.96 -16.38
N ASP B 290 -6.01 -13.85 -16.61
CA ASP B 290 -6.59 -13.76 -17.93
C ASP B 290 -5.85 -12.76 -18.78
N PHE B 291 -5.67 -11.57 -18.24
CA PHE B 291 -5.12 -10.52 -19.07
C PHE B 291 -3.61 -10.63 -19.06
N ILE B 292 -3.07 -10.94 -20.25
CA ILE B 292 -1.68 -10.72 -20.58
C ILE B 292 -1.74 -9.37 -21.28
N TRP B 293 -2.97 -8.86 -21.39
CA TRP B 293 -3.28 -7.64 -22.13
C TRP B 293 -4.10 -6.64 -21.35
N GLY B 294 -3.97 -5.37 -21.72
CA GLY B 294 -4.76 -4.30 -21.16
C GLY B 294 -6.03 -4.10 -21.96
N HIS B 295 -6.46 -5.15 -22.64
CA HIS B 295 -7.60 -5.10 -23.56
C HIS B 295 -9.00 -5.30 -22.94
N ARG B 296 -9.11 -5.32 -21.61
CA ARG B 296 -10.38 -5.77 -21.05
C ARG B 296 -11.17 -4.75 -20.21
N GLN B 297 -12.32 -4.35 -20.75
CA GLN B 297 -13.13 -3.29 -20.15
C GLN B 297 -13.75 -3.66 -18.80
N ASP B 298 -13.94 -4.95 -18.56
CA ASP B 298 -14.70 -5.39 -17.42
C ASP B 298 -13.89 -5.80 -16.20
N VAL B 299 -12.58 -5.58 -16.21
CA VAL B 299 -11.86 -5.86 -14.96
C VAL B 299 -11.27 -4.57 -14.39
N PRO B 300 -11.32 -4.44 -13.06
CA PRO B 300 -10.85 -3.29 -12.29
C PRO B 300 -9.34 -3.29 -12.01
N SER B 301 -8.80 -2.12 -11.75
CA SER B 301 -7.43 -1.97 -11.28
C SER B 301 -7.41 -2.39 -9.84
N LEU B 302 -6.22 -2.65 -9.30
CA LEU B 302 -6.12 -2.95 -7.89
C LEU B 302 -6.66 -1.82 -7.01
N GLU B 303 -6.31 -0.57 -7.27
CA GLU B 303 -6.88 0.53 -6.48
C GLU B 303 -8.40 0.61 -6.63
N GLY B 304 -8.87 0.48 -7.86
CA GLY B 304 -10.28 0.53 -8.15
C GLY B 304 -11.11 -0.58 -7.51
N ALA B 305 -10.51 -1.75 -7.41
CA ALA B 305 -11.16 -2.89 -6.78
C ALA B 305 -11.11 -2.76 -5.28
N VAL B 306 -9.98 -2.28 -4.77
CA VAL B 306 -9.81 -2.10 -3.34
C VAL B 306 -10.85 -1.10 -2.83
N ARG B 307 -11.17 -0.11 -3.67
CA ARG B 307 -12.15 0.89 -3.28
C ARG B 307 -13.52 0.28 -3.16
N LYS B 308 -13.86 -0.58 -4.11
CA LYS B 308 -15.12 -1.29 -3.99
C LYS B 308 -15.14 -2.10 -2.70
N ILE B 309 -14.08 -2.84 -2.44
CA ILE B 309 -14.02 -3.64 -1.22
C ILE B 309 -14.39 -2.82 0.01
N ARG B 310 -13.67 -1.72 0.22
CA ARG B 310 -13.90 -0.87 1.37
C ARG B 310 -15.34 -0.36 1.41
N SER B 311 -15.82 0.11 0.26
CA SER B 311 -17.18 0.64 0.18
C SER B 311 -18.16 -0.41 0.67
N LEU B 312 -17.87 -1.65 0.30
CA LEU B 312 -18.73 -2.76 0.67
C LEU B 312 -18.56 -3.14 2.11
N MET B 313 -17.33 -3.13 2.60
CA MET B 313 -17.15 -3.49 4.00
C MET B 313 -17.88 -2.50 4.86
N LYS B 314 -17.72 -1.23 4.55
CA LYS B 314 -18.31 -0.21 5.39
C LYS B 314 -19.83 -0.23 5.28
N THR B 315 -20.32 -0.61 4.11
CA THR B 315 -21.76 -0.57 3.92
C THR B 315 -22.48 -1.61 4.74
N HIS B 316 -22.06 -2.86 4.59
CA HIS B 316 -22.70 -3.97 5.27
C HIS B 316 -22.08 -4.26 6.63
N ARG B 317 -21.25 -3.34 7.12
CA ARG B 317 -20.70 -3.46 8.45
C ARG B 317 -19.92 -4.76 8.54
N LEU B 318 -19.01 -4.99 7.60
CA LEU B 318 -18.21 -6.22 7.59
C LEU B 318 -16.79 -6.02 8.10
N ASP B 319 -16.35 -6.90 9.00
CA ASP B 319 -15.05 -6.77 9.66
C ASP B 319 -13.84 -7.23 8.81
N LYS B 320 -13.96 -8.40 8.20
CA LYS B 320 -12.84 -9.06 7.60
C LYS B 320 -13.23 -9.25 6.17
N VAL B 321 -12.26 -9.52 5.31
CA VAL B 321 -12.54 -9.79 3.91
C VAL B 321 -11.72 -10.98 3.42
N PHE B 322 -12.39 -12.00 2.91
CA PHE B 322 -11.71 -13.14 2.35
C PHE B 322 -11.55 -13.01 0.83
N VAL B 323 -10.32 -13.21 0.35
CA VAL B 323 -10.04 -13.10 -1.08
C VAL B 323 -9.66 -14.41 -1.74
N ALA B 324 -10.40 -14.73 -2.82
CA ALA B 324 -10.02 -15.79 -3.73
C ALA B 324 -9.46 -15.11 -4.95
N THR B 325 -8.20 -15.36 -5.27
CA THR B 325 -7.61 -14.72 -6.42
C THR B 325 -6.56 -15.58 -7.04
N ASP B 326 -6.47 -15.51 -8.37
CA ASP B 326 -5.41 -16.21 -9.12
C ASP B 326 -4.20 -15.34 -9.38
N ALA B 327 -4.15 -14.19 -8.72
CA ALA B 327 -3.18 -13.13 -8.97
C ALA B 327 -1.76 -13.59 -8.91
N VAL B 328 -0.95 -12.95 -9.75
CA VAL B 328 0.50 -13.09 -9.73
C VAL B 328 1.09 -12.61 -8.41
N ARG B 329 2.32 -13.05 -8.10
CA ARG B 329 2.91 -12.69 -6.83
C ARG B 329 3.05 -11.20 -6.79
N LYS B 330 3.49 -10.61 -7.89
CA LYS B 330 3.63 -9.16 -7.93
C LYS B 330 2.31 -8.45 -7.53
N GLU B 331 1.17 -8.94 -8.04
CA GLU B 331 -0.10 -8.27 -7.82
C GLU B 331 -0.62 -8.58 -6.44
N TYR B 332 -0.36 -9.79 -5.94
CA TYR B 332 -0.79 -10.13 -4.60
C TYR B 332 -0.08 -9.28 -3.55
N GLU B 333 1.22 -9.06 -3.72
CA GLU B 333 1.99 -8.24 -2.79
C GLU B 333 1.36 -6.86 -2.75
N GLU B 334 0.90 -6.39 -3.91
CA GLU B 334 0.33 -5.06 -4.04
C GLU B 334 -0.96 -5.00 -3.29
N LEU B 335 -1.80 -6.00 -3.50
CA LEU B 335 -3.07 -6.07 -2.81
C LEU B 335 -2.87 -6.05 -1.30
N LYS B 336 -1.94 -6.86 -0.82
CA LYS B 336 -1.71 -7.03 0.59
C LYS B 336 -1.25 -5.71 1.21
N LYS B 337 -0.60 -4.86 0.40
CA LYS B 337 -0.26 -3.52 0.86
C LYS B 337 -1.53 -2.72 1.07
N LEU B 338 -2.36 -2.62 0.04
CA LEU B 338 -3.57 -1.81 0.09
C LEU B 338 -4.65 -2.34 1.05
N LEU B 339 -4.55 -3.60 1.45
CA LEU B 339 -5.63 -4.27 2.18
C LEU B 339 -5.14 -5.17 3.28
N PRO B 340 -4.50 -4.61 4.31
CA PRO B 340 -3.87 -5.41 5.36
C PRO B 340 -4.86 -6.31 6.08
N GLU B 341 -6.13 -5.94 6.08
CA GLU B 341 -7.16 -6.70 6.77
C GLU B 341 -7.62 -7.93 5.98
N MET B 342 -7.01 -8.10 4.81
CA MET B 342 -7.33 -9.22 3.95
C MET B 342 -6.91 -10.56 4.51
N VAL B 343 -7.74 -11.55 4.26
CA VAL B 343 -7.46 -12.93 4.59
C VAL B 343 -7.52 -13.71 3.27
N ARG B 344 -6.59 -14.66 3.11
CA ARG B 344 -6.52 -15.46 1.91
C ARG B 344 -6.26 -16.88 2.37
N PHE B 345 -6.73 -17.87 1.62
CA PHE B 345 -6.28 -19.21 1.92
C PHE B 345 -5.05 -19.56 1.09
N GLU B 346 -3.90 -19.67 1.73
CA GLU B 346 -2.68 -20.06 1.02
C GLU B 346 -2.27 -21.47 1.40
N PRO B 347 -2.36 -22.41 0.45
CA PRO B 347 -2.09 -23.83 0.68
C PRO B 347 -0.61 -24.09 0.75
N THR B 348 -0.15 -25.02 1.59
CA THR B 348 1.25 -25.35 1.58
C THR B 348 1.48 -26.23 0.39
N TRP B 349 2.75 -26.52 0.08
CA TRP B 349 3.02 -27.33 -1.08
C TRP B 349 2.27 -28.63 -0.89
N GLU B 350 2.55 -29.32 0.22
CA GLU B 350 1.92 -30.59 0.54
C GLU B 350 0.44 -30.51 0.39
N GLU B 351 -0.13 -29.38 0.80
CA GLU B 351 -1.57 -29.21 0.79
C GLU B 351 -2.13 -29.20 -0.61
N LEU B 352 -1.37 -28.62 -1.52
CA LEU B 352 -1.76 -28.48 -2.91
C LEU B 352 -1.48 -29.74 -3.69
N GLU B 353 -0.33 -30.34 -3.43
CA GLU B 353 0.00 -31.61 -4.05
C GLU B 353 -1.09 -32.60 -3.66
N LEU B 354 -1.72 -32.35 -2.52
CA LEU B 354 -2.70 -33.25 -1.96
C LEU B 354 -4.09 -33.05 -2.54
N TYR B 355 -4.62 -31.85 -2.36
CA TYR B 355 -5.97 -31.46 -2.76
C TYR B 355 -6.06 -31.10 -4.26
N LYS B 356 -4.92 -31.16 -4.92
CA LYS B 356 -4.69 -30.72 -6.28
C LYS B 356 -5.12 -29.27 -6.54
N ASP B 357 -5.38 -28.92 -7.80
CA ASP B 357 -5.61 -27.53 -8.13
C ASP B 357 -7.06 -27.21 -7.87
N GLY B 358 -7.92 -28.12 -8.30
CA GLY B 358 -9.34 -27.89 -8.20
C GLY B 358 -9.77 -28.09 -6.78
N GLY B 359 -8.89 -28.68 -5.97
CA GLY B 359 -9.22 -28.92 -4.58
C GLY B 359 -9.15 -27.59 -3.86
N VAL B 360 -8.02 -26.92 -4.06
CA VAL B 360 -7.80 -25.59 -3.51
C VAL B 360 -8.82 -24.64 -4.13
N ALA B 361 -9.06 -24.80 -5.42
CA ALA B 361 -10.07 -24.03 -6.12
C ALA B 361 -11.37 -24.18 -5.38
N ILE B 362 -11.69 -25.39 -4.97
CA ILE B 362 -13.00 -25.65 -4.35
C ILE B 362 -13.08 -25.07 -2.97
N ILE B 363 -12.06 -25.29 -2.16
CA ILE B 363 -11.96 -24.60 -0.87
C ILE B 363 -12.17 -23.09 -1.04
N ASP B 364 -11.40 -22.47 -1.93
CA ASP B 364 -11.53 -21.04 -2.18
C ASP B 364 -13.00 -20.67 -2.45
N GLN B 365 -13.67 -21.40 -3.35
CA GLN B 365 -15.10 -21.17 -3.62
C GLN B 365 -16.00 -21.38 -2.39
N TRP B 366 -15.88 -22.53 -1.72
CA TRP B 366 -16.67 -22.84 -0.55
C TRP B 366 -16.69 -21.73 0.47
N ILE B 367 -15.52 -21.17 0.78
CA ILE B 367 -15.44 -20.05 1.71
C ILE B 367 -16.19 -18.79 1.23
N CYS B 368 -15.99 -18.41 -0.03
CA CYS B 368 -16.74 -17.29 -0.60
C CYS B 368 -18.22 -17.51 -0.48
N ALA B 369 -18.66 -18.72 -0.79
CA ALA B 369 -20.07 -19.06 -0.76
C ALA B 369 -20.68 -18.73 0.60
N HIS B 370 -19.89 -18.89 1.66
CA HIS B 370 -20.43 -18.75 3.01
C HIS B 370 -20.33 -17.37 3.57
N ALA B 371 -19.85 -16.41 2.76
CA ALA B 371 -19.70 -15.03 3.24
C ALA B 371 -21.04 -14.32 3.24
N ARG B 372 -21.25 -13.43 4.21
CA ARG B 372 -22.51 -12.71 4.30
C ARG B 372 -22.86 -12.08 2.97
N PHE B 373 -21.83 -11.59 2.28
CA PHE B 373 -21.98 -10.86 1.02
C PHE B 373 -20.79 -11.14 0.11
N PHE B 374 -21.05 -11.19 -1.19
CA PHE B 374 -20.04 -11.66 -2.14
C PHE B 374 -19.97 -10.87 -3.43
N ILE B 375 -18.75 -10.65 -3.90
CA ILE B 375 -18.56 -9.98 -5.16
C ILE B 375 -17.48 -10.72 -5.93
N GLY B 376 -17.82 -11.09 -7.16
CA GLY B 376 -16.92 -11.84 -8.00
C GLY B 376 -16.41 -11.04 -9.17
N THR B 377 -15.78 -11.74 -10.10
CA THR B 377 -15.23 -11.15 -11.34
C THR B 377 -16.09 -11.35 -12.59
N SER B 378 -16.13 -10.34 -13.46
CA SER B 378 -16.97 -10.45 -14.67
C SER B 378 -16.68 -11.70 -15.50
N VAL B 379 -17.76 -12.42 -15.82
CA VAL B 379 -17.70 -13.58 -16.71
C VAL B 379 -16.66 -14.62 -16.39
N SER B 380 -16.42 -14.85 -15.12
CA SER B 380 -15.45 -15.87 -14.72
C SER B 380 -16.21 -17.07 -14.23
N THR B 381 -16.04 -18.18 -14.90
CA THR B 381 -16.87 -19.32 -14.59
C THR B 381 -16.59 -19.86 -13.18
N PHE B 382 -15.50 -19.41 -12.57
CA PHE B 382 -15.22 -19.64 -11.14
C PHE B 382 -16.25 -18.92 -10.28
N SER B 383 -16.43 -17.63 -10.53
CA SER B 383 -17.45 -16.86 -9.83
C SER B 383 -18.84 -17.43 -10.09
N PHE B 384 -19.06 -17.92 -11.31
CA PHE B 384 -20.35 -18.55 -11.64
C PHE B 384 -20.65 -19.69 -10.70
N ARG B 385 -19.72 -20.60 -10.47
CA ARG B 385 -19.96 -21.72 -9.56
C ARG B 385 -20.31 -21.24 -8.15
N ILE B 386 -19.81 -20.07 -7.78
CA ILE B 386 -20.05 -19.57 -6.45
C ILE B 386 -21.46 -19.10 -6.35
N HIS B 387 -21.89 -18.35 -7.34
CA HIS B 387 -23.28 -17.90 -7.43
C HIS B 387 -24.15 -19.13 -7.15
N GLU B 388 -23.84 -20.22 -7.83
CA GLU B 388 -24.63 -21.42 -7.74
C GLU B 388 -24.57 -21.97 -6.33
N GLU B 389 -23.40 -21.98 -5.71
CA GLU B 389 -23.33 -22.45 -4.33
C GLU B 389 -24.17 -21.59 -3.37
N ARG B 390 -24.01 -20.27 -3.43
CA ARG B 390 -24.78 -19.42 -2.52
C ARG B 390 -26.26 -19.64 -2.71
N GLU B 391 -26.67 -19.84 -3.95
CA GLU B 391 -28.09 -19.97 -4.24
C GLU B 391 -28.64 -21.25 -3.60
N ILE B 392 -27.77 -22.23 -3.42
CA ILE B 392 -28.12 -23.51 -2.82
C ILE B 392 -28.17 -23.43 -1.29
N LEU B 393 -27.31 -22.57 -0.73
CA LEU B 393 -27.24 -22.40 0.73
C LEU B 393 -28.37 -21.53 1.24
N GLY B 394 -28.96 -20.72 0.35
CA GLY B 394 -30.11 -19.88 0.69
C GLY B 394 -29.80 -18.43 0.92
N LEU B 395 -28.62 -18.02 0.51
CA LEU B 395 -28.22 -16.65 0.69
C LEU B 395 -29.00 -15.72 -0.24
N ASP B 396 -29.54 -14.64 0.34
CA ASP B 396 -30.26 -13.64 -0.41
C ASP B 396 -29.45 -13.23 -1.62
N PRO B 397 -30.07 -13.24 -2.79
CA PRO B 397 -29.52 -13.00 -4.12
C PRO B 397 -28.77 -11.67 -4.20
N LYS B 398 -29.31 -10.64 -3.57
CA LYS B 398 -28.65 -9.35 -3.61
C LYS B 398 -27.21 -9.43 -3.09
N THR B 399 -26.92 -10.42 -2.26
CA THR B 399 -25.58 -10.60 -1.76
C THR B 399 -24.79 -11.63 -2.59
N THR B 400 -25.43 -12.21 -3.61
CA THR B 400 -24.78 -13.21 -4.43
C THR B 400 -24.29 -12.59 -5.73
N TYR B 401 -25.19 -12.11 -6.58
CA TYR B 401 -24.81 -11.82 -7.96
C TYR B 401 -24.30 -10.39 -8.09
N ASN B 402 -22.97 -10.30 -8.05
CA ASN B 402 -22.26 -9.04 -7.90
C ASN B 402 -20.91 -9.14 -8.51
N ARG B 403 -20.50 -8.07 -9.18
CA ARG B 403 -19.30 -8.14 -9.99
C ARG B 403 -18.58 -6.81 -9.99
N PHE B 404 -17.25 -6.86 -9.95
CA PHE B 404 -16.43 -5.69 -10.07
C PHE B 404 -16.53 -5.08 -11.46
N CYS B 405 -16.57 -3.76 -11.53
CA CYS B 405 -16.62 -3.06 -12.81
C CYS B 405 -15.28 -2.51 -13.25
N GLY B 406 -15.07 -2.48 -14.56
CA GLY B 406 -13.94 -1.74 -15.07
C GLY B 406 -13.98 -0.27 -14.64
N ASP B 407 -12.81 0.30 -14.41
CA ASP B 407 -12.79 1.64 -13.88
C ASP B 407 -13.49 2.61 -14.80
N GLN B 408 -13.31 2.42 -16.11
CA GLN B 408 -14.04 3.20 -17.11
C GLN B 408 -15.25 2.57 -17.82
N GLU B 409 -15.60 1.31 -17.51
CA GLU B 409 -16.65 0.65 -18.26
C GLU B 409 -18.04 1.21 -17.92
N LYS B 410 -18.73 1.74 -18.92
CA LYS B 410 -19.98 2.49 -18.74
C LYS B 410 -21.18 1.62 -18.45
N ALA B 411 -21.51 0.70 -19.37
CA ALA B 411 -22.62 -0.19 -19.10
C ALA B 411 -22.07 -1.42 -18.38
N CYS B 412 -22.36 -1.51 -17.10
CA CYS B 412 -21.80 -2.58 -16.31
C CYS B 412 -22.95 -3.45 -15.83
N GLU B 413 -23.19 -4.56 -16.53
CA GLU B 413 -24.38 -5.37 -16.25
C GLU B 413 -24.02 -6.42 -15.22
N GLN B 414 -24.77 -6.48 -14.13
CA GLN B 414 -24.53 -7.48 -13.11
C GLN B 414 -24.96 -8.86 -13.61
N PRO B 415 -24.43 -9.92 -12.98
CA PRO B 415 -24.76 -11.30 -13.38
C PRO B 415 -26.23 -11.59 -13.15
N THR B 416 -26.78 -12.49 -13.97
CA THR B 416 -28.18 -12.87 -13.86
C THR B 416 -28.47 -13.80 -12.69
N HIS B 417 -29.51 -13.50 -11.94
CA HIS B 417 -29.96 -14.35 -10.86
C HIS B 417 -30.76 -15.55 -11.42
N TRP B 418 -30.28 -16.76 -11.18
CA TRP B 418 -31.03 -17.95 -11.59
C TRP B 418 -31.52 -18.67 -10.35
N LYS B 419 -32.84 -18.65 -10.12
CA LYS B 419 -33.41 -19.19 -8.89
C LYS B 419 -33.52 -20.70 -9.00
N ILE B 420 -33.24 -21.39 -7.90
CA ILE B 420 -33.41 -22.85 -7.88
C ILE B 420 -34.86 -23.25 -8.11
N THR B 421 -35.07 -24.36 -8.78
CA THR B 421 -36.39 -24.96 -8.81
C THR B 421 -36.24 -26.34 -8.19
N TYR B 422 -36.94 -26.58 -7.09
CA TYR B 422 -36.82 -27.85 -6.39
C TYR B 422 -37.75 -28.89 -7.00
N SER C 34 -49.72 17.47 16.68
CA SER C 34 -49.06 16.93 15.47
C SER C 34 -49.95 16.81 14.23
N ARG C 35 -50.76 17.84 13.94
CA ARG C 35 -51.27 18.01 12.60
C ARG C 35 -50.45 19.12 11.96
N ARG C 36 -49.50 18.71 11.15
CA ARG C 36 -48.38 19.56 10.78
C ARG C 36 -48.45 20.01 9.34
N ARG C 37 -47.85 21.16 9.05
CA ARG C 37 -47.85 21.72 7.71
C ARG C 37 -46.51 21.54 7.06
N TYR C 38 -46.53 21.37 5.74
CA TYR C 38 -45.33 21.04 4.97
C TYR C 38 -44.73 22.19 4.13
N LEU C 39 -43.42 22.35 4.21
CA LEU C 39 -42.77 23.36 3.41
C LEU C 39 -41.87 22.75 2.34
N LEU C 40 -42.06 23.16 1.08
CA LEU C 40 -41.23 22.70 -0.03
C LEU C 40 -40.79 23.87 -0.89
N TYR C 41 -39.70 23.68 -1.61
CA TYR C 41 -39.15 24.77 -2.40
C TYR C 41 -38.39 24.22 -3.59
N ASP C 42 -38.17 25.08 -4.56
CA ASP C 42 -37.25 24.76 -5.64
C ASP C 42 -36.49 26.03 -5.93
N VAL C 43 -35.45 25.89 -6.74
CA VAL C 43 -34.61 27.01 -7.08
C VAL C 43 -34.53 27.16 -8.59
N ASN C 44 -34.08 28.32 -9.00
CA ASN C 44 -33.85 28.57 -10.41
C ASN C 44 -33.00 27.46 -11.02
N PRO C 45 -33.44 26.96 -12.16
CA PRO C 45 -32.80 25.83 -12.83
C PRO C 45 -31.30 25.95 -13.02
N PRO C 46 -30.80 27.17 -13.27
CA PRO C 46 -29.35 27.26 -13.51
C PRO C 46 -28.52 27.04 -12.26
N ALA C 47 -29.15 27.10 -11.09
CA ALA C 47 -28.43 27.04 -9.83
C ALA C 47 -27.57 25.80 -9.64
N GLY C 48 -26.34 26.02 -9.19
CA GLY C 48 -25.42 24.93 -8.93
C GLY C 48 -25.72 24.16 -7.65
N PHE C 49 -25.16 22.96 -7.57
CA PHE C 49 -25.23 22.16 -6.36
C PHE C 49 -24.86 22.97 -5.14
N ASN C 50 -23.76 23.70 -5.24
CA ASN C 50 -23.22 24.40 -4.10
C ASN C 50 -24.01 25.64 -3.69
N LEU C 51 -24.79 26.16 -4.63
CA LEU C 51 -25.69 27.24 -4.31
C LEU C 51 -26.98 26.72 -3.68
N ARG C 52 -27.53 25.64 -4.24
CA ARG C 52 -28.74 25.10 -3.67
C ARG C 52 -28.50 24.82 -2.19
N ARG C 53 -27.24 24.58 -1.87
CA ARG C 53 -26.89 24.30 -0.50
C ARG C 53 -27.02 25.56 0.35
N ASP C 54 -26.63 26.69 -0.20
CA ASP C 54 -26.80 27.94 0.53
C ASP C 54 -28.28 28.24 0.72
N VAL C 55 -29.06 28.00 -0.31
CA VAL C 55 -30.49 28.29 -0.25
C VAL C 55 -31.15 27.44 0.83
N TYR C 56 -30.73 26.19 0.97
CA TYR C 56 -31.31 25.35 2.00
C TYR C 56 -31.20 26.01 3.37
N ILE C 57 -30.05 26.61 3.64
CA ILE C 57 -29.88 27.34 4.89
C ILE C 57 -30.91 28.45 5.00
N ARG C 58 -31.10 29.16 3.90
CA ARG C 58 -32.07 30.23 3.85
C ARG C 58 -33.48 29.75 4.18
N ILE C 59 -33.84 28.59 3.66
CA ILE C 59 -35.17 28.09 3.95
C ILE C 59 -35.25 27.63 5.41
N ALA C 60 -34.17 27.01 5.89
CA ALA C 60 -34.11 26.64 7.30
C ALA C 60 -34.46 27.85 8.13
N SER C 61 -33.72 28.94 7.93
CA SER C 61 -33.96 30.20 8.62
C SER C 61 -35.45 30.49 8.68
N LEU C 62 -36.14 30.38 7.55
CA LEU C 62 -37.58 30.66 7.53
C LEU C 62 -38.37 29.68 8.38
N LEU C 63 -38.12 28.40 8.16
CA LEU C 63 -38.90 27.38 8.84
C LEU C 63 -38.82 27.59 10.34
N LYS C 64 -37.59 27.81 10.81
CA LYS C 64 -37.34 27.99 12.24
C LYS C 64 -38.28 29.03 12.78
N THR C 65 -38.45 30.10 12.00
CA THR C 65 -39.34 31.20 12.35
C THR C 65 -40.82 30.78 12.32
N LEU C 66 -41.14 29.85 11.42
CA LEU C 66 -42.48 29.32 11.33
C LEU C 66 -42.77 28.44 12.50
N LEU C 67 -41.78 27.65 12.89
CA LEU C 67 -41.94 26.74 14.00
C LEU C 67 -42.22 27.45 15.32
N LYS C 68 -41.95 28.75 15.37
CA LYS C 68 -42.16 29.48 16.61
C LYS C 68 -43.64 29.60 16.91
N THR C 69 -44.44 29.38 15.88
CA THR C 69 -45.87 29.56 15.94
C THR C 69 -46.67 28.25 15.81
N GLU C 70 -46.50 27.56 14.69
CA GLU C 70 -47.19 26.31 14.43
C GLU C 70 -46.24 25.14 14.27
N GLU C 71 -46.82 24.00 13.91
CA GLU C 71 -46.11 22.77 13.69
C GLU C 71 -45.71 22.67 12.24
N TRP C 72 -44.42 22.77 11.91
CA TRP C 72 -43.97 22.66 10.50
C TRP C 72 -42.86 21.64 10.29
N VAL C 73 -42.70 21.23 9.05
CA VAL C 73 -41.57 20.40 8.68
C VAL C 73 -41.07 20.70 7.26
N LEU C 74 -39.77 20.73 7.08
CA LEU C 74 -39.24 21.07 5.78
C LEU C 74 -39.21 19.79 5.01
N VAL C 75 -39.57 19.84 3.72
CA VAL C 75 -39.51 18.68 2.83
C VAL C 75 -38.34 18.85 1.88
N LEU C 76 -37.29 18.06 2.05
CA LEU C 76 -36.07 18.16 1.26
C LEU C 76 -36.28 17.90 -0.23
N PRO C 77 -36.04 18.93 -1.04
CA PRO C 77 -36.25 18.85 -2.48
C PRO C 77 -35.26 17.90 -3.13
N PRO C 78 -35.76 16.90 -3.89
CA PRO C 78 -34.88 15.88 -4.47
C PRO C 78 -33.83 16.56 -5.32
N TRP C 79 -32.61 16.07 -5.24
CA TRP C 79 -31.52 16.58 -6.06
C TRP C 79 -31.66 16.07 -7.48
N GLY C 80 -30.97 16.72 -8.39
CA GLY C 80 -31.13 16.43 -9.80
C GLY C 80 -31.80 17.64 -10.40
N ARG C 81 -31.56 17.89 -11.67
CA ARG C 81 -31.91 19.19 -12.24
C ARG C 81 -32.49 19.18 -13.61
N LEU C 82 -33.32 20.17 -13.89
CA LEU C 82 -34.01 20.24 -15.16
C LEU C 82 -33.03 20.17 -16.34
N TYR C 83 -31.95 20.93 -16.26
CA TYR C 83 -31.04 20.97 -17.37
C TYR C 83 -30.03 19.91 -17.13
N HIS C 84 -30.18 18.82 -17.83
CA HIS C 84 -29.48 17.63 -17.41
C HIS C 84 -28.13 17.60 -18.08
N TRP C 85 -27.92 18.50 -19.04
CA TRP C 85 -26.70 18.50 -19.84
C TRP C 85 -25.58 19.24 -19.11
N GLN C 86 -25.89 19.77 -17.93
CA GLN C 86 -24.87 20.34 -17.07
C GLN C 86 -23.94 19.22 -16.59
N SER C 87 -24.45 17.99 -16.50
CA SER C 87 -23.61 16.80 -16.29
C SER C 87 -23.99 15.49 -17.00
N PRO C 88 -23.57 15.34 -18.26
CA PRO C 88 -23.57 14.02 -18.89
C PRO C 88 -22.29 13.30 -18.43
N ASP C 89 -22.03 12.06 -18.88
CA ASP C 89 -22.99 11.26 -19.63
C ASP C 89 -24.04 10.66 -18.68
N ILE C 90 -23.72 10.56 -17.40
CA ILE C 90 -24.71 10.06 -16.42
C ILE C 90 -25.88 11.04 -16.16
N HIS C 91 -27.09 10.46 -16.19
CA HIS C 91 -28.32 11.15 -15.86
C HIS C 91 -28.62 11.00 -14.38
N GLN C 92 -28.94 12.11 -13.75
CA GLN C 92 -29.05 12.12 -12.30
C GLN C 92 -30.36 12.75 -11.92
N VAL C 93 -31.28 11.98 -11.37
CA VAL C 93 -32.57 12.57 -11.08
C VAL C 93 -33.27 11.97 -9.86
N ARG C 94 -34.05 12.80 -9.18
CA ARG C 94 -34.80 12.34 -8.03
C ARG C 94 -33.94 11.82 -6.89
N ILE C 95 -32.67 12.23 -6.87
CA ILE C 95 -31.75 11.83 -5.82
C ILE C 95 -32.18 12.38 -4.47
N PRO C 96 -32.35 11.49 -3.47
CA PRO C 96 -32.73 11.86 -2.11
C PRO C 96 -31.53 12.43 -1.36
N TRP C 97 -31.77 13.31 -0.41
CA TRP C 97 -30.66 13.94 0.30
C TRP C 97 -29.85 12.93 1.07
N SER C 98 -30.45 11.78 1.33
CA SER C 98 -29.79 10.70 2.01
C SER C 98 -28.43 10.44 1.39
N GLU C 99 -28.32 10.69 0.08
CA GLU C 99 -27.13 10.35 -0.70
C GLU C 99 -25.99 11.34 -0.52
N PHE C 100 -26.32 12.51 0.00
CA PHE C 100 -25.35 13.59 0.18
C PHE C 100 -25.05 13.91 1.67
N PHE C 101 -26.08 14.21 2.44
CA PHE C 101 -25.87 14.51 3.85
C PHE C 101 -26.42 13.46 4.77
N ASP C 102 -26.17 13.64 6.06
CA ASP C 102 -26.61 12.70 7.06
C ASP C 102 -27.92 13.26 7.63
N LEU C 103 -29.02 12.59 7.35
CA LEU C 103 -30.31 13.12 7.73
C LEU C 103 -30.53 13.38 9.23
N PRO C 104 -30.17 12.42 10.09
CA PRO C 104 -30.32 12.62 11.54
C PRO C 104 -29.62 13.90 11.98
N SER C 105 -28.47 14.18 11.37
CA SER C 105 -27.72 15.39 11.65
C SER C 105 -28.51 16.63 11.27
N LEU C 106 -28.99 16.64 10.04
CA LEU C 106 -29.82 17.74 9.56
C LEU C 106 -30.96 17.99 10.51
N ASN C 107 -31.51 16.90 11.03
CA ASN C 107 -32.76 16.94 11.75
C ASN C 107 -32.62 17.54 13.13
N LYS C 108 -31.44 17.38 13.72
CA LYS C 108 -31.10 18.01 14.99
C LYS C 108 -31.22 19.54 14.90
N ASN C 109 -31.24 20.09 13.70
CA ASN C 109 -31.35 21.53 13.47
C ASN C 109 -32.80 21.97 13.29
N ILE C 110 -33.48 21.37 12.32
CA ILE C 110 -34.90 21.58 12.15
C ILE C 110 -35.53 20.26 11.78
N PRO C 111 -36.84 20.10 12.07
CA PRO C 111 -37.52 18.88 11.60
C PRO C 111 -37.53 18.87 10.09
N VAL C 112 -37.10 17.77 9.50
CA VAL C 112 -36.91 17.71 8.07
C VAL C 112 -37.24 16.32 7.56
N ILE C 113 -37.87 16.23 6.38
CA ILE C 113 -38.19 14.93 5.83
C ILE C 113 -37.92 14.86 4.35
N GLU C 114 -37.70 13.65 3.87
CA GLU C 114 -37.37 13.44 2.47
C GLU C 114 -38.65 13.45 1.66
N TYR C 115 -38.55 13.84 0.39
CA TYR C 115 -39.75 14.01 -0.42
C TYR C 115 -40.59 12.74 -0.57
N GLU C 116 -39.93 11.61 -0.85
CA GLU C 116 -40.60 10.33 -0.99
C GLU C 116 -41.45 10.01 0.23
N GLN C 117 -41.00 10.46 1.40
CA GLN C 117 -41.78 10.29 2.62
C GLN C 117 -42.93 11.31 2.75
N PHE C 118 -42.74 12.49 2.19
CA PHE C 118 -43.82 13.45 2.10
C PHE C 118 -45.01 12.85 1.35
N ILE C 119 -44.72 12.16 0.25
CA ILE C 119 -45.76 11.45 -0.50
C ILE C 119 -46.39 10.37 0.35
N ALA C 120 -45.59 9.76 1.22
CA ALA C 120 -46.11 8.76 2.13
C ALA C 120 -47.08 9.37 3.13
N GLU C 121 -46.63 10.40 3.87
CA GLU C 121 -47.46 11.07 4.87
C GLU C 121 -48.76 11.70 4.34
N SER C 122 -48.64 12.72 3.50
CA SER C 122 -49.80 13.29 2.83
C SER C 122 -50.36 12.26 1.84
N GLY C 123 -51.60 12.41 1.42
CA GLY C 123 -52.21 11.33 0.67
C GLY C 123 -51.45 10.89 -0.58
N GLY C 124 -51.29 11.82 -1.53
CA GLY C 124 -50.50 11.58 -2.72
C GLY C 124 -49.26 12.48 -2.77
N PRO C 125 -48.75 12.70 -4.00
CA PRO C 125 -47.80 13.75 -4.35
C PRO C 125 -48.55 15.01 -4.74
N PHE C 126 -49.30 15.56 -3.80
CA PHE C 126 -50.08 16.77 -4.03
C PHE C 126 -49.56 17.93 -3.18
N ILE C 127 -49.50 19.11 -3.79
CA ILE C 127 -49.14 20.31 -3.06
C ILE C 127 -50.29 21.32 -3.12
N ASP C 128 -50.68 21.87 -1.97
CA ASP C 128 -51.85 22.72 -1.88
C ASP C 128 -51.64 24.08 -2.52
N GLN C 129 -50.55 24.74 -2.16
CA GLN C 129 -50.23 26.04 -2.72
C GLN C 129 -48.80 26.12 -3.21
N VAL C 130 -48.64 26.56 -4.45
CA VAL C 130 -47.32 26.88 -4.97
C VAL C 130 -47.23 28.40 -5.13
N TYR C 131 -46.21 28.98 -4.55
CA TYR C 131 -45.93 30.37 -4.78
C TYR C 131 -44.65 30.50 -5.59
N VAL C 132 -44.71 31.15 -6.74
CA VAL C 132 -43.48 31.48 -7.43
C VAL C 132 -42.92 32.82 -6.93
N LEU C 133 -41.72 32.81 -6.39
CA LEU C 133 -41.11 34.04 -5.93
C LEU C 133 -40.56 34.89 -7.07
N GLN C 134 -40.83 36.19 -7.05
CA GLN C 134 -40.28 37.09 -8.05
C GLN C 134 -39.90 38.41 -7.46
N SER C 135 -39.11 39.21 -8.19
CA SER C 135 -38.79 40.55 -7.73
C SER C 135 -40.03 41.42 -7.90
N TYR C 136 -39.92 42.70 -7.52
CA TYR C 136 -41.07 43.59 -7.61
C TYR C 136 -41.14 44.20 -8.98
N ALA C 137 -42.32 44.18 -9.55
CA ALA C 137 -42.51 44.72 -10.89
C ALA C 137 -41.91 46.12 -10.98
N GLU C 138 -42.30 46.99 -10.05
CA GLU C 138 -41.92 48.39 -10.08
C GLU C 138 -40.44 48.59 -9.78
N GLY C 139 -39.75 47.51 -9.43
CA GLY C 139 -38.35 47.62 -9.06
C GLY C 139 -38.21 48.52 -7.84
N TRP C 140 -37.12 49.27 -7.75
CA TRP C 140 -37.00 50.23 -6.68
C TRP C 140 -36.17 51.43 -7.08
N LYS C 141 -36.56 52.62 -6.62
CA LYS C 141 -35.72 53.80 -6.74
C LYS C 141 -34.76 53.69 -5.58
N GLU C 142 -33.96 54.71 -5.34
CA GLU C 142 -33.09 54.66 -4.17
C GLU C 142 -33.77 55.35 -2.98
N GLY C 143 -33.61 54.76 -1.80
CA GLY C 143 -34.40 55.11 -0.62
C GLY C 143 -35.49 54.07 -0.46
N THR C 144 -35.73 53.36 -1.55
CA THR C 144 -36.91 52.52 -1.66
C THR C 144 -36.69 51.19 -0.98
N TRP C 145 -35.56 51.03 -0.30
CA TRP C 145 -35.30 49.72 0.29
C TRP C 145 -36.16 49.44 1.51
N GLU C 146 -36.98 48.41 1.36
CA GLU C 146 -37.90 47.98 2.40
C GLU C 146 -38.08 46.48 2.27
N GLU C 147 -38.14 45.78 3.40
CA GLU C 147 -38.39 44.33 3.40
C GLU C 147 -39.86 44.13 3.27
N LYS C 148 -40.28 43.30 2.34
CA LYS C 148 -41.71 43.17 2.07
C LYS C 148 -42.01 42.10 1.07
N VAL C 149 -43.25 41.62 1.10
CA VAL C 149 -43.72 40.59 0.19
C VAL C 149 -45.18 40.76 -0.15
N ASP C 150 -45.53 40.64 -1.43
CA ASP C 150 -46.90 40.84 -1.88
C ASP C 150 -47.33 39.82 -2.94
N GLU C 151 -48.61 39.46 -2.87
CA GLU C 151 -49.29 38.86 -4.01
C GLU C 151 -49.15 39.81 -5.20
N ARG C 152 -48.65 39.30 -6.31
CA ARG C 152 -48.50 40.13 -7.50
C ARG C 152 -48.74 39.30 -8.75
N PRO C 153 -49.25 39.94 -9.79
CA PRO C 153 -49.31 39.34 -11.12
C PRO C 153 -47.94 38.80 -11.52
N CYS C 154 -47.92 37.73 -12.29
CA CYS C 154 -46.65 37.13 -12.63
C CYS C 154 -45.81 37.98 -13.55
N ILE C 155 -44.61 38.31 -13.10
CA ILE C 155 -43.71 39.10 -13.93
C ILE C 155 -43.25 38.27 -15.12
N ASP C 156 -42.98 37.01 -14.86
CA ASP C 156 -42.54 36.13 -15.91
C ASP C 156 -43.63 35.12 -16.23
N GLN C 157 -43.65 34.63 -17.45
CA GLN C 157 -44.61 33.61 -17.83
C GLN C 157 -44.47 32.37 -16.95
N LEU C 158 -45.58 31.96 -16.35
CA LEU C 158 -45.61 30.86 -15.40
C LEU C 158 -45.24 29.57 -16.08
N LEU C 159 -44.51 28.69 -15.41
CA LEU C 159 -44.14 27.45 -16.04
C LEU C 159 -45.11 26.30 -15.81
N TYR C 160 -46.04 26.47 -14.87
CA TYR C 160 -47.00 25.42 -14.59
C TYR C 160 -48.19 25.38 -15.57
N SER C 161 -48.50 24.20 -16.13
CA SER C 161 -49.67 24.02 -16.98
C SER C 161 -50.73 23.25 -16.21
N GLN C 162 -52.01 23.55 -16.48
CA GLN C 162 -53.11 22.79 -15.92
C GLN C 162 -53.43 21.50 -16.73
N ASP C 163 -53.78 20.42 -16.04
CA ASP C 163 -54.16 19.19 -16.75
C ASP C 163 -55.66 19.16 -16.98
N LYS C 164 -56.15 18.09 -17.58
CA LYS C 164 -57.58 18.04 -17.85
C LYS C 164 -58.38 18.07 -16.56
N HIS C 165 -57.73 17.77 -15.45
CA HIS C 165 -58.37 17.81 -14.14
C HIS C 165 -58.14 19.07 -13.33
N GLU C 166 -57.51 20.08 -13.92
CA GLU C 166 -57.31 21.37 -13.26
C GLU C 166 -56.15 21.39 -12.27
N TYR C 167 -55.52 20.24 -12.04
CA TYR C 167 -54.30 20.20 -11.23
C TYR C 167 -53.17 20.88 -11.99
N TYR C 168 -52.21 21.46 -11.27
CA TYR C 168 -51.12 22.11 -11.96
C TYR C 168 -49.95 21.18 -12.09
N ARG C 169 -49.64 20.78 -13.31
CA ARG C 169 -48.49 19.95 -13.57
C ARG C 169 -47.28 20.83 -13.67
N GLY C 170 -46.12 20.32 -13.29
CA GLY C 170 -44.89 21.11 -13.32
C GLY C 170 -43.65 20.25 -13.30
N TRP C 171 -42.48 20.86 -13.07
CA TRP C 171 -41.21 20.11 -13.09
C TRP C 171 -41.06 19.32 -11.80
N PHE C 172 -41.39 19.96 -10.70
CA PHE C 172 -41.50 19.26 -9.44
C PHE C 172 -40.37 18.28 -9.17
N TRP C 173 -39.13 18.74 -9.31
CA TRP C 173 -37.95 17.96 -8.98
C TRP C 173 -37.91 16.64 -9.74
N GLY C 174 -38.59 16.60 -10.87
CA GLY C 174 -38.57 15.42 -11.70
C GLY C 174 -39.61 14.38 -11.32
N TYR C 175 -40.45 14.71 -10.34
CA TYR C 175 -41.43 13.74 -9.90
C TYR C 175 -42.68 13.98 -10.73
N GLU C 176 -42.87 13.13 -11.73
CA GLU C 176 -43.73 13.45 -12.85
C GLU C 176 -45.18 13.54 -12.43
N GLU C 177 -45.51 12.80 -11.37
CA GLU C 177 -46.89 12.63 -10.95
C GLU C 177 -47.31 13.68 -9.96
N THR C 178 -46.40 14.56 -9.59
CA THR C 178 -46.77 15.60 -8.65
C THR C 178 -47.76 16.49 -9.32
N ARG C 179 -48.80 16.84 -8.57
CA ARG C 179 -49.80 17.82 -9.02
C ARG C 179 -50.01 18.85 -7.92
N GLY C 180 -49.95 20.14 -8.28
CA GLY C 180 -50.31 21.21 -7.36
C GLY C 180 -51.74 21.71 -7.48
N LEU C 181 -52.29 22.20 -6.37
CA LEU C 181 -53.65 22.72 -6.34
C LEU C 181 -53.86 24.16 -6.77
N ASN C 182 -52.98 25.07 -6.34
CA ASN C 182 -53.08 26.47 -6.78
C ASN C 182 -51.70 27.10 -6.98
N VAL C 183 -51.58 28.00 -7.96
CA VAL C 183 -50.32 28.65 -8.23
C VAL C 183 -50.51 30.16 -8.33
N SER C 184 -49.66 30.92 -7.64
CA SER C 184 -49.65 32.37 -7.78
C SER C 184 -48.22 32.86 -7.77
N CYS C 185 -48.02 34.15 -7.97
CA CYS C 185 -46.68 34.69 -7.87
C CYS C 185 -46.59 35.58 -6.62
N LEU C 186 -45.40 35.71 -6.06
CA LEU C 186 -45.16 36.60 -4.95
C LEU C 186 -43.98 37.48 -5.24
N SER C 187 -44.22 38.78 -5.30
CA SER C 187 -43.11 39.72 -5.31
C SER C 187 -42.54 39.72 -3.88
N VAL C 188 -41.23 39.77 -3.73
CA VAL C 188 -40.61 39.64 -2.43
C VAL C 188 -39.30 40.41 -2.35
N GLN C 189 -38.98 40.97 -1.18
CA GLN C 189 -37.74 41.71 -1.03
C GLN C 189 -36.72 41.25 -0.01
N GLY C 190 -37.09 41.15 1.25
CA GLY C 190 -36.08 40.90 2.30
C GLY C 190 -35.56 39.47 2.57
N SER C 191 -35.31 39.19 3.85
CA SER C 191 -34.77 37.90 4.25
C SER C 191 -35.85 36.86 4.08
N ALA C 192 -35.50 35.60 4.33
CA ALA C 192 -36.41 34.49 4.10
C ALA C 192 -37.61 34.56 5.03
N SER C 193 -37.38 34.90 6.29
CA SER C 193 -38.45 34.88 7.26
C SER C 193 -39.50 35.90 6.96
N ILE C 194 -39.19 36.83 6.06
CA ILE C 194 -40.13 37.92 5.73
C ILE C 194 -41.46 37.30 5.31
N VAL C 195 -41.37 36.05 4.90
CA VAL C 195 -42.48 35.34 4.29
C VAL C 195 -43.38 34.71 5.33
N ALA C 196 -42.82 34.52 6.53
CA ALA C 196 -43.45 33.65 7.53
C ALA C 196 -44.87 33.99 7.89
N PRO C 197 -45.15 35.29 8.15
CA PRO C 197 -46.50 35.65 8.58
C PRO C 197 -47.50 35.28 7.50
N LEU C 198 -47.18 35.59 6.26
CA LEU C 198 -48.09 35.30 5.18
C LEU C 198 -48.46 33.82 5.18
N LEU C 199 -47.48 32.96 5.40
CA LEU C 199 -47.75 31.53 5.46
C LEU C 199 -48.60 31.22 6.67
N LEU C 200 -48.34 31.90 7.75
CA LEU C 200 -49.00 31.55 9.00
C LEU C 200 -50.45 31.98 8.99
N ARG C 201 -50.67 33.22 8.58
CA ARG C 201 -51.96 33.89 8.71
C ARG C 201 -52.76 33.91 7.41
N ASN C 202 -52.16 34.47 6.37
CA ASN C 202 -52.79 34.65 5.05
C ASN C 202 -53.06 33.38 4.20
N THR C 203 -52.61 32.21 4.64
CA THR C 203 -53.00 30.97 3.95
C THR C 203 -53.34 29.79 4.89
N SER C 204 -54.23 28.93 4.42
CA SER C 204 -54.69 27.72 5.12
C SER C 204 -54.06 26.39 4.66
N ALA C 205 -53.22 26.45 3.64
CA ALA C 205 -52.75 25.24 2.96
C ALA C 205 -51.94 24.31 3.85
N ARG C 206 -52.19 23.02 3.73
CA ARG C 206 -51.43 22.01 4.47
C ARG C 206 -49.97 21.92 4.02
N SER C 207 -49.75 22.21 2.73
CA SER C 207 -48.42 22.13 2.13
C SER C 207 -48.23 23.29 1.17
N VAL C 208 -47.08 23.94 1.28
CA VAL C 208 -46.83 25.12 0.48
C VAL C 208 -45.46 24.99 -0.12
N MET C 209 -45.34 25.35 -1.38
CA MET C 209 -44.07 25.29 -2.06
C MET C 209 -43.61 26.66 -2.52
N LEU C 210 -42.34 26.94 -2.31
CA LEU C 210 -41.78 28.19 -2.76
C LEU C 210 -40.84 27.97 -3.95
N ASP C 211 -41.30 28.33 -5.14
CA ASP C 211 -40.45 28.27 -6.30
C ASP C 211 -39.58 29.52 -6.42
N ARG C 212 -38.44 29.40 -7.10
CA ARG C 212 -37.49 30.49 -7.29
C ARG C 212 -37.06 31.02 -5.92
N ALA C 213 -36.89 30.08 -5.00
CA ALA C 213 -36.61 30.37 -3.61
C ALA C 213 -35.38 31.25 -3.43
N GLU C 214 -34.45 31.17 -4.38
CA GLU C 214 -33.22 31.91 -4.26
C GLU C 214 -33.52 33.39 -4.18
N ASN C 215 -34.75 33.77 -4.52
CA ASN C 215 -35.17 35.15 -4.38
C ASN C 215 -35.10 35.62 -2.92
N LEU C 216 -35.13 34.67 -2.01
CA LEU C 216 -35.08 34.96 -0.60
C LEU C 216 -33.64 35.21 -0.12
N LEU C 217 -33.50 36.04 0.91
CA LEU C 217 -32.20 36.42 1.38
C LEU C 217 -31.90 35.79 2.73
N HIS C 218 -30.64 35.70 3.11
CA HIS C 218 -30.35 35.09 4.40
C HIS C 218 -30.99 35.92 5.49
N ASP C 219 -31.35 35.30 6.61
CA ASP C 219 -31.96 36.09 7.65
C ASP C 219 -30.90 37.02 8.24
N HIS C 220 -29.90 36.44 8.91
CA HIS C 220 -28.72 37.17 9.32
C HIS C 220 -27.54 36.25 9.02
N TYR C 221 -26.69 36.60 8.04
CA TYR C 221 -25.80 35.60 7.46
C TYR C 221 -24.80 34.95 8.42
N GLY C 222 -23.82 35.71 8.88
CA GLY C 222 -22.79 35.09 9.69
C GLY C 222 -23.34 34.68 11.05
N GLY C 223 -24.65 34.82 11.19
CA GLY C 223 -25.30 34.71 12.48
C GLY C 223 -25.19 33.35 13.12
N LYS C 224 -25.51 33.30 14.40
CA LYS C 224 -25.54 32.06 15.18
C LYS C 224 -26.64 31.13 14.69
N GLU C 225 -27.81 31.69 14.36
CA GLU C 225 -28.87 30.86 13.79
C GLU C 225 -28.36 30.21 12.55
N TYR C 226 -27.64 30.95 11.72
CA TYR C 226 -27.11 30.47 10.45
C TYR C 226 -26.20 29.30 10.68
N TRP C 227 -25.19 29.52 11.51
CA TRP C 227 -24.17 28.52 11.72
C TRP C 227 -24.72 27.23 12.27
N ASP C 228 -25.79 27.33 13.03
CA ASP C 228 -26.46 26.12 13.48
C ASP C 228 -26.83 25.28 12.29
N THR C 229 -27.51 25.90 11.34
CA THR C 229 -27.96 25.22 10.14
C THR C 229 -26.77 24.66 9.38
N ARG C 230 -25.79 25.51 9.10
CA ARG C 230 -24.64 25.10 8.29
C ARG C 230 -23.87 23.91 8.87
N ARG C 231 -23.75 23.87 10.19
CA ARG C 231 -23.07 22.79 10.89
C ARG C 231 -23.93 21.56 10.86
N SER C 232 -25.22 21.74 10.64
CA SER C 232 -26.11 20.62 10.69
C SER C 232 -25.90 19.79 9.46
N MET C 233 -25.38 20.40 8.41
CA MET C 233 -25.34 19.65 7.16
C MET C 233 -24.03 18.94 7.14
N VAL C 234 -24.06 17.67 7.52
CA VAL C 234 -22.84 16.91 7.62
C VAL C 234 -22.91 15.88 6.52
N PHE C 235 -21.79 15.65 5.87
CA PHE C 235 -21.80 14.80 4.70
C PHE C 235 -22.22 13.40 5.04
N ALA C 236 -22.85 12.74 4.07
CA ALA C 236 -23.20 11.34 4.21
C ALA C 236 -21.96 10.55 4.66
N ARG C 237 -22.12 9.72 5.69
CA ARG C 237 -20.98 9.00 6.24
C ARG C 237 -20.19 8.38 5.10
N HIS C 238 -20.90 7.67 4.23
CA HIS C 238 -20.24 6.89 3.21
C HIS C 238 -19.26 7.76 2.44
N LEU C 239 -19.62 9.03 2.26
CA LEU C 239 -18.78 9.93 1.47
C LEU C 239 -17.49 10.32 2.17
N ARG C 240 -17.61 10.72 3.44
CA ARG C 240 -16.42 11.12 4.16
C ARG C 240 -15.45 9.95 4.22
N GLU C 241 -15.97 8.76 4.49
CA GLU C 241 -15.14 7.57 4.56
C GLU C 241 -14.27 7.49 3.33
N VAL C 242 -14.85 7.80 2.17
CA VAL C 242 -14.11 7.75 0.93
C VAL C 242 -13.02 8.78 0.88
N GLY C 243 -13.33 9.98 1.34
CA GLY C 243 -12.32 11.03 1.38
C GLY C 243 -11.23 10.72 2.39
N ASP C 244 -11.64 10.16 3.52
CA ASP C 244 -10.72 9.77 4.57
C ASP C 244 -9.80 8.67 4.10
N GLU C 245 -10.37 7.77 3.29
CA GLU C 245 -9.62 6.72 2.61
C GLU C 245 -8.54 7.36 1.77
N PHE C 246 -8.93 8.32 0.96
CA PHE C 246 -8.01 8.97 0.05
C PHE C 246 -6.89 9.65 0.83
N ARG C 247 -7.28 10.51 1.77
CA ARG C 247 -6.34 11.21 2.65
C ARG C 247 -5.28 10.29 3.27
N SER C 248 -5.75 9.20 3.86
CA SER C 248 -4.84 8.22 4.42
C SER C 248 -3.92 7.62 3.36
N ARG C 249 -4.50 7.11 2.27
CA ARG C 249 -3.71 6.47 1.22
C ARG C 249 -2.70 7.37 0.51
N HIS C 250 -3.18 8.35 -0.27
CA HIS C 250 -2.29 9.19 -1.06
C HIS C 250 -1.77 10.46 -0.39
N LEU C 251 -2.46 10.92 0.66
CA LEU C 251 -2.09 12.17 1.29
C LEU C 251 -1.35 12.10 2.63
N ASN C 252 -1.08 10.89 3.12
CA ASN C 252 -0.44 10.74 4.42
C ASN C 252 -1.17 11.55 5.48
N SER C 253 -2.49 11.57 5.38
CA SER C 253 -3.34 12.38 6.26
C SER C 253 -4.48 11.61 6.91
N THR C 254 -4.57 11.72 8.23
CA THR C 254 -5.64 11.12 9.00
C THR C 254 -6.04 12.12 10.06
N ASP C 255 -7.20 11.95 10.67
CA ASP C 255 -7.70 12.99 11.56
C ASP C 255 -6.80 13.27 12.75
N ASP C 256 -6.22 12.22 13.34
CA ASP C 256 -5.34 12.38 14.50
C ASP C 256 -4.03 13.09 14.14
N ALA C 257 -3.44 12.66 13.03
CA ALA C 257 -2.19 13.24 12.54
C ALA C 257 -2.39 14.68 12.07
N ASP C 258 -3.63 15.01 11.75
CA ASP C 258 -3.96 16.35 11.31
C ASP C 258 -4.40 17.19 12.49
N ARG C 259 -4.34 16.59 13.68
CA ARG C 259 -4.68 17.27 14.93
C ARG C 259 -6.11 17.83 14.90
N ILE C 260 -7.04 17.04 14.39
CA ILE C 260 -8.43 17.48 14.28
C ILE C 260 -9.33 16.47 14.95
N PRO C 261 -9.61 16.66 16.24
CA PRO C 261 -10.46 15.65 16.89
C PRO C 261 -11.84 15.72 16.29
N PHE C 262 -12.44 14.55 16.05
CA PHE C 262 -13.77 14.54 15.46
C PHE C 262 -14.80 13.92 16.39
N GLN C 263 -16.02 14.34 16.13
CA GLN C 263 -17.18 14.03 16.93
C GLN C 263 -18.32 13.80 15.93
N GLU C 264 -19.08 12.74 16.12
CA GLU C 264 -20.16 12.43 15.19
C GLU C 264 -21.32 13.41 15.35
N ASP C 265 -21.63 13.74 16.60
CA ASP C 265 -22.70 14.68 16.88
C ASP C 265 -22.17 16.08 16.63
N TRP C 266 -22.71 16.77 15.62
CA TRP C 266 -22.14 18.05 15.19
C TRP C 266 -22.34 19.09 16.26
N MET C 267 -23.33 18.84 17.10
CA MET C 267 -23.63 19.72 18.20
C MET C 267 -22.55 19.63 19.29
N LYS C 268 -22.03 18.43 19.49
CA LYS C 268 -21.06 18.21 20.55
C LYS C 268 -19.69 18.64 20.09
N MET C 269 -19.59 19.13 18.86
CA MET C 269 -18.28 19.56 18.39
C MET C 269 -18.13 21.08 18.23
N LYS C 270 -17.45 21.69 19.19
CA LYS C 270 -17.06 23.11 19.19
C LYS C 270 -15.54 23.12 19.29
N VAL C 271 -14.89 24.02 18.56
CA VAL C 271 -13.45 23.92 18.39
C VAL C 271 -12.75 25.26 18.50
N LYS C 272 -11.78 25.37 19.41
CA LYS C 272 -11.00 26.61 19.55
C LYS C 272 -10.40 26.96 18.19
N LEU C 273 -10.61 28.19 17.74
CA LEU C 273 -10.22 28.52 16.37
C LEU C 273 -8.71 28.46 16.14
N GLY C 274 -8.30 27.68 15.14
CA GLY C 274 -6.90 27.60 14.77
C GLY C 274 -6.16 26.51 15.52
N SER C 275 -6.93 25.61 16.14
CA SER C 275 -6.37 24.45 16.82
C SER C 275 -6.04 23.35 15.83
N ALA C 276 -6.94 23.17 14.87
CA ALA C 276 -6.78 22.14 13.84
C ALA C 276 -5.58 22.39 12.94
N LEU C 277 -4.76 21.36 12.74
CA LEU C 277 -3.53 21.48 11.98
C LEU C 277 -3.70 21.32 10.48
N GLY C 278 -4.21 20.17 10.06
CA GLY C 278 -4.36 19.86 8.65
C GLY C 278 -3.38 18.80 8.18
N GLY C 279 -3.61 18.27 6.98
CA GLY C 279 -2.71 17.26 6.42
C GLY C 279 -1.47 17.85 5.80
N PRO C 280 -0.40 17.04 5.74
CA PRO C 280 0.83 17.44 5.06
C PRO C 280 0.64 17.59 3.55
N TYR C 281 -0.32 18.43 3.16
CA TYR C 281 -0.51 18.71 1.75
C TYR C 281 -1.22 20.05 1.54
N LEU C 282 -1.08 20.59 0.34
CA LEU C 282 -1.73 21.84 0.00
C LEU C 282 -3.03 21.52 -0.73
N GLY C 283 -4.15 22.01 -0.22
CA GLY C 283 -5.41 21.87 -0.95
C GLY C 283 -5.67 22.99 -1.94
N VAL C 284 -6.17 22.64 -3.12
CA VAL C 284 -6.42 23.63 -4.16
C VAL C 284 -7.65 23.32 -4.99
N HIS C 285 -8.41 24.37 -5.28
CA HIS C 285 -9.60 24.20 -6.08
C HIS C 285 -9.56 25.16 -7.25
N LEU C 286 -9.49 24.61 -8.45
CA LEU C 286 -9.41 25.43 -9.65
C LEU C 286 -10.65 25.35 -10.49
N ARG C 287 -11.44 26.42 -10.50
CA ARG C 287 -12.75 26.32 -11.13
C ARG C 287 -12.62 26.92 -12.53
N ARG C 288 -12.61 26.03 -13.53
CA ARG C 288 -12.29 26.41 -14.91
C ARG C 288 -13.35 26.52 -16.03
N LYS C 289 -14.61 26.14 -15.85
CA LYS C 289 -15.46 25.98 -17.07
C LYS C 289 -16.15 27.26 -17.64
N ASP C 290 -16.09 28.35 -16.87
CA ASP C 290 -16.69 29.63 -17.26
C ASP C 290 -15.75 30.41 -18.18
N PHE C 291 -14.66 29.76 -18.56
CA PHE C 291 -13.56 30.39 -19.28
C PHE C 291 -13.89 30.74 -20.72
N ILE C 292 -12.89 31.28 -21.45
CA ILE C 292 -13.02 31.75 -22.84
C ILE C 292 -14.36 32.44 -23.09
N GLY C 294 -13.42 37.03 -24.51
CA GLY C 294 -13.62 36.11 -23.41
C GLY C 294 -12.78 36.44 -22.19
N HIS C 295 -13.03 37.61 -21.59
CA HIS C 295 -12.22 38.15 -20.49
C HIS C 295 -12.84 37.94 -19.09
N ARG C 296 -12.14 37.21 -18.22
CA ARG C 296 -12.42 37.23 -16.78
C ARG C 296 -11.14 37.54 -16.00
N GLN C 297 -11.14 38.67 -15.31
CA GLN C 297 -9.93 39.24 -14.70
C GLN C 297 -9.41 38.44 -13.51
N ASP C 298 -10.29 37.68 -12.88
CA ASP C 298 -9.98 37.03 -11.62
C ASP C 298 -9.51 35.57 -11.71
N VAL C 299 -9.36 35.03 -12.90
CA VAL C 299 -8.86 33.66 -12.94
C VAL C 299 -7.48 33.62 -13.59
N PRO C 300 -6.59 32.78 -13.05
CA PRO C 300 -5.20 32.60 -13.46
C PRO C 300 -5.03 31.67 -14.64
N SER C 301 -3.94 31.85 -15.37
CA SER C 301 -3.48 30.91 -16.39
C SER C 301 -2.95 29.68 -15.71
N LEU C 302 -2.80 28.61 -16.47
CA LEU C 302 -2.21 27.41 -15.90
C LEU C 302 -0.79 27.67 -15.38
N GLU C 303 0.04 28.33 -16.15
CA GLU C 303 1.38 28.62 -15.64
C GLU C 303 1.30 29.51 -14.42
N GLY C 304 0.45 30.53 -14.49
CA GLY C 304 0.34 31.50 -13.42
C GLY C 304 -0.16 30.89 -12.13
N ALA C 305 -1.01 29.88 -12.26
CA ALA C 305 -1.59 29.22 -11.10
C ALA C 305 -0.58 28.22 -10.53
N VAL C 306 0.10 27.52 -11.42
CA VAL C 306 1.11 26.54 -11.03
C VAL C 306 2.21 27.24 -10.25
N ARG C 307 2.53 28.47 -10.62
CA ARG C 307 3.55 29.22 -9.90
C ARG C 307 3.10 29.50 -8.48
N LYS C 308 1.85 29.92 -8.33
CA LYS C 308 1.31 30.14 -6.99
C LYS C 308 1.44 28.84 -6.22
N ILE C 309 1.02 27.74 -6.83
CA ILE C 309 1.09 26.44 -6.16
C ILE C 309 2.49 26.20 -5.57
N ARG C 310 3.51 26.25 -6.41
CA ARG C 310 4.87 26.01 -5.96
C ARG C 310 5.30 26.98 -4.87
N SER C 311 5.02 28.26 -5.07
CA SER C 311 5.35 29.28 -4.08
C SER C 311 4.81 28.87 -2.72
N LEU C 312 3.58 28.37 -2.72
CA LEU C 312 2.89 27.95 -1.51
C LEU C 312 3.49 26.69 -0.95
N MET C 313 3.77 25.73 -1.80
CA MET C 313 4.29 24.48 -1.31
C MET C 313 5.60 24.77 -0.61
N LYS C 314 6.46 25.55 -1.24
CA LYS C 314 7.79 25.81 -0.69
C LYS C 314 7.71 26.64 0.57
N THR C 315 6.70 27.50 0.65
CA THR C 315 6.59 28.38 1.79
C THR C 315 6.19 27.63 3.05
N HIS C 316 5.11 26.86 2.97
CA HIS C 316 4.61 26.14 4.12
C HIS C 316 5.21 24.75 4.26
N ARG C 317 6.24 24.47 3.47
CA ARG C 317 6.93 23.19 3.58
C ARG C 317 5.96 22.05 3.32
N LEU C 318 5.25 22.13 2.21
CA LEU C 318 4.26 21.11 1.87
C LEU C 318 4.76 20.15 0.81
N ASP C 319 4.58 18.84 1.06
CA ASP C 319 5.05 17.78 0.16
C ASP C 319 4.20 17.49 -1.07
N LYS C 320 2.90 17.36 -0.87
CA LYS C 320 2.01 16.91 -1.92
C LYS C 320 0.99 17.99 -2.11
N VAL C 321 0.29 17.93 -3.24
CA VAL C 321 -0.76 18.89 -3.50
C VAL C 321 -1.99 18.19 -4.05
N PHE C 322 -3.12 18.38 -3.38
CA PHE C 322 -4.37 17.83 -3.89
C PHE C 322 -5.16 18.87 -4.68
N VAL C 323 -5.61 18.49 -5.87
CA VAL C 323 -6.36 19.43 -6.71
C VAL C 323 -7.80 19.01 -6.93
N ALA C 324 -8.72 19.95 -6.66
CA ALA C 324 -10.11 19.79 -7.04
C ALA C 324 -10.32 20.74 -8.20
N THR C 325 -10.69 20.17 -9.34
CA THR C 325 -10.83 20.97 -10.54
C THR C 325 -11.89 20.43 -11.49
N ASP C 326 -12.62 21.34 -12.12
CA ASP C 326 -13.62 20.98 -13.11
C ASP C 326 -13.05 21.04 -14.52
N ALA C 327 -11.73 21.16 -14.60
CA ALA C 327 -11.05 21.37 -15.87
C ALA C 327 -11.37 20.36 -16.97
N VAL C 328 -11.34 20.86 -18.19
CA VAL C 328 -11.43 20.08 -19.39
C VAL C 328 -10.25 19.14 -19.51
N ARG C 329 -10.40 18.06 -20.28
CA ARG C 329 -9.34 17.07 -20.41
C ARG C 329 -8.10 17.75 -20.97
N LYS C 330 -8.30 18.62 -21.94
CA LYS C 330 -7.17 19.32 -22.50
C LYS C 330 -6.37 20.07 -21.43
N GLU C 331 -7.08 20.72 -20.52
CA GLU C 331 -6.43 21.56 -19.50
C GLU C 331 -5.82 20.68 -18.42
N TYR C 332 -6.48 19.57 -18.09
CA TYR C 332 -5.97 18.69 -17.05
C TYR C 332 -4.67 18.04 -17.47
N GLU C 333 -4.61 17.62 -18.72
CA GLU C 333 -3.38 17.05 -19.26
C GLU C 333 -2.24 18.05 -19.12
N GLU C 334 -2.56 19.33 -19.33
CA GLU C 334 -1.58 20.40 -19.26
C GLU C 334 -1.08 20.57 -17.83
N LEU C 335 -2.02 20.59 -16.90
CA LEU C 335 -1.69 20.73 -15.49
C LEU C 335 -0.76 19.60 -15.07
N LYS C 336 -1.16 18.39 -15.42
CA LYS C 336 -0.43 17.21 -15.01
C LYS C 336 1.00 17.25 -15.54
N LYS C 337 1.21 17.93 -16.66
CA LYS C 337 2.56 18.14 -17.18
C LYS C 337 3.34 19.05 -16.25
N LEU C 338 2.76 20.22 -15.93
CA LEU C 338 3.43 21.23 -15.13
C LEU C 338 3.56 20.82 -13.66
N LEU C 339 2.77 19.84 -13.23
CA LEU C 339 2.68 19.53 -11.81
C LEU C 339 2.61 18.05 -11.55
N PRO C 340 3.70 17.31 -11.84
CA PRO C 340 3.67 15.85 -11.71
C PRO C 340 3.35 15.40 -10.28
N GLU C 341 3.70 16.20 -9.29
CA GLU C 341 3.50 15.87 -7.88
C GLU C 341 2.03 15.96 -7.46
N MET C 342 1.20 16.38 -8.40
CA MET C 342 -0.22 16.58 -8.16
C MET C 342 -0.95 15.28 -7.86
N VAL C 343 -1.91 15.38 -6.96
CA VAL C 343 -2.81 14.30 -6.67
C VAL C 343 -4.21 14.80 -6.94
N ARG C 344 -5.01 13.96 -7.61
CA ARG C 344 -6.38 14.31 -7.91
C ARG C 344 -7.26 13.11 -7.54
N PHE C 345 -8.51 13.36 -7.15
CA PHE C 345 -9.43 12.23 -6.97
C PHE C 345 -10.18 12.02 -8.25
N GLU C 346 -9.89 10.91 -8.95
CA GLU C 346 -10.59 10.59 -10.18
C GLU C 346 -11.51 9.40 -9.95
N PRO C 347 -12.82 9.63 -10.00
CA PRO C 347 -13.80 8.59 -9.76
C PRO C 347 -13.94 7.69 -10.96
N THR C 348 -14.16 6.40 -10.74
CA THR C 348 -14.50 5.49 -11.81
C THR C 348 -15.94 5.73 -12.26
N TRP C 349 -16.31 5.21 -13.42
CA TRP C 349 -17.66 5.43 -13.87
C TRP C 349 -18.58 4.98 -12.75
N GLU C 350 -18.45 3.73 -12.36
CA GLU C 350 -19.31 3.17 -11.33
C GLU C 350 -19.36 4.07 -10.13
N GLU C 351 -18.22 4.65 -9.79
CA GLU C 351 -18.09 5.44 -8.58
C GLU C 351 -18.91 6.70 -8.68
N LEU C 352 -18.94 7.27 -9.88
CA LEU C 352 -19.69 8.50 -10.12
C LEU C 352 -21.16 8.21 -10.29
N GLU C 353 -21.49 7.17 -11.04
CA GLU C 353 -22.89 6.76 -11.19
C GLU C 353 -23.47 6.54 -9.79
N LEU C 354 -22.59 6.21 -8.85
CA LEU C 354 -22.99 5.83 -7.50
C LEU C 354 -23.19 7.03 -6.60
N TYR C 355 -22.12 7.81 -6.44
CA TYR C 355 -22.05 8.97 -5.53
C TYR C 355 -22.66 10.23 -6.16
N LYS C 356 -23.09 10.09 -7.40
CA LYS C 356 -23.53 11.14 -8.30
C LYS C 356 -22.53 12.29 -8.45
N ASP C 357 -23.03 13.46 -8.83
CA ASP C 357 -22.10 14.53 -9.19
C ASP C 357 -21.73 15.26 -7.93
N GLY C 358 -22.73 15.50 -7.09
CA GLY C 358 -22.53 16.25 -5.88
C GLY C 358 -21.79 15.40 -4.88
N GLY C 359 -21.78 14.08 -5.10
CA GLY C 359 -21.12 13.15 -4.21
C GLY C 359 -19.62 13.27 -4.39
N VAL C 360 -19.20 13.22 -5.64
CA VAL C 360 -17.81 13.43 -5.99
C VAL C 360 -17.43 14.87 -5.65
N ALA C 361 -18.33 15.80 -5.96
CA ALA C 361 -18.13 17.19 -5.59
C ALA C 361 -17.80 17.29 -4.11
N ILE C 362 -18.61 16.62 -3.28
CA ILE C 362 -18.41 16.67 -1.83
C ILE C 362 -17.08 16.06 -1.39
N ILE C 363 -16.76 14.87 -1.88
CA ILE C 363 -15.47 14.25 -1.61
C ILE C 363 -14.36 15.26 -1.93
N ASP C 364 -14.36 15.82 -3.14
CA ASP C 364 -13.35 16.80 -3.53
C ASP C 364 -13.28 17.90 -2.49
N GLN C 365 -14.42 18.41 -2.04
CA GLN C 365 -14.41 19.45 -1.01
C GLN C 365 -13.84 18.93 0.29
N TRP C 366 -14.37 17.83 0.78
CA TRP C 366 -13.94 17.25 2.05
C TRP C 366 -12.42 17.17 2.17
N ILE C 367 -11.79 16.64 1.13
CA ILE C 367 -10.32 16.56 1.11
C ILE C 367 -9.59 17.92 1.20
N CYS C 368 -10.05 18.92 0.44
CA CYS C 368 -9.47 20.26 0.50
C CYS C 368 -9.61 20.82 1.90
N ALA C 369 -10.77 20.57 2.51
CA ALA C 369 -11.06 21.09 3.84
C ALA C 369 -9.98 20.68 4.83
N HIS C 370 -9.45 19.47 4.67
CA HIS C 370 -8.55 18.89 5.64
C HIS C 370 -7.10 19.14 5.33
N ALA C 371 -6.81 19.91 4.29
CA ALA C 371 -5.42 20.23 3.96
C ALA C 371 -4.87 21.29 4.92
N ARG C 372 -3.58 21.20 5.24
CA ARG C 372 -2.97 22.16 6.16
C ARG C 372 -3.22 23.59 5.71
N PHE C 373 -3.23 23.79 4.40
CA PHE C 373 -3.41 25.11 3.81
C PHE C 373 -4.18 24.99 2.49
N PHE C 374 -5.05 25.97 2.23
CA PHE C 374 -5.97 25.87 1.11
C PHE C 374 -6.03 27.14 0.25
N ILE C 375 -6.11 26.96 -1.05
CA ILE C 375 -6.36 28.09 -1.91
C ILE C 375 -7.41 27.73 -2.95
N GLY C 376 -8.45 28.57 -3.05
CA GLY C 376 -9.54 28.33 -3.97
C GLY C 376 -9.58 29.32 -5.13
N THR C 377 -10.69 29.30 -5.85
CA THR C 377 -10.91 30.16 -7.02
C THR C 377 -11.83 31.33 -6.72
N SER C 378 -11.58 32.47 -7.33
CA SER C 378 -12.39 33.65 -7.05
C SER C 378 -13.90 33.46 -7.25
N VAL C 379 -14.69 33.89 -6.26
CA VAL C 379 -16.16 33.84 -6.34
C VAL C 379 -16.80 32.52 -6.83
N SER C 380 -16.24 31.38 -6.39
CA SER C 380 -16.75 30.08 -6.76
C SER C 380 -17.43 29.49 -5.57
N THR C 381 -18.75 29.33 -5.65
CA THR C 381 -19.48 28.94 -4.47
C THR C 381 -19.02 27.55 -3.95
N PHE C 382 -18.31 26.84 -4.81
CA PHE C 382 -17.65 25.58 -4.44
C PHE C 382 -16.62 25.91 -3.38
N SER C 383 -15.75 26.83 -3.72
CA SER C 383 -14.70 27.22 -2.79
C SER C 383 -15.32 27.79 -1.50
N PHE C 384 -16.43 28.50 -1.65
CA PHE C 384 -17.14 29.03 -0.49
C PHE C 384 -17.47 27.91 0.51
N ARG C 385 -18.10 26.84 0.03
CA ARG C 385 -18.45 25.74 0.92
C ARG C 385 -17.22 25.20 1.64
N ILE C 386 -16.07 25.29 1.00
CA ILE C 386 -14.86 24.76 1.60
C ILE C 386 -14.46 25.67 2.75
N HIS C 387 -14.43 26.98 2.49
CA HIS C 387 -14.13 27.94 3.54
C HIS C 387 -14.96 27.56 4.74
N GLU C 388 -16.25 27.33 4.53
CA GLU C 388 -17.15 27.00 5.61
C GLU C 388 -16.72 25.72 6.31
N GLU C 389 -16.37 24.69 5.55
CA GLU C 389 -15.93 23.46 6.18
C GLU C 389 -14.68 23.64 7.05
N ARG C 390 -13.65 24.28 6.52
CA ARG C 390 -12.43 24.48 7.31
C ARG C 390 -12.74 25.27 8.58
N GLU C 391 -13.67 26.20 8.49
CA GLU C 391 -13.96 27.06 9.62
C GLU C 391 -14.61 26.23 10.70
N ILE C 392 -15.29 25.17 10.29
CA ILE C 392 -15.95 24.25 11.22
C ILE C 392 -14.95 23.28 11.89
N LEU C 393 -13.94 22.86 11.13
CA LEU C 393 -12.93 21.94 11.64
C LEU C 393 -11.92 22.61 12.58
N GLY C 394 -11.81 23.94 12.50
CA GLY C 394 -10.94 24.68 13.39
C GLY C 394 -9.63 25.13 12.79
N LEU C 395 -9.54 25.04 11.47
CA LEU C 395 -8.34 25.47 10.76
C LEU C 395 -8.14 26.99 10.74
N ASP C 396 -6.95 27.41 11.15
CA ASP C 396 -6.63 28.82 11.19
C ASP C 396 -7.03 29.42 9.87
N PRO C 397 -7.76 30.55 9.94
CA PRO C 397 -8.32 31.35 8.86
C PRO C 397 -7.30 31.70 7.79
N LYS C 398 -6.10 32.07 8.22
CA LYS C 398 -5.06 32.45 7.28
C LYS C 398 -4.79 31.34 6.25
N THR C 399 -5.10 30.09 6.61
CA THR C 399 -4.92 28.97 5.71
C THR C 399 -6.23 28.60 4.98
N THR C 400 -7.30 29.32 5.32
CA THR C 400 -8.60 29.06 4.71
C THR C 400 -8.86 30.06 3.59
N TYR C 401 -8.95 31.35 3.91
CA TYR C 401 -9.53 32.25 2.94
C TYR C 401 -8.46 32.81 2.01
N ASN C 402 -8.38 32.16 0.85
CA ASN C 402 -7.29 32.34 -0.10
C ASN C 402 -7.74 32.04 -1.51
N ARG C 403 -7.25 32.84 -2.44
CA ARG C 403 -7.77 32.81 -3.79
C ARG C 403 -6.71 33.11 -4.83
N PHE C 404 -6.76 32.41 -5.95
CA PHE C 404 -5.85 32.67 -7.04
C PHE C 404 -6.16 33.99 -7.68
N CYS C 405 -5.11 34.72 -8.07
CA CYS C 405 -5.27 36.01 -8.73
C CYS C 405 -5.09 35.96 -10.24
N GLY C 406 -5.84 36.78 -10.96
CA GLY C 406 -5.62 36.92 -12.38
C GLY C 406 -4.21 37.40 -12.58
N ASP C 407 -3.57 36.94 -13.65
CA ASP C 407 -2.18 37.30 -13.87
C ASP C 407 -2.00 38.81 -13.96
N GLN C 408 -2.95 39.51 -14.58
CA GLN C 408 -2.91 40.97 -14.57
C GLN C 408 -3.85 41.73 -13.62
N GLU C 409 -4.63 41.04 -12.81
CA GLU C 409 -5.63 41.73 -12.01
C GLU C 409 -4.98 42.49 -10.86
N LYS C 410 -5.18 43.80 -10.82
CA LYS C 410 -4.49 44.68 -9.87
C LYS C 410 -5.05 44.62 -8.46
N ALA C 411 -6.33 44.94 -8.29
CA ALA C 411 -6.92 44.88 -6.96
C ALA C 411 -7.45 43.47 -6.79
N CYS C 412 -6.76 42.70 -5.98
CA CYS C 412 -7.13 41.32 -5.83
C CYS C 412 -7.56 41.09 -4.38
N GLU C 413 -8.87 41.11 -4.14
CA GLU C 413 -9.40 41.09 -2.77
C GLU C 413 -9.60 39.65 -2.39
N GLN C 414 -9.00 39.26 -1.27
CA GLN C 414 -9.21 37.91 -0.75
C GLN C 414 -10.60 37.75 -0.16
N PRO C 415 -11.06 36.49 -0.02
CA PRO C 415 -12.41 36.20 0.48
C PRO C 415 -12.53 36.62 1.93
N THR C 416 -13.74 37.01 2.32
CA THR C 416 -14.01 37.48 3.67
C THR C 416 -14.05 36.34 4.69
N HIS C 417 -13.35 36.49 5.80
CA HIS C 417 -13.41 35.51 6.86
C HIS C 417 -14.69 35.68 7.67
N TRP C 418 -15.52 34.63 7.71
CA TRP C 418 -16.73 34.63 8.54
C TRP C 418 -16.59 33.64 9.70
N LYS C 419 -16.45 34.17 10.92
CA LYS C 419 -16.17 33.35 12.09
C LYS C 419 -17.45 32.70 12.60
N ILE C 420 -17.32 31.46 13.02
CA ILE C 420 -18.47 30.76 13.56
C ILE C 420 -18.95 31.43 14.84
N THR C 421 -20.25 31.43 15.06
CA THR C 421 -20.78 31.79 16.35
C THR C 421 -21.52 30.60 16.92
N TYR C 422 -21.04 30.05 18.02
CA TYR C 422 -21.66 28.85 18.58
C TYR C 422 -22.83 29.23 19.46
N SER D 34 30.70 44.97 25.39
CA SER D 34 29.83 44.52 24.30
C SER D 34 28.98 45.65 23.65
N ARG D 35 29.59 46.81 23.44
CA ARG D 35 28.90 47.94 22.80
C ARG D 35 29.38 48.14 21.36
N ARG D 36 28.50 48.60 20.47
CA ARG D 36 28.85 48.74 19.07
C ARG D 36 28.23 49.97 18.42
N ARG D 37 28.87 50.43 17.35
CA ARG D 37 28.41 51.61 16.60
C ARG D 37 27.76 51.21 15.28
N TYR D 38 26.76 51.98 14.86
CA TYR D 38 25.98 51.64 13.68
C TYR D 38 26.27 52.49 12.47
N LEU D 39 26.38 51.87 11.30
CA LEU D 39 26.59 52.59 10.05
C LEU D 39 25.40 52.46 9.12
N LEU D 40 24.90 53.59 8.62
CA LEU D 40 23.79 53.61 7.66
C LEU D 40 24.08 54.53 6.51
N TYR D 41 23.45 54.28 5.37
CA TYR D 41 23.74 55.11 4.23
C TYR D 41 22.53 55.18 3.31
N ASP D 42 22.50 56.20 2.45
CA ASP D 42 21.55 56.21 1.36
C ASP D 42 22.28 56.70 0.14
N VAL D 43 21.65 56.57 -1.01
CA VAL D 43 22.25 56.95 -2.26
C VAL D 43 21.36 57.93 -2.97
N ASN D 44 21.93 58.61 -3.95
CA ASN D 44 21.16 59.51 -4.77
C ASN D 44 19.91 58.82 -5.32
N PRO D 45 18.75 59.48 -5.19
CA PRO D 45 17.45 58.95 -5.59
C PRO D 45 17.37 58.38 -7.00
N PRO D 46 18.09 58.96 -7.96
CA PRO D 46 17.99 58.36 -9.29
C PRO D 46 18.66 56.98 -9.41
N ALA D 47 19.50 56.62 -8.44
CA ALA D 47 20.31 55.39 -8.54
C ALA D 47 19.50 54.13 -8.78
N GLY D 48 19.95 53.31 -9.73
CA GLY D 48 19.28 52.06 -10.03
C GLY D 48 19.54 50.98 -9.02
N PHE D 49 18.71 49.95 -9.04
CA PHE D 49 18.91 48.79 -8.19
C PHE D 49 20.33 48.26 -8.28
N ASN D 50 20.81 48.15 -9.51
CA ASN D 50 22.08 47.50 -9.77
C ASN D 50 23.27 48.35 -9.36
N LEU D 51 23.03 49.65 -9.26
CA LEU D 51 24.07 50.55 -8.80
C LEU D 51 24.13 50.57 -7.27
N ARG D 52 22.97 50.60 -6.63
CA ARG D 52 22.97 50.58 -5.17
C ARG D 52 23.72 49.36 -4.68
N ARG D 53 23.75 48.33 -5.53
CA ARG D 53 24.47 47.11 -5.22
C ARG D 53 25.97 47.34 -5.22
N ASP D 54 26.46 48.12 -6.20
CA ASP D 54 27.88 48.43 -6.24
C ASP D 54 28.25 49.26 -5.03
N VAL D 55 27.40 50.22 -4.70
CA VAL D 55 27.67 51.10 -3.57
C VAL D 55 27.76 50.28 -2.26
N TYR D 56 26.91 49.26 -2.13
CA TYR D 56 26.97 48.47 -0.92
C TYR D 56 28.37 47.94 -0.72
N ILE D 57 28.99 47.47 -1.80
CA ILE D 57 30.36 46.98 -1.71
C ILE D 57 31.29 48.07 -1.23
N ARG D 58 31.12 49.28 -1.76
CA ARG D 58 31.90 50.43 -1.35
C ARG D 58 31.77 50.69 0.14
N ILE D 59 30.56 50.61 0.68
CA ILE D 59 30.39 50.82 2.11
C ILE D 59 31.05 49.67 2.90
N ALA D 60 30.89 48.45 2.40
CA ALA D 60 31.53 47.31 3.04
C ALA D 60 32.99 47.68 3.22
N SER D 61 33.63 48.04 2.13
CA SER D 61 35.04 48.38 2.12
C SER D 61 35.34 49.30 3.30
N LEU D 62 34.51 50.31 3.49
CA LEU D 62 34.73 51.25 4.59
C LEU D 62 34.56 50.56 5.94
N LEU D 63 33.45 49.88 6.13
CA LEU D 63 33.14 49.29 7.42
C LEU D 63 34.28 48.40 7.85
N LYS D 64 34.77 47.59 6.91
CA LYS D 64 35.87 46.67 7.20
C LYS D 64 37.04 47.42 7.82
N THR D 65 37.33 48.57 7.24
CA THR D 65 38.38 49.44 7.72
C THR D 65 38.06 49.98 9.11
N LEU D 66 36.78 50.24 9.36
CA LEU D 66 36.34 50.70 10.67
C LEU D 66 36.49 49.61 11.71
N LEU D 67 36.19 48.39 11.32
CA LEU D 67 36.21 47.26 12.22
C LEU D 67 37.61 46.95 12.72
N LYS D 68 38.61 47.50 12.04
CA LYS D 68 39.98 47.25 12.43
C LYS D 68 40.31 47.93 13.75
N THR D 69 39.44 48.88 14.12
CA THR D 69 39.66 49.72 15.28
C THR D 69 38.60 49.48 16.35
N GLU D 70 37.35 49.75 16.01
CA GLU D 70 36.23 49.58 16.93
C GLU D 70 35.23 48.53 16.50
N GLU D 71 34.17 48.44 17.29
CA GLU D 71 33.08 47.50 17.07
C GLU D 71 32.04 48.19 16.20
N TRP D 72 31.89 47.75 14.95
CA TRP D 72 30.90 48.35 14.05
C TRP D 72 29.98 47.32 13.39
N VAL D 73 28.83 47.78 12.92
CA VAL D 73 27.94 46.94 12.15
C VAL D 73 27.23 47.75 11.08
N LEU D 74 27.13 47.20 9.89
CA LEU D 74 26.45 47.90 8.81
C LEU D 74 24.95 47.67 8.95
N VAL D 75 24.16 48.72 8.76
CA VAL D 75 22.70 48.59 8.78
C VAL D 75 22.18 48.67 7.36
N LEU D 76 21.66 47.56 6.86
CA LEU D 76 21.20 47.47 5.49
C LEU D 76 20.04 48.40 5.17
N PRO D 77 20.27 49.36 4.28
CA PRO D 77 19.24 50.32 3.90
C PRO D 77 18.07 49.63 3.19
N PRO D 78 16.85 49.84 3.70
CA PRO D 78 15.70 49.20 3.06
C PRO D 78 15.62 49.57 1.58
N TRP D 79 15.32 48.58 0.76
CA TRP D 79 15.10 48.81 -0.66
C TRP D 79 13.77 49.53 -0.87
N GLY D 80 13.61 50.09 -2.06
CA GLY D 80 12.46 50.91 -2.37
C GLY D 80 12.97 52.33 -2.48
N ARG D 81 12.28 53.14 -3.25
CA ARG D 81 12.87 54.41 -3.68
C ARG D 81 11.93 55.61 -3.70
N LEU D 82 12.53 56.77 -3.48
CA LEU D 82 11.75 57.98 -3.40
C LEU D 82 10.92 58.19 -4.64
N TYR D 83 11.51 57.97 -5.81
CA TYR D 83 10.76 58.20 -7.04
C TYR D 83 10.11 56.88 -7.42
N HIS D 84 8.81 56.81 -7.18
CA HIS D 84 8.14 55.52 -7.21
C HIS D 84 7.46 55.27 -8.55
N TRP D 85 7.53 56.26 -9.43
CA TRP D 85 7.02 56.08 -10.77
C TRP D 85 8.13 55.43 -11.57
N GLN D 86 9.29 55.27 -10.93
CA GLN D 86 10.50 54.79 -11.58
C GLN D 86 10.36 53.29 -11.71
N SER D 87 9.21 52.80 -11.25
CA SER D 87 8.71 51.50 -11.66
C SER D 87 7.29 51.39 -11.16
N PRO D 88 6.40 51.20 -12.13
CA PRO D 88 4.98 50.95 -11.91
C PRO D 88 4.71 49.44 -11.92
N ASP D 89 3.46 49.08 -11.67
CA ASP D 89 2.51 50.07 -11.14
C ASP D 89 2.55 49.95 -9.62
N ILE D 90 3.20 48.90 -9.14
CA ILE D 90 3.34 48.66 -7.71
C ILE D 90 4.28 49.64 -7.05
N HIS D 91 3.82 50.13 -5.90
CA HIS D 91 4.65 50.80 -4.92
C HIS D 91 5.37 49.73 -4.09
N GLN D 92 6.69 49.77 -4.18
CA GLN D 92 7.55 48.85 -3.45
C GLN D 92 8.37 49.70 -2.51
N VAL D 93 8.13 49.54 -1.22
CA VAL D 93 8.79 50.36 -0.24
C VAL D 93 9.12 49.62 1.06
N ARG D 94 10.23 50.02 1.69
CA ARG D 94 10.67 49.44 2.95
C ARG D 94 10.99 47.96 2.85
N ILE D 95 11.29 47.50 1.63
CA ILE D 95 11.68 46.12 1.40
C ILE D 95 13.00 45.80 2.08
N PRO D 96 13.01 44.77 2.94
CA PRO D 96 14.21 44.31 3.64
C PRO D 96 15.10 43.50 2.71
N TRP D 97 16.41 43.57 2.91
CA TRP D 97 17.35 42.85 2.07
C TRP D 97 17.08 41.35 2.03
N SER D 98 16.38 40.87 3.06
CA SER D 98 16.04 39.46 3.17
C SER D 98 15.41 38.99 1.88
N GLU D 99 14.71 39.91 1.20
CA GLU D 99 13.93 39.58 0.01
C GLU D 99 14.75 39.43 -1.27
N PHE D 100 15.97 39.94 -1.22
CA PHE D 100 16.90 39.93 -2.36
C PHE D 100 18.11 39.00 -2.16
N PHE D 101 18.84 39.20 -1.07
CA PHE D 101 20.00 38.36 -0.83
C PHE D 101 19.83 37.45 0.38
N ASP D 102 20.84 36.61 0.58
CA ASP D 102 20.86 35.70 1.72
C ASP D 102 21.70 36.32 2.83
N LEU D 103 21.04 36.71 3.91
CA LEU D 103 21.69 37.47 4.97
C LEU D 103 22.88 36.78 5.64
N PRO D 104 22.72 35.51 6.02
CA PRO D 104 23.84 34.79 6.62
C PRO D 104 25.09 34.86 5.74
N SER D 105 24.87 34.80 4.43
CA SER D 105 25.95 34.89 3.45
C SER D 105 26.62 36.23 3.52
N LEU D 106 25.81 37.27 3.44
CA LEU D 106 26.31 38.62 3.56
C LEU D 106 27.15 38.77 4.80
N ASN D 107 26.69 38.13 5.87
CA ASN D 107 27.23 38.36 7.19
C ASN D 107 28.59 37.72 7.37
N LYS D 108 28.84 36.63 6.65
CA LYS D 108 30.16 36.01 6.64
C LYS D 108 31.25 36.97 6.15
N ASN D 109 30.85 38.05 5.49
CA ASN D 109 31.77 39.07 4.96
C ASN D 109 32.01 40.18 5.97
N ILE D 110 30.93 40.83 6.38
CA ILE D 110 30.98 41.83 7.42
C ILE D 110 29.76 41.66 8.31
N PRO D 111 29.85 42.09 9.58
CA PRO D 111 28.67 42.06 10.43
C PRO D 111 27.66 43.04 9.87
N VAL D 112 26.43 42.57 9.72
CA VAL D 112 25.43 43.36 9.01
C VAL D 112 24.07 43.08 9.62
N ILE D 113 23.23 44.10 9.72
CA ILE D 113 21.87 43.89 10.24
C ILE D 113 20.83 44.64 9.43
N GLU D 114 19.60 44.14 9.49
CA GLU D 114 18.50 44.75 8.76
C GLU D 114 18.00 45.98 9.53
N TYR D 115 17.44 46.96 8.82
CA TYR D 115 17.05 48.20 9.46
C TYR D 115 16.04 47.98 10.57
N GLU D 116 15.01 47.18 10.30
CA GLU D 116 13.94 46.96 11.26
C GLU D 116 14.55 46.50 12.58
N GLN D 117 15.67 45.78 12.48
CA GLN D 117 16.33 45.29 13.68
C GLN D 117 17.16 46.38 14.34
N PHE D 118 17.64 47.32 13.53
CA PHE D 118 18.37 48.45 14.06
C PHE D 118 17.46 49.24 14.99
N ILE D 119 16.19 49.34 14.60
CA ILE D 119 15.19 50.00 15.42
C ILE D 119 14.96 49.20 16.69
N ALA D 120 15.05 47.89 16.55
CA ALA D 120 14.94 47.03 17.71
C ALA D 120 16.10 47.29 18.70
N GLU D 121 17.34 47.15 18.25
CA GLU D 121 18.52 47.32 19.10
C GLU D 121 18.66 48.70 19.75
N SER D 122 18.87 49.73 18.95
CA SER D 122 18.86 51.10 19.46
C SER D 122 17.43 51.43 19.90
N GLY D 123 17.26 52.45 20.74
CA GLY D 123 15.97 52.66 21.38
C GLY D 123 14.81 52.81 20.41
N GLY D 124 14.86 53.85 19.59
CA GLY D 124 13.89 54.05 18.52
C GLY D 124 14.49 53.93 17.13
N PRO D 125 13.83 54.55 16.15
CA PRO D 125 14.37 54.86 14.83
C PRO D 125 15.07 56.21 14.85
N PHE D 126 16.14 56.32 15.65
CA PHE D 126 16.90 57.56 15.79
C PHE D 126 18.31 57.40 15.24
N ILE D 127 18.79 58.40 14.54
CA ILE D 127 20.16 58.38 14.06
C ILE D 127 20.86 59.58 14.63
N ASP D 128 22.07 59.37 15.17
CA ASP D 128 22.77 60.43 15.89
C ASP D 128 23.34 61.47 14.94
N GLN D 129 24.03 61.02 13.91
CA GLN D 129 24.63 61.94 12.97
C GLN D 129 24.33 61.53 11.54
N VAL D 130 23.86 62.49 10.76
CA VAL D 130 23.73 62.31 9.33
C VAL D 130 24.73 63.22 8.63
N TYR D 131 25.58 62.63 7.80
CA TYR D 131 26.46 63.41 6.96
C TYR D 131 25.99 63.30 5.53
N VAL D 132 25.74 64.42 4.88
CA VAL D 132 25.48 64.37 3.45
C VAL D 132 26.79 64.55 2.69
N LEU D 133 27.13 63.57 1.87
CA LEU D 133 28.37 63.63 1.10
C LEU D 133 28.20 64.51 -0.14
N GLN D 134 29.18 65.35 -0.39
CA GLN D 134 29.16 66.20 -1.57
C GLN D 134 30.57 66.36 -2.12
N SER D 135 30.66 66.83 -3.37
CA SER D 135 31.97 67.12 -3.94
C SER D 135 32.51 68.38 -3.27
N TYR D 136 33.71 68.79 -3.69
CA TYR D 136 34.32 69.97 -3.09
C TYR D 136 33.86 71.22 -3.81
N ALA D 137 33.48 72.22 -3.02
CA ALA D 137 33.00 73.46 -3.57
C ALA D 137 33.97 73.99 -4.62
N GLU D 138 35.23 74.12 -4.22
CA GLU D 138 36.28 74.67 -5.08
C GLU D 138 36.60 73.80 -6.29
N GLY D 139 36.02 72.61 -6.34
CA GLY D 139 36.31 71.67 -7.41
C GLY D 139 37.79 71.31 -7.37
N TRP D 140 38.39 71.11 -8.54
CA TRP D 140 39.83 70.90 -8.58
C TRP D 140 40.43 71.40 -9.89
N LYS D 141 41.62 71.98 -9.80
CA LYS D 141 42.41 72.27 -10.99
C LYS D 141 43.09 70.95 -11.31
N GLU D 142 44.01 70.95 -12.27
CA GLU D 142 44.73 69.71 -12.55
C GLU D 142 46.04 69.69 -11.77
N GLY D 143 46.39 68.52 -11.24
CA GLY D 143 47.43 68.37 -10.26
C GLY D 143 46.80 68.31 -8.88
N THR D 144 45.55 68.73 -8.81
CA THR D 144 44.88 68.97 -7.54
C THR D 144 44.31 67.67 -6.97
N TRP D 145 44.59 66.54 -7.61
CA TRP D 145 43.99 65.30 -7.12
C TRP D 145 44.64 64.82 -5.83
N GLU D 146 43.81 64.78 -4.80
CA GLU D 146 44.21 64.36 -3.47
C GLU D 146 43.00 63.69 -2.82
N GLU D 147 43.24 62.60 -2.10
CA GLU D 147 42.17 61.95 -1.36
C GLU D 147 41.97 62.73 -0.08
N LYS D 148 40.72 63.08 0.21
CA LYS D 148 40.46 63.93 1.37
C LYS D 148 38.98 64.12 1.64
N VAL D 149 38.67 64.50 2.87
CA VAL D 149 37.30 64.76 3.28
C VAL D 149 37.24 65.86 4.32
N ASP D 150 36.30 66.78 4.14
CA ASP D 150 36.19 67.92 5.05
C ASP D 150 34.74 68.28 5.38
N GLU D 151 34.53 68.71 6.63
CA GLU D 151 33.34 69.45 6.99
C GLU D 151 33.25 70.65 6.06
N ARG D 152 32.13 70.80 5.39
CA ARG D 152 31.95 71.93 4.51
C ARG D 152 30.50 72.38 4.52
N PRO D 153 30.30 73.68 4.30
CA PRO D 153 28.96 74.22 4.06
C PRO D 153 28.27 73.42 2.96
N CYS D 154 26.95 73.32 3.03
CA CYS D 154 26.24 72.50 2.06
C CYS D 154 26.24 73.11 0.67
N ILE D 155 26.77 72.39 -0.29
CA ILE D 155 26.81 72.88 -1.66
C ILE D 155 25.41 72.94 -2.20
N ASP D 156 24.61 71.94 -1.85
CA ASP D 156 23.25 71.86 -2.33
C ASP D 156 22.31 72.10 -1.16
N GLN D 157 21.12 72.61 -1.44
CA GLN D 157 20.14 72.79 -0.38
C GLN D 157 19.81 71.46 0.29
N LEU D 158 19.92 71.45 1.62
CA LEU D 158 19.72 70.25 2.41
C LEU D 158 18.29 69.77 2.30
N LEU D 159 18.07 68.45 2.26
CA LEU D 159 16.70 67.95 2.17
C LEU D 159 15.97 67.69 3.50
N TYR D 160 16.72 67.63 4.59
CA TYR D 160 16.13 67.38 5.90
C TYR D 160 15.50 68.61 6.51
N SER D 161 14.28 68.47 7.04
CA SER D 161 13.61 69.57 7.74
C SER D 161 13.56 69.25 9.21
N GLN D 162 13.58 70.27 10.06
CA GLN D 162 13.44 70.08 11.50
C GLN D 162 11.97 70.04 11.92
N ASP D 163 11.62 69.19 12.88
CA ASP D 163 10.25 69.14 13.39
C ASP D 163 10.09 70.07 14.58
N LYS D 164 8.90 70.10 15.17
CA LYS D 164 8.71 71.03 16.27
C LYS D 164 9.56 70.63 17.46
N HIS D 165 10.10 69.41 17.42
CA HIS D 165 11.03 68.95 18.45
C HIS D 165 12.51 69.02 18.12
N GLU D 166 12.87 69.62 16.99
CA GLU D 166 14.27 69.82 16.62
C GLU D 166 14.91 68.59 16.00
N TYR D 167 14.20 67.47 15.98
CA TYR D 167 14.67 66.29 15.29
C TYR D 167 14.67 66.53 13.79
N TYR D 168 15.58 65.92 13.06
CA TYR D 168 15.57 66.11 11.61
C TYR D 168 14.74 65.02 10.93
N ARG D 169 13.63 65.42 10.34
CA ARG D 169 12.82 64.51 9.55
C ARG D 169 13.40 64.42 8.16
N GLY D 170 13.22 63.27 7.51
CA GLY D 170 13.75 63.06 6.18
C GLY D 170 13.08 61.92 5.45
N TRP D 171 13.66 61.53 4.32
CA TRP D 171 13.11 60.43 3.53
C TRP D 171 13.38 59.11 4.18
N PHE D 172 14.61 58.93 4.65
CA PHE D 172 14.95 57.79 5.50
C PHE D 172 14.39 56.45 5.03
N TRP D 173 14.61 56.15 3.75
CA TRP D 173 14.24 54.88 3.15
C TRP D 173 12.77 54.60 3.30
N GLY D 174 11.98 55.66 3.46
CA GLY D 174 10.55 55.52 3.55
C GLY D 174 10.06 55.25 4.95
N TYR D 175 10.96 55.22 5.93
CA TYR D 175 10.53 54.95 7.28
C TYR D 175 10.19 56.25 7.97
N GLU D 176 8.89 56.52 8.03
CA GLU D 176 8.40 57.89 8.20
C GLU D 176 8.74 58.45 9.56
N GLU D 177 8.97 57.54 10.51
CA GLU D 177 9.12 57.92 11.90
C GLU D 177 10.58 58.12 12.26
N THR D 178 11.48 57.86 11.31
CA THR D 178 12.89 58.06 11.59
C THR D 178 13.15 59.52 11.87
N ARG D 179 13.90 59.79 12.92
CA ARG D 179 14.33 61.15 13.20
C ARG D 179 15.83 61.16 13.46
N GLY D 180 16.54 62.07 12.80
CA GLY D 180 17.96 62.25 13.04
C GLY D 180 18.28 63.38 14.02
N LEU D 181 19.40 63.25 14.71
CA LEU D 181 19.85 64.24 15.70
C LEU D 181 20.61 65.46 15.17
N ASN D 182 21.54 65.23 14.25
CA ASN D 182 22.30 66.34 13.66
C ASN D 182 22.61 66.06 12.19
N VAL D 183 22.62 67.12 11.38
CA VAL D 183 22.91 66.99 9.97
C VAL D 183 23.95 68.01 9.51
N SER D 184 24.97 67.53 8.80
CA SER D 184 26.00 68.39 8.22
C SER D 184 26.35 67.88 6.84
N CYS D 185 27.13 68.64 6.10
CA CYS D 185 27.62 68.17 4.81
C CYS D 185 29.11 67.83 4.90
N LEU D 186 29.54 66.90 4.06
CA LEU D 186 30.95 66.56 3.97
C LEU D 186 31.38 66.60 2.51
N SER D 187 32.30 67.48 2.19
CA SER D 187 32.98 67.41 0.91
C SER D 187 33.95 66.25 0.98
N VAL D 188 34.06 65.46 -0.09
CA VAL D 188 34.84 64.24 -0.03
C VAL D 188 35.42 63.90 -1.40
N GLN D 189 36.59 63.28 -1.43
CA GLN D 189 37.21 62.95 -2.70
C GLN D 189 37.52 61.47 -3.00
N GLY D 190 38.32 60.81 -2.17
CA GLY D 190 38.85 59.50 -2.49
C GLY D 190 37.96 58.27 -2.30
N SER D 191 38.58 57.16 -1.93
CA SER D 191 37.88 55.89 -1.74
C SER D 191 36.99 55.98 -0.51
N ALA D 192 36.23 54.92 -0.25
CA ALA D 192 35.27 54.93 0.85
C ALA D 192 35.95 55.00 2.21
N SER D 193 37.05 54.28 2.36
CA SER D 193 37.72 54.23 3.66
C SER D 193 38.28 55.57 4.05
N ILE D 194 38.36 56.51 3.10
CA ILE D 194 38.96 57.82 3.36
C ILE D 194 38.24 58.47 4.53
N VAL D 195 37.02 58.01 4.74
CA VAL D 195 36.11 58.54 5.74
C VAL D 195 36.34 57.99 7.15
N ALA D 196 36.94 56.80 7.21
CA ALA D 196 37.01 56.03 8.46
C ALA D 196 37.54 56.79 9.68
N PRO D 197 38.69 57.49 9.53
CA PRO D 197 39.27 58.13 10.70
C PRO D 197 38.31 59.16 11.29
N LEU D 198 37.75 59.98 10.44
CA LEU D 198 36.80 60.99 10.87
C LEU D 198 35.70 60.36 11.74
N LEU D 199 35.18 59.21 11.30
CA LEU D 199 34.15 58.51 12.06
C LEU D 199 34.71 57.97 13.36
N LEU D 200 35.95 57.53 13.31
CA LEU D 200 36.56 56.91 14.46
C LEU D 200 36.91 57.94 15.52
N ARG D 201 37.58 59.01 15.09
CA ARG D 201 38.17 60.00 15.99
C ARG D 201 37.32 61.25 16.16
N ASN D 202 37.03 61.91 15.04
CA ASN D 202 36.30 63.18 15.02
C ASN D 202 34.80 63.15 15.38
N THR D 203 34.20 61.98 15.59
CA THR D 203 32.83 61.93 16.11
C THR D 203 32.56 60.83 17.17
N SER D 204 31.63 61.14 18.08
CA SER D 204 31.24 60.27 19.18
C SER D 204 29.96 59.47 18.95
N ALA D 205 29.29 59.71 17.82
CA ALA D 205 27.92 59.22 17.61
C ALA D 205 27.80 57.70 17.60
N ARG D 206 26.75 57.20 18.25
CA ARG D 206 26.46 55.76 18.29
C ARG D 206 26.06 55.24 16.92
N SER D 207 25.42 56.11 16.14
CA SER D 207 24.94 55.76 14.81
C SER D 207 25.18 56.92 13.85
N VAL D 208 25.74 56.61 12.68
CA VAL D 208 26.08 57.62 11.70
C VAL D 208 25.55 57.21 10.34
N MET D 209 24.94 58.17 9.64
CA MET D 209 24.43 57.87 8.31
C MET D 209 25.11 58.68 7.24
N LEU D 210 25.49 58.04 6.14
CA LEU D 210 26.11 58.73 5.04
C LEU D 210 25.15 58.85 3.87
N ASP D 211 24.61 60.04 3.67
CA ASP D 211 23.77 60.29 2.52
C ASP D 211 24.60 60.57 1.28
N ARG D 212 24.01 60.36 0.10
CA ARG D 212 24.72 60.57 -1.16
C ARG D 212 26.01 59.75 -1.19
N ALA D 213 25.92 58.54 -0.63
CA ALA D 213 27.07 57.68 -0.45
C ALA D 213 27.80 57.39 -1.74
N GLU D 214 27.10 57.44 -2.87
CA GLU D 214 27.71 57.13 -4.14
C GLU D 214 28.90 58.06 -4.41
N ASN D 215 28.98 59.13 -3.65
CA ASN D 215 30.11 60.05 -3.75
C ASN D 215 31.42 59.36 -3.43
N LEU D 216 31.32 58.27 -2.68
CA LEU D 216 32.48 57.49 -2.28
C LEU D 216 32.95 56.55 -3.38
N LEU D 217 34.26 56.32 -3.45
CA LEU D 217 34.79 55.49 -4.49
C LEU D 217 35.15 54.12 -3.95
N HIS D 218 35.47 53.19 -4.84
CA HIS D 218 35.85 51.86 -4.38
C HIS D 218 37.22 51.94 -3.77
N ASP D 219 37.46 51.17 -2.71
CA ASP D 219 38.78 51.23 -2.12
C ASP D 219 39.83 50.81 -3.15
N HIS D 220 39.82 49.54 -3.51
CA HIS D 220 40.61 49.04 -4.61
C HIS D 220 39.68 48.10 -5.37
N TYR D 221 39.27 48.48 -6.58
CA TYR D 221 38.13 47.77 -7.20
C TYR D 221 38.29 46.27 -7.44
N GLY D 222 39.16 45.88 -8.37
CA GLY D 222 39.24 44.47 -8.71
C GLY D 222 39.84 43.68 -7.57
N GLY D 223 40.08 44.38 -6.46
CA GLY D 223 40.85 43.84 -5.34
C GLY D 223 40.26 42.61 -4.69
N LYS D 224 41.10 41.92 -3.94
CA LYS D 224 40.68 40.76 -3.17
C LYS D 224 39.68 41.17 -2.08
N GLU D 225 39.90 42.32 -1.45
CA GLU D 225 38.93 42.78 -0.45
C GLU D 225 37.57 42.90 -1.10
N TYR D 226 37.57 43.49 -2.30
CA TYR D 226 36.35 43.71 -3.05
C TYR D 226 35.61 42.41 -3.31
N TRP D 227 36.30 41.49 -3.94
CA TRP D 227 35.70 40.24 -4.37
C TRP D 227 35.12 39.46 -3.20
N ASP D 228 35.70 39.63 -2.03
CA ASP D 228 35.13 39.02 -0.84
C ASP D 228 33.72 39.52 -0.66
N THR D 229 33.57 40.83 -0.68
CA THR D 229 32.26 41.45 -0.53
C THR D 229 31.29 40.99 -1.62
N ARG D 230 31.71 41.12 -2.88
CA ARG D 230 30.85 40.79 -4.01
C ARG D 230 30.35 39.35 -3.98
N ARG D 231 31.24 38.43 -3.59
CA ARG D 231 30.88 37.02 -3.49
C ARG D 231 29.95 36.79 -2.32
N SER D 232 29.98 37.70 -1.37
CA SER D 232 29.17 37.53 -0.17
C SER D 232 27.71 37.76 -0.50
N MET D 233 27.44 38.51 -1.57
CA MET D 233 26.05 38.84 -1.84
C MET D 233 25.51 37.74 -2.73
N VAL D 234 24.80 36.82 -2.09
CA VAL D 234 24.28 35.67 -2.80
C VAL D 234 22.79 35.83 -2.78
N PHE D 235 22.17 35.54 -3.91
CA PHE D 235 20.77 35.80 -4.05
C PHE D 235 19.97 35.02 -3.03
N ALA D 236 18.85 35.61 -2.61
CA ALA D 236 17.90 34.94 -1.73
C ALA D 236 17.59 33.58 -2.34
N ARG D 237 17.62 32.54 -1.50
CA ARG D 237 17.44 31.20 -2.01
C ARG D 237 16.20 31.16 -2.88
N HIS D 238 15.11 31.69 -2.35
CA HIS D 238 13.84 31.53 -3.04
C HIS D 238 13.96 31.96 -4.50
N LEU D 239 14.77 32.99 -4.74
CA LEU D 239 14.91 33.56 -6.07
C LEU D 239 15.64 32.62 -7.01
N ARG D 240 16.78 32.11 -6.57
CA ARG D 240 17.56 31.23 -7.43
C ARG D 240 16.72 30.02 -7.83
N GLU D 241 16.01 29.46 -6.85
CA GLU D 241 15.17 28.30 -7.10
C GLU D 241 14.25 28.58 -8.27
N VAL D 242 13.73 29.79 -8.32
CA VAL D 242 12.86 30.18 -9.40
C VAL D 242 13.58 30.19 -10.75
N GLY D 243 14.80 30.70 -10.76
CA GLY D 243 15.59 30.74 -11.98
C GLY D 243 16.01 29.34 -12.38
N ASP D 244 16.35 28.55 -11.38
CA ASP D 244 16.75 27.18 -11.61
C ASP D 244 15.57 26.40 -12.15
N GLU D 245 14.39 26.72 -11.63
CA GLU D 245 13.15 26.16 -12.15
C GLU D 245 13.07 26.44 -13.65
N PHE D 246 13.26 27.70 -14.01
CA PHE D 246 13.12 28.15 -15.39
C PHE D 246 14.13 27.46 -16.29
N ARG D 247 15.40 27.53 -15.91
CA ARG D 247 16.48 26.88 -16.64
C ARG D 247 16.18 25.40 -16.94
N SER D 248 15.73 24.67 -15.92
CA SER D 248 15.39 23.27 -16.11
C SER D 248 14.23 23.12 -17.08
N ARG D 249 13.13 23.81 -16.81
CA ARG D 249 11.94 23.72 -17.66
C ARG D 249 12.15 24.15 -19.13
N HIS D 250 12.35 25.45 -19.36
CA HIS D 250 12.44 25.97 -20.74
C HIS D 250 13.83 26.00 -21.39
N LEU D 251 14.88 25.94 -20.58
CA LEU D 251 16.24 26.01 -21.11
C LEU D 251 17.05 24.72 -21.21
N ASN D 252 16.48 23.59 -20.80
CA ASN D 252 17.21 22.34 -20.76
C ASN D 252 18.54 22.52 -20.03
N SER D 253 18.51 23.26 -18.93
CA SER D 253 19.72 23.60 -18.19
C SER D 253 19.58 23.37 -16.69
N THR D 254 20.55 22.64 -16.13
CA THR D 254 20.62 22.40 -14.71
C THR D 254 22.07 22.51 -14.32
N ASP D 255 22.35 22.68 -13.03
CA ASP D 255 23.74 22.92 -12.63
C ASP D 255 24.73 21.82 -13.03
N ASP D 256 24.33 20.56 -12.91
CA ASP D 256 25.21 19.45 -13.27
C ASP D 256 25.47 19.39 -14.78
N ALA D 257 24.41 19.55 -15.56
CA ALA D 257 24.50 19.50 -17.02
C ALA D 257 25.25 20.69 -17.58
N ASP D 258 25.32 21.74 -16.77
CA ASP D 258 26.04 22.95 -17.16
C ASP D 258 27.47 22.91 -16.62
N ARG D 259 27.82 21.79 -16.00
CA ARG D 259 29.17 21.57 -15.47
C ARG D 259 29.58 22.70 -14.52
N ILE D 260 28.66 23.06 -13.62
CA ILE D 260 28.92 24.09 -12.62
C ILE D 260 28.62 23.56 -11.23
N PRO D 261 29.64 22.99 -10.57
CA PRO D 261 29.34 22.47 -9.24
C PRO D 261 28.97 23.63 -8.32
N PHE D 262 27.97 23.44 -7.46
CA PHE D 262 27.60 24.52 -6.57
C PHE D 262 27.77 24.16 -5.11
N GLN D 263 27.94 25.21 -4.33
CA GLN D 263 28.26 25.13 -2.93
C GLN D 263 27.45 26.25 -2.26
N GLU D 264 26.78 25.94 -1.16
CA GLU D 264 25.96 26.93 -0.49
C GLU D 264 26.82 27.99 0.19
N ASP D 265 27.91 27.54 0.81
CA ASP D 265 28.81 28.46 1.49
C ASP D 265 29.66 29.12 0.40
N TRP D 266 29.50 30.43 0.22
CA TRP D 266 30.16 31.12 -0.88
C TRP D 266 31.67 31.13 -0.67
N MET D 267 32.06 30.98 0.57
CA MET D 267 33.47 30.94 0.94
C MET D 267 34.09 29.62 0.48
N LYS D 268 33.33 28.54 0.57
CA LYS D 268 33.86 27.22 0.24
C LYS D 268 33.85 27.00 -1.26
N MET D 269 33.40 28.00 -2.01
CA MET D 269 33.39 27.84 -3.46
C MET D 269 34.42 28.71 -4.19
N LYS D 270 35.50 28.06 -4.63
CA LYS D 270 36.53 28.64 -5.47
C LYS D 270 36.57 27.78 -6.72
N VAL D 271 36.75 28.42 -7.88
CA VAL D 271 36.55 27.72 -9.15
C VAL D 271 37.63 28.03 -10.19
N LYS D 272 38.30 26.99 -10.69
CA LYS D 272 39.30 27.16 -11.75
C LYS D 272 38.63 27.90 -12.92
N LEU D 273 39.25 28.98 -13.37
CA LEU D 273 38.59 29.84 -14.35
C LEU D 273 38.39 29.15 -15.69
N GLY D 274 37.14 29.14 -16.16
CA GLY D 274 36.83 28.56 -17.45
C GLY D 274 36.49 27.09 -17.36
N SER D 275 36.23 26.61 -16.15
CA SER D 275 35.80 25.23 -15.93
C SER D 275 34.30 25.08 -16.21
N ALA D 276 33.54 26.07 -15.77
CA ALA D 276 32.09 26.04 -15.89
C ALA D 276 31.66 26.13 -17.36
N LEU D 277 30.75 25.25 -17.74
CA LEU D 277 30.31 25.14 -19.13
C LEU D 277 29.19 26.11 -19.51
N GLY D 278 28.06 25.99 -18.82
CA GLY D 278 26.89 26.81 -19.12
C GLY D 278 25.77 25.99 -19.75
N GLY D 279 24.58 26.59 -19.83
CA GLY D 279 23.43 25.91 -20.41
C GLY D 279 23.42 25.97 -21.92
N PRO D 280 22.75 25.00 -22.55
CA PRO D 280 22.60 24.97 -24.01
C PRO D 280 21.72 26.12 -24.49
N TYR D 281 22.09 27.35 -24.16
CA TYR D 281 21.37 28.51 -24.63
C TYR D 281 22.23 29.77 -24.59
N LEU D 282 21.85 30.75 -25.38
CA LEU D 282 22.55 32.02 -25.42
C LEU D 282 21.85 32.99 -24.49
N GLY D 283 22.58 33.54 -23.51
CA GLY D 283 22.02 34.61 -22.70
C GLY D 283 22.20 36.00 -23.27
N VAL D 284 21.15 36.82 -23.19
CA VAL D 284 21.20 38.17 -23.75
C VAL D 284 20.44 39.17 -22.90
N HIS D 285 21.05 40.34 -22.72
CA HIS D 285 20.41 41.41 -21.98
C HIS D 285 20.34 42.68 -22.80
N LEU D 286 19.11 43.09 -23.16
CA LEU D 286 18.90 44.26 -24.00
C LEU D 286 18.31 45.38 -23.19
N ARG D 287 19.10 46.42 -22.94
CA ARG D 287 18.63 47.47 -22.06
C ARG D 287 18.14 48.62 -22.94
N ARG D 288 16.83 48.75 -23.03
CA ARG D 288 16.21 49.65 -24.00
C ARG D 288 15.56 51.00 -23.58
N LYS D 289 15.44 51.31 -22.29
CA LYS D 289 14.67 52.52 -21.98
C LYS D 289 15.52 53.80 -21.84
N ASP D 290 16.82 53.62 -22.02
CA ASP D 290 17.76 54.70 -22.20
C ASP D 290 17.55 55.31 -23.57
N PHE D 291 16.65 54.72 -24.35
CA PHE D 291 16.38 55.27 -25.66
C PHE D 291 15.33 56.30 -25.28
N ILE D 292 15.82 57.52 -25.15
CA ILE D 292 15.04 58.72 -24.92
C ILE D 292 15.74 59.76 -25.78
N TRP D 293 17.02 59.92 -25.48
CA TRP D 293 17.93 60.80 -26.18
C TRP D 293 17.79 60.67 -27.70
N GLY D 294 17.62 59.43 -28.20
CA GLY D 294 17.36 59.23 -29.61
C GLY D 294 18.63 59.26 -30.44
N HIS D 295 19.68 59.84 -29.88
CA HIS D 295 21.02 59.57 -30.38
C HIS D 295 21.85 58.98 -29.24
N ARG D 296 22.08 57.68 -29.34
CA ARG D 296 23.04 56.95 -28.52
C ARG D 296 23.76 55.97 -29.43
N GLN D 297 25.06 56.17 -29.58
CA GLN D 297 25.85 55.43 -30.56
C GLN D 297 26.04 53.95 -30.24
N ASP D 298 25.92 53.59 -28.98
CA ASP D 298 26.28 52.25 -28.54
C ASP D 298 25.14 51.24 -28.41
N VAL D 299 23.91 51.63 -28.73
CA VAL D 299 22.81 50.68 -28.74
C VAL D 299 22.34 50.30 -30.14
N PRO D 300 22.12 49.00 -30.37
CA PRO D 300 21.67 48.45 -31.64
C PRO D 300 20.16 48.58 -31.91
N SER D 301 19.80 48.54 -33.19
CA SER D 301 18.41 48.46 -33.63
C SER D 301 17.95 47.06 -33.37
N LEU D 302 16.63 46.85 -33.38
CA LEU D 302 16.11 45.51 -33.23
C LEU D 302 16.63 44.56 -34.31
N GLU D 303 16.59 44.96 -35.56
CA GLU D 303 17.13 44.10 -36.61
C GLU D 303 18.63 43.87 -36.41
N GLY D 304 19.35 44.93 -36.10
CA GLY D 304 20.79 44.85 -35.93
C GLY D 304 21.19 43.94 -34.78
N ALA D 305 20.38 43.93 -33.73
CA ALA D 305 20.66 43.10 -32.56
C ALA D 305 20.27 41.66 -32.84
N VAL D 306 19.14 41.49 -33.53
CA VAL D 306 18.66 40.15 -33.87
C VAL D 306 19.68 39.44 -34.75
N ARG D 307 20.36 40.20 -35.61
CA ARG D 307 21.38 39.62 -36.46
C ARG D 307 22.54 39.10 -35.62
N LYS D 308 22.98 39.89 -34.66
CA LYS D 308 24.02 39.44 -33.76
C LYS D 308 23.57 38.15 -33.10
N ILE D 309 22.35 38.14 -32.57
CA ILE D 309 21.83 36.98 -31.87
C ILE D 309 22.03 35.74 -32.73
N ARG D 310 21.49 35.77 -33.95
CA ARG D 310 21.58 34.62 -34.85
C ARG D 310 23.02 34.22 -35.15
N SER D 311 23.85 35.23 -35.42
CA SER D 311 25.27 34.99 -35.70
C SER D 311 25.89 34.21 -34.56
N LEU D 312 25.52 34.59 -33.34
CA LEU D 312 26.04 33.93 -32.14
C LEU D 312 25.46 32.54 -31.97
N MET D 313 24.17 32.40 -32.21
CA MET D 313 23.54 31.10 -32.01
C MET D 313 24.19 30.10 -32.94
N LYS D 314 24.33 30.47 -34.20
CA LYS D 314 24.89 29.57 -35.19
C LYS D 314 26.35 29.28 -34.93
N THR D 315 27.07 30.26 -34.38
CA THR D 315 28.50 30.07 -34.16
C THR D 315 28.79 29.06 -33.06
N HIS D 316 28.19 29.26 -31.89
CA HIS D 316 28.42 28.39 -30.74
C HIS D 316 27.46 27.21 -30.68
N ARG D 317 26.70 27.02 -31.76
CA ARG D 317 25.81 25.88 -31.86
C ARG D 317 24.80 25.92 -30.73
N LEU D 318 24.12 27.04 -30.58
CA LEU D 318 23.15 27.21 -29.50
C LEU D 318 21.70 27.07 -30.00
N ASP D 319 20.91 26.29 -29.27
CA ASP D 319 19.52 26.04 -29.63
C ASP D 319 18.50 27.13 -29.28
N LYS D 320 18.57 27.60 -28.05
CA LYS D 320 17.55 28.49 -27.52
C LYS D 320 18.24 29.77 -27.14
N VAL D 321 17.46 30.83 -26.97
CA VAL D 321 18.02 32.10 -26.54
C VAL D 321 17.13 32.73 -25.47
N PHE D 322 17.73 33.02 -24.32
CA PHE D 322 17.02 33.68 -23.25
C PHE D 322 17.28 35.18 -23.24
N VAL D 323 16.22 35.97 -23.17
CA VAL D 323 16.36 37.42 -23.21
C VAL D 323 15.90 38.11 -21.93
N ALA D 324 16.81 38.91 -21.38
CA ALA D 324 16.46 39.84 -20.31
C ALA D 324 16.39 41.21 -20.92
N THR D 325 15.22 41.83 -20.85
CA THR D 325 15.04 43.13 -21.49
C THR D 325 14.03 43.96 -20.74
N ASP D 326 14.28 45.26 -20.70
CA ASP D 326 13.36 46.22 -20.12
C ASP D 326 12.44 46.83 -21.18
N ALA D 327 12.47 46.25 -22.37
CA ALA D 327 11.77 46.80 -23.52
C ALA D 327 10.29 47.08 -23.32
N VAL D 328 9.85 48.11 -24.02
CA VAL D 328 8.45 48.49 -24.09
C VAL D 328 7.68 47.41 -24.79
N ARG D 329 6.38 47.40 -24.58
CA ARG D 329 5.54 46.35 -25.16
C ARG D 329 5.65 46.43 -26.67
N LYS D 330 5.68 47.65 -27.21
CA LYS D 330 5.78 47.81 -28.66
C LYS D 330 7.04 47.13 -29.19
N GLU D 331 8.15 47.30 -28.48
CA GLU D 331 9.43 46.77 -28.92
C GLU D 331 9.52 45.27 -28.67
N TYR D 332 8.94 44.80 -27.57
CA TYR D 332 8.96 43.37 -27.31
C TYR D 332 8.15 42.59 -28.35
N GLU D 333 7.00 43.11 -28.73
CA GLU D 333 6.18 42.47 -29.77
C GLU D 333 7.00 42.33 -31.05
N GLU D 334 7.81 43.34 -31.33
CA GLU D 334 8.64 43.37 -32.53
C GLU D 334 9.72 42.31 -32.45
N LEU D 335 10.39 42.24 -31.31
CA LEU D 335 11.41 41.23 -31.09
C LEU D 335 10.85 39.84 -31.28
N LYS D 336 9.70 39.59 -30.64
CA LYS D 336 9.06 38.28 -30.67
C LYS D 336 8.70 37.88 -32.09
N LYS D 337 8.47 38.86 -32.96
CA LYS D 337 8.27 38.58 -34.38
C LYS D 337 9.56 38.07 -34.99
N LEU D 338 10.63 38.84 -34.83
CA LEU D 338 11.93 38.55 -35.44
C LEU D 338 12.61 37.31 -34.84
N LEU D 339 12.18 36.90 -33.65
CA LEU D 339 12.91 35.86 -32.92
C LEU D 339 11.97 34.90 -32.21
N PRO D 340 11.19 34.13 -32.96
CA PRO D 340 10.20 33.23 -32.36
C PRO D 340 10.81 32.26 -31.35
N GLU D 341 12.09 31.91 -31.54
CA GLU D 341 12.74 30.90 -30.72
C GLU D 341 13.15 31.49 -29.36
N MET D 342 12.82 32.76 -29.18
CA MET D 342 13.17 33.46 -27.95
C MET D 342 12.42 32.93 -26.74
N VAL D 343 13.10 32.95 -25.61
CA VAL D 343 12.51 32.63 -24.33
C VAL D 343 12.72 33.82 -23.43
N ARG D 344 11.69 34.19 -22.68
CA ARG D 344 11.77 35.31 -21.77
C ARG D 344 11.12 34.90 -20.47
N PHE D 345 11.57 35.47 -19.35
CA PHE D 345 10.88 35.22 -18.11
C PHE D 345 9.88 36.32 -17.87
N GLU D 346 8.59 36.00 -17.97
CA GLU D 346 7.55 36.99 -17.74
C GLU D 346 6.82 36.65 -16.46
N PRO D 347 7.00 37.49 -15.44
CA PRO D 347 6.38 37.32 -14.13
C PRO D 347 4.90 37.67 -14.14
N THR D 348 4.10 36.90 -13.42
CA THR D 348 2.70 37.25 -13.22
C THR D 348 2.66 38.46 -12.30
N TRP D 349 1.54 39.15 -12.28
CA TRP D 349 1.38 40.23 -11.33
C TRP D 349 1.79 39.74 -9.94
N GLU D 350 1.08 38.74 -9.43
CA GLU D 350 1.36 38.21 -8.10
C GLU D 350 2.85 37.98 -7.95
N GLU D 351 3.49 37.49 -9.00
CA GLU D 351 4.88 37.08 -8.94
C GLU D 351 5.77 38.28 -8.73
N LEU D 352 5.39 39.37 -9.36
CA LEU D 352 6.14 40.60 -9.28
C LEU D 352 5.85 41.33 -7.98
N GLU D 353 4.58 41.40 -7.62
CA GLU D 353 4.22 42.04 -6.37
C GLU D 353 4.98 41.31 -5.27
N LEU D 354 5.32 40.06 -5.52
CA LEU D 354 5.95 39.21 -4.53
C LEU D 354 7.46 39.42 -4.44
N TYR D 355 8.13 39.18 -5.57
CA TYR D 355 9.59 39.21 -5.68
C TYR D 355 10.10 40.65 -5.86
N LYS D 356 9.17 41.58 -5.91
CA LYS D 356 9.39 42.98 -6.27
C LYS D 356 10.12 43.18 -7.60
N ASP D 357 10.75 44.33 -7.77
CA ASP D 357 11.32 44.68 -9.06
C ASP D 357 12.72 44.10 -9.19
N GLY D 358 13.47 44.24 -8.11
CA GLY D 358 14.82 43.74 -8.05
C GLY D 358 14.83 42.24 -7.96
N GLY D 359 13.70 41.67 -7.54
CA GLY D 359 13.59 40.23 -7.46
C GLY D 359 13.55 39.65 -8.87
N VAL D 360 12.66 40.20 -9.70
CA VAL D 360 12.56 39.79 -11.09
C VAL D 360 13.85 40.15 -11.79
N ALA D 361 14.36 41.32 -11.47
CA ALA D 361 15.64 41.73 -12.01
C ALA D 361 16.69 40.64 -11.73
N ILE D 362 16.70 40.15 -10.51
CA ILE D 362 17.71 39.18 -10.09
C ILE D 362 17.54 37.88 -10.83
N ILE D 363 16.30 37.37 -10.87
CA ILE D 363 16.01 36.18 -11.63
C ILE D 363 16.53 36.34 -13.06
N ASP D 364 16.15 37.43 -13.73
CA ASP D 364 16.60 37.67 -15.09
C ASP D 364 18.12 37.57 -15.19
N GLN D 365 18.82 38.18 -14.24
CA GLN D 365 20.28 38.10 -14.24
C GLN D 365 20.78 36.66 -14.03
N TRP D 366 20.30 36.03 -12.97
CA TRP D 366 20.71 34.68 -12.62
C TRP D 366 20.68 33.74 -13.83
N ILE D 367 19.61 33.80 -14.60
CA ILE D 367 19.49 32.96 -15.79
C ILE D 367 20.54 33.27 -16.87
N CYS D 368 20.79 34.55 -17.14
CA CYS D 368 21.82 34.94 -18.08
C CYS D 368 23.18 34.41 -17.64
N ALA D 369 23.45 34.55 -16.34
CA ALA D 369 24.73 34.14 -15.78
C ALA D 369 25.04 32.70 -16.13
N HIS D 370 24.01 31.86 -16.19
CA HIS D 370 24.19 30.43 -16.38
C HIS D 370 24.17 29.99 -17.84
N ALA D 371 24.05 30.93 -18.77
CA ALA D 371 24.05 30.58 -20.19
C ALA D 371 25.45 30.26 -20.66
N ARG D 372 25.59 29.33 -21.60
CA ARG D 372 26.91 28.95 -22.09
C ARG D 372 27.68 30.17 -22.55
N PHE D 373 26.94 31.12 -23.13
CA PHE D 373 27.54 32.32 -23.71
C PHE D 373 26.59 33.50 -23.53
N PHE D 374 27.16 34.68 -23.27
CA PHE D 374 26.37 35.84 -22.89
C PHE D 374 26.77 37.13 -23.61
N ILE D 375 25.77 37.90 -24.00
CA ILE D 375 26.04 39.21 -24.54
C ILE D 375 25.08 40.21 -23.92
N GLY D 376 25.65 41.28 -23.37
CA GLY D 376 24.88 42.33 -22.73
C GLY D 376 24.85 43.64 -23.50
N THR D 377 24.36 44.67 -22.84
CA THR D 377 24.22 46.00 -23.42
C THR D 377 25.33 46.94 -22.94
N SER D 378 25.78 47.83 -23.82
CA SER D 378 26.84 48.76 -23.45
C SER D 378 26.55 49.58 -22.17
N VAL D 379 27.52 49.59 -21.26
CA VAL D 379 27.49 50.41 -20.04
C VAL D 379 26.20 50.32 -19.25
N SER D 380 25.62 49.13 -19.17
CA SER D 380 24.42 48.92 -18.36
C SER D 380 24.82 48.20 -17.10
N THR D 381 24.68 48.86 -15.95
CA THR D 381 25.17 48.27 -14.71
C THR D 381 24.43 46.96 -14.37
N PHE D 382 23.31 46.70 -15.06
CA PHE D 382 22.63 45.40 -15.02
C PHE D 382 23.55 44.36 -15.61
N SER D 383 24.00 44.59 -16.84
CA SER D 383 24.93 43.69 -17.51
C SER D 383 26.21 43.54 -16.70
N PHE D 384 26.65 44.62 -16.08
CA PHE D 384 27.82 44.56 -15.20
C PHE D 384 27.65 43.50 -14.12
N ARG D 385 26.53 43.52 -13.40
CA ARG D 385 26.31 42.54 -12.35
C ARG D 385 26.37 41.11 -12.88
N ILE D 386 25.99 40.94 -14.15
CA ILE D 386 25.99 39.63 -14.76
C ILE D 386 27.43 39.18 -14.99
N HIS D 387 28.23 40.07 -15.59
CA HIS D 387 29.65 39.79 -15.78
C HIS D 387 30.21 39.26 -14.48
N GLU D 388 29.91 39.95 -13.39
CA GLU D 388 30.40 39.55 -12.08
C GLU D 388 29.91 38.16 -11.67
N GLU D 389 28.64 37.87 -11.94
CA GLU D 389 28.13 36.56 -11.59
C GLU D 389 28.81 35.43 -12.39
N ARG D 390 28.91 35.57 -13.70
CA ARG D 390 29.56 34.53 -14.50
C ARG D 390 31.00 34.34 -14.05
N GLU D 391 31.66 35.42 -13.67
CA GLU D 391 33.06 35.31 -13.27
C GLU D 391 33.18 34.51 -11.98
N ILE D 392 32.12 34.53 -11.17
CA ILE D 392 32.07 33.80 -9.92
C ILE D 392 31.76 32.33 -10.14
N LEU D 393 30.95 32.04 -11.16
CA LEU D 393 30.58 30.66 -11.48
C LEU D 393 31.69 29.90 -12.19
N GLY D 394 32.62 30.65 -12.80
CA GLY D 394 33.75 30.04 -13.47
C GLY D 394 33.65 29.95 -14.97
N LEU D 395 32.70 30.68 -15.55
CA LEU D 395 32.54 30.70 -16.99
C LEU D 395 33.65 31.45 -17.70
N ASP D 396 34.21 30.80 -18.72
CA ASP D 396 35.28 31.40 -19.50
C ASP D 396 34.86 32.81 -19.89
N PRO D 397 35.76 33.77 -19.65
CA PRO D 397 35.61 35.21 -19.88
C PRO D 397 35.14 35.54 -21.29
N LYS D 398 35.69 34.86 -22.28
CA LYS D 398 35.34 35.12 -23.67
C LYS D 398 33.83 34.99 -23.90
N THR D 399 33.16 34.23 -23.03
CA THR D 399 31.71 34.08 -23.11
C THR D 399 31.00 35.02 -22.15
N THR D 400 31.77 35.79 -21.39
CA THR D 400 31.20 36.71 -20.43
C THR D 400 31.18 38.12 -20.99
N TYR D 401 32.34 38.70 -21.27
CA TYR D 401 32.38 40.13 -21.50
C TYR D 401 32.16 40.46 -22.97
N ASN D 402 30.91 40.82 -23.24
CA ASN D 402 30.41 40.92 -24.60
C ASN D 402 29.27 41.91 -24.66
N ARG D 403 29.22 42.67 -25.73
CA ARG D 403 28.27 43.76 -25.80
C ARG D 403 27.80 44.02 -27.22
N PHE D 404 26.53 44.37 -27.35
CA PHE D 404 25.99 44.74 -28.64
C PHE D 404 26.58 46.06 -29.10
N CYS D 405 26.87 46.16 -30.40
CA CYS D 405 27.37 47.39 -30.98
C CYS D 405 26.32 48.20 -31.73
N GLY D 406 26.43 49.53 -31.63
CA GLY D 406 25.60 50.40 -32.44
C GLY D 406 25.80 50.03 -33.90
N ASP D 407 24.74 50.13 -34.69
CA ASP D 407 24.83 49.70 -36.08
C ASP D 407 25.89 50.48 -36.85
N GLN D 408 26.02 51.77 -36.55
CA GLN D 408 27.11 52.58 -37.10
C GLN D 408 28.34 52.91 -36.22
N GLU D 409 28.37 52.42 -34.97
CA GLU D 409 29.43 52.83 -34.07
C GLU D 409 30.75 52.15 -34.43
N LYS D 410 31.76 52.97 -34.72
CA LYS D 410 33.02 52.51 -35.28
C LYS D 410 33.91 51.85 -34.22
N ALA D 411 34.29 52.62 -33.20
CA ALA D 411 35.15 52.06 -32.17
C ALA D 411 34.24 51.46 -31.16
N CYS D 412 34.17 50.12 -31.13
CA CYS D 412 33.27 49.45 -30.24
C CYS D 412 34.09 48.64 -29.24
N GLU D 413 34.26 49.19 -28.03
CA GLU D 413 35.17 48.60 -27.06
C GLU D 413 34.38 47.65 -26.18
N GLN D 414 34.82 46.41 -26.12
CA GLN D 414 34.17 45.43 -25.27
C GLN D 414 34.43 45.72 -23.80
N PRO D 415 33.59 45.17 -22.90
CA PRO D 415 33.75 45.41 -21.46
C PRO D 415 35.03 44.79 -20.95
N THR D 416 35.61 45.40 -19.92
CA THR D 416 36.85 44.93 -19.33
C THR D 416 36.66 43.70 -18.47
N HIS D 417 37.53 42.71 -18.66
CA HIS D 417 37.53 41.49 -17.87
C HIS D 417 38.21 41.75 -16.52
N TRP D 418 37.48 41.58 -15.43
CA TRP D 418 38.05 41.72 -14.09
C TRP D 418 38.09 40.35 -13.42
N LYS D 419 39.29 39.80 -13.27
CA LYS D 419 39.44 38.44 -12.74
C LYS D 419 39.31 38.45 -11.23
N ILE D 420 38.65 37.43 -10.70
CA ILE D 420 38.51 37.30 -9.27
C ILE D 420 39.86 37.12 -8.61
N THR D 421 40.01 37.67 -7.41
CA THR D 421 41.15 37.33 -6.60
C THR D 421 40.63 36.72 -5.31
N TYR D 422 40.98 35.46 -5.08
CA TYR D 422 40.50 34.73 -3.91
C TYR D 422 41.35 35.04 -2.68
O1P GFB E . 14.96 -35.94 19.47
P GFB E . 16.45 -35.75 19.36
O3P GFB E . 17.30 -36.85 19.94
O2P GFB E . 16.76 -35.54 17.78
O5' GFB E . 16.84 -34.35 19.97
P1 GFB E . 17.88 -34.67 17.03
C5' GFB E . 15.91 -33.75 20.87
C4' GFB E . 16.31 -34.22 22.26
O4' GFB E . 15.75 -33.35 23.22
C3' GFB E . 15.79 -35.63 22.59
C1' GFB E . 14.71 -33.99 23.94
O3' GFB E . 16.82 -36.63 22.58
C2' GFB E . 15.11 -35.46 23.94
O2' GFB E . 16.01 -35.71 25.02
N9 GFB E . 13.42 -33.93 23.20
C8 GFB E . 13.18 -33.61 21.91
C4 GFB E . 12.25 -34.14 23.81
N7 GFB E . 11.84 -33.64 21.71
C5 GFB E . 11.25 -33.97 22.87
C6 GFB E . 9.93 -34.16 23.29
O6 GFB E . 9.00 -34.02 22.46
N1 GFB E . 9.69 -34.50 24.57
C2 GFB E . 10.69 -34.65 25.46
N2 GFB E . 10.50 -34.99 26.75
N3 GFB E . 11.96 -34.46 25.09
C1 GFB E . 20.44 -34.25 17.60
C2A GFB E . 20.94 -33.85 19.00
O1 GFB E . 19.25 -35.00 17.79
O5 GFB E . 20.03 -33.12 16.83
C3 GFB E . 22.00 -32.75 18.98
O2 GFB E . 21.48 -34.98 19.66
C4A GFB E . 21.55 -31.60 18.07
O3 GFB E . 22.26 -32.28 20.32
C5A GFB E . 21.01 -32.08 16.71
O4 GFB E . 20.51 -30.88 18.74
C6A GFB E . 20.35 -30.91 15.97
O1X GFB E . 17.88 -35.13 15.58
O2X GFB E . 17.59 -33.22 17.26
C1 NAG F . 46.86 -58.47 15.49
C2 NAG F . 47.62 -57.60 14.50
C3 NAG F . 47.99 -58.31 13.20
C4 NAG F . 48.46 -59.74 13.42
C5 NAG F . 47.45 -60.44 14.30
C6 NAG F . 47.79 -61.91 14.45
C7 NAG F . 47.08 -55.23 14.69
C8 NAG F . 46.18 -54.10 14.28
N2 NAG F . 46.82 -56.43 14.18
O3 NAG F . 48.99 -57.58 12.51
O4 NAG F . 48.57 -60.44 12.21
O5 NAG F . 47.40 -59.78 15.55
O6 NAG F . 48.84 -62.05 15.39
O7 NAG F . 48.02 -55.03 15.47
CL CL G . 21.60 -38.03 27.47
O1P GFB H . -12.50 -19.41 -13.24
P GFB H . -12.33 -19.96 -14.64
O3P GFB H . -12.82 -21.36 -14.86
O2P GFB H . -13.07 -18.91 -15.62
O5' GFB H . -10.82 -19.80 -15.07
P1 GFB H . -12.76 -18.47 -17.14
C5' GFB H . -9.86 -19.61 -14.04
C4' GFB H . -9.39 -21.01 -13.64
O4' GFB H . -8.15 -20.90 -12.97
C3' GFB H . -10.35 -21.71 -12.69
C1' GFB H . -8.29 -21.23 -11.60
O3' GFB H . -11.11 -22.75 -13.33
C2' GFB H . -9.44 -22.22 -11.57
O2' GFB H . -8.95 -23.53 -11.84
N9 GFB H . -8.75 -20.06 -10.80
C8 GFB H . -9.27 -18.89 -11.21
C4 GFB H . -8.62 -20.01 -9.48
N7 GFB H . -9.50 -18.10 -10.13
C5 GFB H . -9.09 -18.80 -9.04
C6 GFB H . -9.07 -18.53 -7.67
O6 GFB H . -9.49 -17.44 -7.26
N1 GFB H . -8.58 -19.49 -6.85
C2 GFB H . -8.12 -20.67 -7.31
N2 GFB H . -7.64 -21.64 -6.53
N3 GFB H . -8.14 -20.93 -8.62
C1 GFB H . -11.97 -19.89 -19.23
C2A GFB H . -10.77 -20.85 -19.14
O1 GFB H . -12.52 -19.84 -17.93
O5 GFB H . -11.56 -18.54 -19.47
C3 GFB H . -9.85 -20.75 -20.36
O2 GFB H . -11.23 -22.19 -19.05
C4A GFB H . -9.51 -19.29 -20.63
O3 GFB H . -8.64 -21.54 -20.12
C5A GFB H . -10.73 -18.36 -20.64
O4 GFB H . -8.60 -18.82 -19.62
C6A GFB H . -10.29 -16.90 -20.67
O1X GFB H . -13.98 -17.71 -17.63
O2X GFB H . -11.46 -17.72 -17.17
C1 NAG I . -16.59 -46.84 -38.04
C2 NAG I . -16.26 -47.88 -39.12
C3 NAG I . -16.33 -47.32 -40.55
C4 NAG I . -17.63 -46.56 -40.75
C5 NAG I . -17.76 -45.50 -39.68
C6 NAG I . -19.06 -44.75 -39.93
C7 NAG I . -14.68 -49.44 -38.10
C8 NAG I . -13.25 -49.90 -38.04
N2 NAG I . -14.92 -48.40 -38.90
O3 NAG I . -16.25 -48.37 -41.48
O4 NAG I . -17.66 -45.96 -42.03
O5 NAG I . -17.74 -46.06 -38.39
O6 NAG I . -19.17 -44.58 -41.32
O7 NAG I . -15.57 -50.00 -37.44
C1 NAG J . -31.02 -44.06 -37.41
C2 NAG J . -30.49 -43.68 -38.79
C3 NAG J . -31.63 -43.30 -39.71
C4 NAG J . -32.77 -44.33 -39.65
C5 NAG J . -33.14 -44.62 -38.20
C6 NAG J . -34.19 -45.71 -38.11
C7 NAG J . -28.23 -42.74 -38.90
C8 NAG J . -27.33 -41.61 -38.50
N2 NAG J . -29.54 -42.57 -38.69
O3 NAG J . -31.13 -43.22 -41.03
O4 NAG J . -33.92 -43.87 -40.32
O5 NAG J . -32.01 -45.06 -37.49
O6 NAG J . -34.07 -46.29 -36.83
O7 NAG J . -27.75 -43.76 -39.40
C1 NAG K . -17.38 -13.71 16.40
C2 NAG K . -16.89 -12.49 17.16
C3 NAG K . -17.77 -12.30 18.38
C4 NAG K . -19.21 -12.13 17.90
C5 NAG K . -19.64 -13.33 17.05
C6 NAG K . -21.00 -13.10 16.43
C7 NAG K . -14.52 -12.02 16.89
C8 NAG K . -13.13 -12.26 17.39
N2 NAG K . -15.49 -12.63 17.55
O3 NAG K . -17.36 -11.16 19.10
O4 NAG K . -20.07 -11.99 19.01
O5 NAG K . -18.73 -13.56 15.99
O6 NAG K . -20.83 -12.85 15.06
O7 NAG K . -14.73 -11.29 15.92
CL CL L . -9.27 -29.47 -15.06
O1P GFB M . -18.59 25.72 -7.64
P GFB M . -19.84 26.33 -8.21
O3P GFB M . -21.13 26.02 -7.48
O2P GFB M . -19.57 27.93 -8.28
O5' GFB M . -19.96 25.94 -9.75
P1 GFB M . -20.12 29.07 -9.28
C5' GFB M . -19.17 24.82 -10.21
C4' GFB M . -20.06 23.59 -10.05
O4' GFB M . -19.56 22.55 -10.88
C3' GFB M . -20.08 23.04 -8.62
C1' GFB M . -19.03 21.51 -10.10
O3' GFB M . -21.30 23.33 -7.91
C2' GFB M . -19.83 21.54 -8.81
O2' GFB M . -21.05 20.81 -8.97
N9 GFB M . -17.62 21.78 -9.69
C8 GFB M . -16.93 22.94 -9.74
C4 GFB M . -16.81 20.82 -9.27
N7 GFB M . -15.66 22.71 -9.30
C5 GFB M . -15.57 21.40 -9.01
C6 GFB M . -14.56 20.56 -8.52
O6 GFB M . -13.43 21.07 -8.28
N1 GFB M . -14.82 19.25 -8.34
C2 GFB M . -16.04 18.74 -8.60
N2 GFB M . -16.35 17.43 -8.42
N3 GFB M . -17.03 19.50 -9.07
C1 GFB M . -22.47 29.37 -10.46
C2A GFB M . -23.19 28.23 -11.20
O1 GFB M . -21.67 28.75 -9.46
O5 GFB M . -21.52 30.02 -11.29
C3 GFB M . -23.81 28.66 -12.52
O2 GFB M . -24.23 27.70 -10.37
C4A GFB M . -22.78 29.45 -13.34
O3 GFB M . -24.29 27.50 -13.25
C5A GFB M . -22.04 30.52 -12.54
O4 GFB M . -21.81 28.52 -13.85
C6A GFB M . -20.87 31.06 -13.34
O1X GFB M . -19.86 30.39 -8.59
O2X GFB M . -19.47 28.87 -10.62
C1 NAG N . -55.66 30.58 -6.09
C2 NAG N . -57.17 30.54 -5.86
C3 NAG N . -57.86 31.86 -6.18
C4 NAG N . -57.18 32.99 -5.42
C5 NAG N . -55.70 32.97 -5.73
C6 NAG N . -54.98 34.03 -4.90
C7 NAG N . -58.94 28.97 -6.35
C8 NAG N . -59.52 27.97 -7.30
N2 NAG N . -57.77 29.48 -6.66
O3 NAG N . -59.22 31.81 -5.81
O4 NAG N . -57.72 34.25 -5.79
O5 NAG N . -55.12 31.72 -5.43
O6 NAG N . -53.61 33.75 -4.93
O7 NAG N . -59.57 29.29 -5.33
C1 NAG O . -53.28 38.87 5.60
C2 NAG O . -53.57 39.85 4.46
C3 NAG O . -53.81 41.26 5.00
C4 NAG O . -54.77 41.26 6.18
C5 NAG O . -54.39 40.19 7.19
C6 NAG O . -55.42 40.07 8.30
C7 NAG O . -52.64 39.55 2.24
C8 NAG O . -51.45 39.66 1.33
N2 NAG O . -52.46 39.86 3.52
O3 NAG O . -54.33 42.06 3.96
O4 NAG O . -54.79 42.53 6.82
O5 NAG O . -54.29 38.94 6.57
O6 NAG O . -55.57 38.70 8.57
O7 NAG O . -53.74 39.19 1.80
CL CL P . -28.20 20.44 -8.67
O1P GFB Q . 20.72 48.21 -15.78
P GFB Q . 20.84 49.60 -15.19
O3P GFB Q . 21.21 49.67 -13.74
O2P GFB Q . 21.92 50.38 -16.12
O5' GFB Q . 19.49 50.40 -15.48
P1 GFB Q . 22.07 51.93 -16.53
C5' GFB Q . 18.33 49.64 -15.83
C4' GFB Q . 17.62 49.34 -14.51
O4' GFB Q . 16.26 49.00 -14.78
C3' GFB Q . 18.22 48.16 -13.74
C1' GFB Q . 16.03 47.63 -14.50
O3' GFB Q . 18.99 48.57 -12.59
C2' GFB Q . 17.01 47.30 -13.40
O2' GFB Q . 16.44 47.65 -12.13
N9 GFB Q . 16.41 46.77 -15.65
C8 GFB Q . 17.12 47.09 -16.75
C4 GFB Q . 15.98 45.52 -15.77
N7 GFB Q . 17.17 45.99 -17.56
C5 GFB Q . 16.46 45.02 -16.96
C6 GFB Q . 16.14 43.70 -17.29
O6 GFB Q . 16.56 43.21 -18.36
N1 GFB Q . 15.38 42.97 -16.42
C2 GFB Q . 14.94 43.51 -15.27
N2 GFB Q . 14.18 42.82 -14.39
N3 GFB Q . 15.24 44.77 -14.93
C1 GFB Q . 21.62 54.14 -15.10
C2A GFB Q . 20.33 54.34 -14.27
O1 GFB Q . 21.84 52.74 -15.15
O5 GFB Q . 21.43 54.50 -16.48
C3 GFB Q . 19.74 55.75 -14.42
O2 GFB Q . 20.63 54.12 -12.90
C4A GFB Q . 19.64 56.12 -15.90
O3 GFB Q . 18.44 55.79 -13.78
C5A GFB Q . 20.93 55.83 -16.69
O4 GFB Q . 18.58 55.35 -16.49
C6A GFB Q . 20.68 55.99 -18.19
O1X GFB Q . 23.46 52.10 -17.09
O2X GFB Q . 20.92 52.31 -17.44
CL CL R . 16.00 50.60 -6.11
#